data_2QNW
# 
_entry.id   2QNW 
# 
_audit_conform.dict_name       mmcif_pdbx.dic 
_audit_conform.dict_version    5.377 
_audit_conform.dict_location   http://mmcif.pdb.org/dictionaries/ascii/mmcif_pdbx.dic 
# 
loop_
_database_2.database_id 
_database_2.database_code 
_database_2.pdbx_database_accession 
_database_2.pdbx_DOI 
PDB   2QNW         pdb_00002qnw 10.2210/pdb2qnw/pdb 
RCSB  RCSB043834   ?            ?                   
WWPDB D_1000043834 ?            ?                   
# 
_pdbx_database_status.status_code                     REL 
_pdbx_database_status.entry_id                        2QNW 
_pdbx_database_status.recvd_initial_deposition_date   2007-07-19 
_pdbx_database_status.deposit_site                    RCSB 
_pdbx_database_status.process_site                    RCSB 
_pdbx_database_status.status_code_sf                  REL 
_pdbx_database_status.status_code_mr                  ? 
_pdbx_database_status.SG_entry                        Y 
_pdbx_database_status.pdb_format_compatible           Y 
_pdbx_database_status.status_code_cs                  ? 
_pdbx_database_status.status_code_nmr_data            ? 
_pdbx_database_status.methods_development_category    ? 
# 
loop_
_audit_author.name 
_audit_author.pdbx_ordinal 
'Lunin, V.V.'                          1  
'Wernimont, A.'                        2  
'Lew, J.'                              3  
'Qiu, W.'                              4  
'Lin, L.'                              5  
'Hassanali, A.'                        6  
'Kozieradzki, I.'                      7  
'Zhao, Y.'                             8  
'Schapira, M.'                         9  
'Bochkarev, A.'                        10 
'Weigelt, J.'                          11 
'Sundstrom, M.'                        12 
'Arrowsmith, C.H.'                     13 
'Edwards, A.'                          14 
'Hui, R.'                              15 
'Brokx, S.'                            16 
'Structural Genomics Consortium (SGC)' 17 
# 
_citation.id                        primary 
_citation.title                     'Toxoplasma gondii apicoplast-targeted acyl carrier protein.' 
_citation.journal_abbrev            'To be Published' 
_citation.journal_volume            ? 
_citation.page_first                ? 
_citation.page_last                 ? 
_citation.year                      ? 
_citation.journal_id_ASTM           ? 
_citation.country                   ? 
_citation.journal_id_ISSN           ? 
_citation.journal_id_CSD            0353 
_citation.book_publisher            ? 
_citation.pdbx_database_id_PubMed   ? 
_citation.pdbx_database_id_DOI      ? 
# 
loop_
_citation_author.citation_id 
_citation_author.name 
_citation_author.ordinal 
_citation_author.identifier_ORCID 
primary 'Lunin, V.V.'      1  ? 
primary 'Wernimont, A.'    2  ? 
primary 'Lew, J.'          3  ? 
primary 'Qiu, W.'          4  ? 
primary 'Lin, L.'          5  ? 
primary 'Hassanali, A.'    6  ? 
primary 'Kozieradzki, I.'  7  ? 
primary 'Zhao, Y.'         8  ? 
primary 'Schapira, M.'     9  ? 
primary 'Bochkarev, A.'    10 ? 
primary 'Weigelt, J.'      11 ? 
primary 'Sundstrom, M.'    12 ? 
primary 'Arrowsmith, C.H.' 13 ? 
primary 'Edwards, A.'      14 ? 
primary 'Hui, R.'          15 ? 
primary 'Brokx, S.'        16 ? 
# 
_cell.entry_id           2QNW 
_cell.length_a           38.814 
_cell.length_b           38.814 
_cell.length_c           104.617 
_cell.angle_alpha        90.00 
_cell.angle_beta         90.00 
_cell.angle_gamma        120.00 
_cell.Z_PDB              6 
_cell.pdbx_unique_axis   ? 
_cell.length_a_esd       ? 
_cell.length_b_esd       ? 
_cell.length_c_esd       ? 
_cell.angle_alpha_esd    ? 
_cell.angle_beta_esd     ? 
_cell.angle_gamma_esd    ? 
# 
_symmetry.entry_id                         2QNW 
_symmetry.space_group_name_H-M             'P 31 2 1' 
_symmetry.pdbx_full_space_group_name_H-M   ? 
_symmetry.cell_setting                     ? 
_symmetry.Int_Tables_number                152 
_symmetry.space_group_name_Hall            ? 
# 
loop_
_entity.id 
_entity.type 
_entity.src_method 
_entity.pdbx_description 
_entity.formula_weight 
_entity.pdbx_number_of_molecules 
_entity.pdbx_ec 
_entity.pdbx_mutation 
_entity.pdbx_fragment 
_entity.details 
1 polymer     man 'Acyl carrier protein' 9007.962 1   ? ? 'Residues 100-180' ? 
2 non-polymer syn 'ZINC ION'             65.409   5   ? ? ?                  ? 
3 non-polymer syn 'SODIUM ION'           22.990   1   ? ? ?                  ? 
4 non-polymer syn 'SULFATE ION'          96.063   1   ? ? ?                  ? 
5 water       nat water                  18.015   135 ? ? ?                  ? 
# 
_entity_poly.entity_id                      1 
_entity_poly.type                           'polypeptide(L)' 
_entity_poly.nstd_linkage                   no 
_entity_poly.nstd_monomer                   no 
_entity_poly.pdbx_seq_one_letter_code       
;GSSDDRPLLERVKDVVADQLGVDRARINPESNFIKDLDADSLDSVELVMAFEEKFGVSIPDEEASKIATVQDALSYIEKA
KS
;
_entity_poly.pdbx_seq_one_letter_code_can   
;GSSDDRPLLERVKDVVADQLGVDRARINPESNFIKDLDADSLDSVELVMAFEEKFGVSIPDEEASKIATVQDALSYIEKA
KS
;
_entity_poly.pdbx_strand_id                 A 
_entity_poly.pdbx_target_identifier         ? 
# 
loop_
_entity_poly_seq.entity_id 
_entity_poly_seq.num 
_entity_poly_seq.mon_id 
_entity_poly_seq.hetero 
1 1  GLY n 
1 2  SER n 
1 3  SER n 
1 4  ASP n 
1 5  ASP n 
1 6  ARG n 
1 7  PRO n 
1 8  LEU n 
1 9  LEU n 
1 10 GLU n 
1 11 ARG n 
1 12 VAL n 
1 13 LYS n 
1 14 ASP n 
1 15 VAL n 
1 16 VAL n 
1 17 ALA n 
1 18 ASP n 
1 19 GLN n 
1 20 LEU n 
1 21 GLY n 
1 22 VAL n 
1 23 ASP n 
1 24 ARG n 
1 25 ALA n 
1 26 ARG n 
1 27 ILE n 
1 28 ASN n 
1 29 PRO n 
1 30 GLU n 
1 31 SER n 
1 32 ASN n 
1 33 PHE n 
1 34 ILE n 
1 35 LYS n 
1 36 ASP n 
1 37 LEU n 
1 38 ASP n 
1 39 ALA n 
1 40 ASP n 
1 41 SER n 
1 42 LEU n 
1 43 ASP n 
1 44 SER n 
1 45 VAL n 
1 46 GLU n 
1 47 LEU n 
1 48 VAL n 
1 49 MET n 
1 50 ALA n 
1 51 PHE n 
1 52 GLU n 
1 53 GLU n 
1 54 LYS n 
1 55 PHE n 
1 56 GLY n 
1 57 VAL n 
1 58 SER n 
1 59 ILE n 
1 60 PRO n 
1 61 ASP n 
1 62 GLU n 
1 63 GLU n 
1 64 ALA n 
1 65 SER n 
1 66 LYS n 
1 67 ILE n 
1 68 ALA n 
1 69 THR n 
1 70 VAL n 
1 71 GLN n 
1 72 ASP n 
1 73 ALA n 
1 74 LEU n 
1 75 SER n 
1 76 TYR n 
1 77 ILE n 
1 78 GLU n 
1 79 LYS n 
1 80 ALA n 
1 81 LYS n 
1 82 SER n 
# 
_entity_src_gen.entity_id                          1 
_entity_src_gen.pdbx_src_id                        1 
_entity_src_gen.pdbx_alt_source_flag               sample 
_entity_src_gen.pdbx_seq_type                      ? 
_entity_src_gen.pdbx_beg_seq_num                   ? 
_entity_src_gen.pdbx_end_seq_num                   ? 
_entity_src_gen.gene_src_common_name               ? 
_entity_src_gen.gene_src_genus                     Toxoplasma 
_entity_src_gen.pdbx_gene_src_gene                 acpP 
_entity_src_gen.gene_src_species                   'Toxoplasma gondii' 
_entity_src_gen.gene_src_strain                    RH 
_entity_src_gen.gene_src_tissue                    ? 
_entity_src_gen.gene_src_tissue_fraction           ? 
_entity_src_gen.gene_src_details                   ? 
_entity_src_gen.pdbx_gene_src_fragment             ? 
_entity_src_gen.pdbx_gene_src_scientific_name      'Toxoplasma gondii' 
_entity_src_gen.pdbx_gene_src_ncbi_taxonomy_id     383379 
_entity_src_gen.pdbx_gene_src_variant              ? 
_entity_src_gen.pdbx_gene_src_cell_line            ? 
_entity_src_gen.pdbx_gene_src_atcc                 ? 
_entity_src_gen.pdbx_gene_src_organ                ? 
_entity_src_gen.pdbx_gene_src_organelle            ? 
_entity_src_gen.pdbx_gene_src_cell                 ? 
_entity_src_gen.pdbx_gene_src_cellular_location    ? 
_entity_src_gen.host_org_common_name               ? 
_entity_src_gen.pdbx_host_org_scientific_name      'Escherichia coli' 
_entity_src_gen.pdbx_host_org_ncbi_taxonomy_id     562 
_entity_src_gen.host_org_genus                     Escherichia 
_entity_src_gen.pdbx_host_org_gene                 ? 
_entity_src_gen.pdbx_host_org_organ                ? 
_entity_src_gen.host_org_species                   ? 
_entity_src_gen.pdbx_host_org_tissue               ? 
_entity_src_gen.pdbx_host_org_tissue_fraction      ? 
_entity_src_gen.pdbx_host_org_strain               DH5a 
_entity_src_gen.pdbx_host_org_variant              ? 
_entity_src_gen.pdbx_host_org_cell_line            ? 
_entity_src_gen.pdbx_host_org_atcc                 ? 
_entity_src_gen.pdbx_host_org_culture_collection   ? 
_entity_src_gen.pdbx_host_org_cell                 ? 
_entity_src_gen.pdbx_host_org_organelle            ? 
_entity_src_gen.pdbx_host_org_cellular_location    ? 
_entity_src_gen.pdbx_host_org_vector_type          Plasmid 
_entity_src_gen.pdbx_host_org_vector               ? 
_entity_src_gen.host_org_details                   ? 
_entity_src_gen.expression_system_id               ? 
_entity_src_gen.plasmid_name                       p15-MHL 
_entity_src_gen.plasmid_details                    ? 
_entity_src_gen.pdbx_description                   ? 
# 
_struct_ref.id                         1 
_struct_ref.db_name                    UNP 
_struct_ref.db_code                    O77470_TOXGO 
_struct_ref.pdbx_db_accession          O77470 
_struct_ref.entity_id                  1 
_struct_ref.pdbx_seq_one_letter_code   
;SSDDRPLLERVKDVVADQLGVDRARINPESNFIKDLDADSLDSVELVMAFEEKFGVSIPDEEASKIATVQDALSYIEKAK
S
;
_struct_ref.pdbx_align_begin           100 
_struct_ref.pdbx_db_isoform            ? 
# 
_struct_ref_seq.align_id                      1 
_struct_ref_seq.ref_id                        1 
_struct_ref_seq.pdbx_PDB_id_code              2QNW 
_struct_ref_seq.pdbx_strand_id                A 
_struct_ref_seq.seq_align_beg                 2 
_struct_ref_seq.pdbx_seq_align_beg_ins_code   ? 
_struct_ref_seq.seq_align_end                 82 
_struct_ref_seq.pdbx_seq_align_end_ins_code   ? 
_struct_ref_seq.pdbx_db_accession             O77470 
_struct_ref_seq.db_align_beg                  100 
_struct_ref_seq.pdbx_db_align_beg_ins_code    ? 
_struct_ref_seq.db_align_end                  180 
_struct_ref_seq.pdbx_db_align_end_ins_code    ? 
_struct_ref_seq.pdbx_auth_seq_align_beg       2 
_struct_ref_seq.pdbx_auth_seq_align_end       82 
# 
_struct_ref_seq_dif.align_id                     1 
_struct_ref_seq_dif.pdbx_pdb_id_code             2QNW 
_struct_ref_seq_dif.mon_id                       GLY 
_struct_ref_seq_dif.pdbx_pdb_strand_id           A 
_struct_ref_seq_dif.seq_num                      1 
_struct_ref_seq_dif.pdbx_pdb_ins_code            ? 
_struct_ref_seq_dif.pdbx_seq_db_name             UNP 
_struct_ref_seq_dif.pdbx_seq_db_accession_code   O77470 
_struct_ref_seq_dif.db_mon_id                    ? 
_struct_ref_seq_dif.pdbx_seq_db_seq_num          ? 
_struct_ref_seq_dif.details                      'cloning artifact' 
_struct_ref_seq_dif.pdbx_auth_seq_num            1 
_struct_ref_seq_dif.pdbx_ordinal                 1 
# 
loop_
_chem_comp.id 
_chem_comp.type 
_chem_comp.mon_nstd_flag 
_chem_comp.name 
_chem_comp.pdbx_synonyms 
_chem_comp.formula 
_chem_comp.formula_weight 
ALA 'L-peptide linking' y ALANINE         ? 'C3 H7 N O2'     89.093  
ARG 'L-peptide linking' y ARGININE        ? 'C6 H15 N4 O2 1' 175.209 
ASN 'L-peptide linking' y ASPARAGINE      ? 'C4 H8 N2 O3'    132.118 
ASP 'L-peptide linking' y 'ASPARTIC ACID' ? 'C4 H7 N O4'     133.103 
GLN 'L-peptide linking' y GLUTAMINE       ? 'C5 H10 N2 O3'   146.144 
GLU 'L-peptide linking' y 'GLUTAMIC ACID' ? 'C5 H9 N O4'     147.129 
GLY 'peptide linking'   y GLYCINE         ? 'C2 H5 N O2'     75.067  
HOH non-polymer         . WATER           ? 'H2 O'           18.015  
ILE 'L-peptide linking' y ISOLEUCINE      ? 'C6 H13 N O2'    131.173 
LEU 'L-peptide linking' y LEUCINE         ? 'C6 H13 N O2'    131.173 
LYS 'L-peptide linking' y LYSINE          ? 'C6 H15 N2 O2 1' 147.195 
MET 'L-peptide linking' y METHIONINE      ? 'C5 H11 N O2 S'  149.211 
NA  non-polymer         . 'SODIUM ION'    ? 'Na 1'           22.990  
PHE 'L-peptide linking' y PHENYLALANINE   ? 'C9 H11 N O2'    165.189 
PRO 'L-peptide linking' y PROLINE         ? 'C5 H9 N O2'     115.130 
SER 'L-peptide linking' y SERINE          ? 'C3 H7 N O3'     105.093 
SO4 non-polymer         . 'SULFATE ION'   ? 'O4 S -2'        96.063  
THR 'L-peptide linking' y THREONINE       ? 'C4 H9 N O3'     119.119 
TYR 'L-peptide linking' y TYROSINE        ? 'C9 H11 N O3'    181.189 
VAL 'L-peptide linking' y VALINE          ? 'C5 H11 N O2'    117.146 
ZN  non-polymer         . 'ZINC ION'      ? 'Zn 2'           65.409  
# 
_exptl.entry_id          2QNW 
_exptl.method            'X-RAY DIFFRACTION' 
_exptl.crystals_number   1 
# 
_exptl_crystal.id                    1 
_exptl_crystal.density_meas          ? 
_exptl_crystal.density_Matthews      2.53 
_exptl_crystal.density_percent_sol   51.29 
_exptl_crystal.description           ? 
_exptl_crystal.F_000                 ? 
_exptl_crystal.preparation           ? 
# 
_exptl_crystal_grow.crystal_id      1 
_exptl_crystal_grow.method          'VAPOR DIFFUSION, SITTING DROP' 
_exptl_crystal_grow.temp            298 
_exptl_crystal_grow.temp_details    ? 
_exptl_crystal_grow.pH              7.0 
_exptl_crystal_grow.pdbx_details    '30% PEG 1500, pH 7.0, VAPOR DIFFUSION, SITTING DROP, temperature 298K' 
_exptl_crystal_grow.pdbx_pH_range   . 
# 
_diffrn.id                     1 
_diffrn.ambient_temp           100 
_diffrn.ambient_temp_details   ? 
_diffrn.crystal_id             1 
# 
_diffrn_detector.diffrn_id              1 
_diffrn_detector.detector               'IMAGE PLATE' 
_diffrn_detector.type                   'RIGAKU RAXIS IV++' 
_diffrn_detector.pdbx_collection_date   2007-06-03 
_diffrn_detector.details                ? 
# 
_diffrn_radiation.diffrn_id                        1 
_diffrn_radiation.wavelength_id                    1 
_diffrn_radiation.pdbx_monochromatic_or_laue_m_l   M 
_diffrn_radiation.monochromator                    ? 
_diffrn_radiation.pdbx_diffrn_protocol             'SINGLE WAVELENGTH' 
_diffrn_radiation.pdbx_scattering_type             x-ray 
# 
_diffrn_radiation_wavelength.id           1 
_diffrn_radiation_wavelength.wavelength   1.54180 
_diffrn_radiation_wavelength.wt           1.0 
# 
_diffrn_source.diffrn_id                   1 
_diffrn_source.source                      'ROTATING ANODE' 
_diffrn_source.type                        RIGAKU 
_diffrn_source.pdbx_synchrotron_site       ? 
_diffrn_source.pdbx_synchrotron_beamline   ? 
_diffrn_source.pdbx_wavelength             ? 
_diffrn_source.pdbx_wavelength_list        1.54180 
# 
_reflns.entry_id                     2QNW 
_reflns.observed_criterion_sigma_F   0 
_reflns.observed_criterion_sigma_I   0 
_reflns.d_resolution_high            1.9 
_reflns.d_resolution_low             50 
_reflns.number_all                   7707 
_reflns.number_obs                   7707 
_reflns.percent_possible_obs         99.7 
_reflns.pdbx_Rmerge_I_obs            ? 
_reflns.pdbx_Rsym_value              0.062 
_reflns.pdbx_netI_over_sigmaI        37.15 
_reflns.B_iso_Wilson_estimate        ? 
_reflns.pdbx_redundancy              9.6 
_reflns.R_free_details               ? 
_reflns.limit_h_max                  ? 
_reflns.limit_h_min                  ? 
_reflns.limit_k_max                  ? 
_reflns.limit_k_min                  ? 
_reflns.limit_l_max                  ? 
_reflns.limit_l_min                  ? 
_reflns.observed_criterion_F_max     ? 
_reflns.observed_criterion_F_min     ? 
_reflns.pdbx_chi_squared             ? 
_reflns.pdbx_scaling_rejects         ? 
_reflns.pdbx_ordinal                 1 
_reflns.pdbx_diffrn_id               1 
# 
_reflns_shell.d_res_high             1.90 
_reflns_shell.d_res_low              1.97 
_reflns_shell.percent_possible_all   97.6 
_reflns_shell.Rmerge_I_obs           ? 
_reflns_shell.pdbx_Rsym_value        0.297 
_reflns_shell.meanI_over_sigI_obs    5.5 
_reflns_shell.pdbx_redundancy        5.8 
_reflns_shell.percent_possible_obs   ? 
_reflns_shell.number_unique_all      745 
_reflns_shell.number_measured_all    ? 
_reflns_shell.number_measured_obs    ? 
_reflns_shell.number_unique_obs      ? 
_reflns_shell.pdbx_chi_squared       ? 
_reflns_shell.pdbx_ordinal           1 
_reflns_shell.pdbx_diffrn_id         1 
# 
_refine.entry_id                                 2QNW 
_refine.ls_number_reflns_obs                     7313 
_refine.ls_number_reflns_all                     7313 
_refine.pdbx_ls_sigma_I                          0 
_refine.pdbx_ls_sigma_F                          0 
_refine.pdbx_data_cutoff_high_absF               ? 
_refine.pdbx_data_cutoff_low_absF                ? 
_refine.pdbx_data_cutoff_high_rms_absF           ? 
_refine.ls_d_res_low                             34.88 
_refine.ls_d_res_high                            1.90 
_refine.ls_percent_reflns_obs                    99.71 
_refine.ls_R_factor_obs                          0.17449 
_refine.ls_R_factor_all                          0.17449 
_refine.ls_R_factor_R_work                       0.1717 
_refine.ls_R_factor_R_free                       0.23 
_refine.ls_R_factor_R_free_error                 ? 
_refine.ls_R_factor_R_free_error_details         ? 
_refine.ls_percent_reflns_R_free                 4.6 
_refine.ls_number_reflns_R_free                  354 
_refine.ls_number_parameters                     ? 
_refine.ls_number_restraints                     ? 
_refine.occupancy_min                            ? 
_refine.occupancy_max                            ? 
_refine.correlation_coeff_Fo_to_Fc               0.961 
_refine.correlation_coeff_Fo_to_Fc_free          0.938 
_refine.B_iso_mean                               25.207 
_refine.aniso_B[1][1]                            0.65 
_refine.aniso_B[2][2]                            0.65 
_refine.aniso_B[3][3]                            -0.98 
_refine.aniso_B[1][2]                            0.33 
_refine.aniso_B[1][3]                            0.00 
_refine.aniso_B[2][3]                            0.00 
_refine.solvent_model_details                    MASK 
_refine.solvent_model_param_ksol                 ? 
_refine.solvent_model_param_bsol                 ? 
_refine.pdbx_solvent_vdw_probe_radii             1.40 
_refine.pdbx_solvent_ion_probe_radii             0.80 
_refine.pdbx_solvent_shrinkage_radii             0.80 
_refine.pdbx_ls_cross_valid_method               THROUGHOUT 
_refine.details                                  'HYDROGENS HAVE BEEN ADDED IN THE RIDING POSITIONS' 
_refine.pdbx_starting_model                      'PDB entry 2FAE' 
_refine.pdbx_method_to_determine_struct          'MOLECULAR REPLACEMENT' 
_refine.pdbx_isotropic_thermal_model             ? 
_refine.pdbx_stereochemistry_target_values       'MAXIMUM LIKELIHOOD' 
_refine.pdbx_stereochem_target_val_spec_case     ? 
_refine.pdbx_R_Free_selection_details            RANDOM 
_refine.pdbx_overall_ESU_R                       0.148 
_refine.pdbx_overall_ESU_R_Free                  0.148 
_refine.overall_SU_ML                            0.098 
_refine.overall_SU_B                             3.232 
_refine.ls_redundancy_reflns_obs                 ? 
_refine.B_iso_min                                ? 
_refine.B_iso_max                                ? 
_refine.overall_SU_R_Cruickshank_DPI             ? 
_refine.overall_SU_R_free                        ? 
_refine.ls_wR_factor_R_free                      ? 
_refine.ls_wR_factor_R_work                      ? 
_refine.overall_FOM_free_R_set                   ? 
_refine.overall_FOM_work_R_set                   ? 
_refine.pdbx_refine_id                           'X-RAY DIFFRACTION' 
_refine.pdbx_diffrn_id                           1 
_refine.pdbx_TLS_residual_ADP_flag               ? 
_refine.pdbx_overall_phase_error                 ? 
_refine.pdbx_overall_SU_R_free_Cruickshank_DPI   ? 
_refine.pdbx_overall_SU_R_Blow_DPI               ? 
_refine.pdbx_overall_SU_R_free_Blow_DPI          ? 
# 
_refine_hist.pdbx_refine_id                   'X-RAY DIFFRACTION' 
_refine_hist.cycle_id                         LAST 
_refine_hist.pdbx_number_atoms_protein        621 
_refine_hist.pdbx_number_atoms_nucleic_acid   0 
_refine_hist.pdbx_number_atoms_ligand         11 
_refine_hist.number_atoms_solvent             135 
_refine_hist.number_atoms_total               767 
_refine_hist.d_res_high                       1.90 
_refine_hist.d_res_low                        34.88 
# 
loop_
_refine_ls_restr.type 
_refine_ls_restr.dev_ideal 
_refine_ls_restr.dev_ideal_target 
_refine_ls_restr.weight 
_refine_ls_restr.number 
_refine_ls_restr.pdbx_refine_id 
_refine_ls_restr.pdbx_restraint_function 
r_bond_refined_d             0.017  0.022  ? 677 'X-RAY DIFFRACTION' ? 
r_bond_other_d               ?      ?      ? ?   'X-RAY DIFFRACTION' ? 
r_angle_refined_deg          1.546  1.999  ? 924 'X-RAY DIFFRACTION' ? 
r_angle_other_deg            ?      ?      ? ?   'X-RAY DIFFRACTION' ? 
r_dihedral_angle_1_deg       4.821  5.000  ? 90  'X-RAY DIFFRACTION' ? 
r_dihedral_angle_2_deg       37.317 26.000 ? 35  'X-RAY DIFFRACTION' ? 
r_dihedral_angle_3_deg       15.215 15.000 ? 127 'X-RAY DIFFRACTION' ? 
r_dihedral_angle_4_deg       18.777 15.000 ? 5   'X-RAY DIFFRACTION' ? 
r_chiral_restr               0.097  0.200  ? 105 'X-RAY DIFFRACTION' ? 
r_gen_planes_refined         0.005  0.020  ? 526 'X-RAY DIFFRACTION' ? 
r_gen_planes_other           ?      ?      ? ?   'X-RAY DIFFRACTION' ? 
r_nbd_refined                0.247  0.200  ? 341 'X-RAY DIFFRACTION' ? 
r_nbd_other                  ?      ?      ? ?   'X-RAY DIFFRACTION' ? 
r_nbtor_refined              0.305  0.200  ? 480 'X-RAY DIFFRACTION' ? 
r_nbtor_other                ?      ?      ? ?   'X-RAY DIFFRACTION' ? 
r_xyhbond_nbd_refined        0.174  0.200  ? 86  'X-RAY DIFFRACTION' ? 
r_xyhbond_nbd_other          ?      ?      ? ?   'X-RAY DIFFRACTION' ? 
r_metal_ion_refined          0.406  0.200  ? 6   'X-RAY DIFFRACTION' ? 
r_metal_ion_other            ?      ?      ? ?   'X-RAY DIFFRACTION' ? 
r_symmetry_vdw_refined       0.329  0.200  ? 47  'X-RAY DIFFRACTION' ? 
r_symmetry_vdw_other         ?      ?      ? ?   'X-RAY DIFFRACTION' ? 
r_symmetry_hbond_refined     0.254  0.200  ? 15  'X-RAY DIFFRACTION' ? 
r_symmetry_hbond_other       ?      ?      ? ?   'X-RAY DIFFRACTION' ? 
r_symmetry_metal_ion_refined 0.066  0.200  ? 5   'X-RAY DIFFRACTION' ? 
r_symmetry_metal_ion_other   ?      ?      ? ?   'X-RAY DIFFRACTION' ? 
r_mcbond_it                  0.967  1.500  ? 427 'X-RAY DIFFRACTION' ? 
r_mcbond_other               ?      ?      ? ?   'X-RAY DIFFRACTION' ? 
r_mcangle_it                 1.674  2.000  ? 698 'X-RAY DIFFRACTION' ? 
r_scbond_it                  2.842  3.000  ? 251 'X-RAY DIFFRACTION' ? 
r_scangle_it                 4.715  4.500  ? 223 'X-RAY DIFFRACTION' ? 
r_rigid_bond_restr           ?      ?      ? ?   'X-RAY DIFFRACTION' ? 
r_sphericity_free            ?      ?      ? ?   'X-RAY DIFFRACTION' ? 
r_sphericity_bonded          ?      ?      ? ?   'X-RAY DIFFRACTION' ? 
# 
_refine_ls_shell.pdbx_total_number_of_bins_used   20 
_refine_ls_shell.d_res_high                       1.90 
_refine_ls_shell.d_res_low                        1.95 
_refine_ls_shell.number_reflns_R_work             534 
_refine_ls_shell.R_factor_R_work                  0.204 
_refine_ls_shell.percent_reflns_obs               97.21 
_refine_ls_shell.R_factor_R_free                  0.246 
_refine_ls_shell.R_factor_R_free_error            ? 
_refine_ls_shell.percent_reflns_R_free            ? 
_refine_ls_shell.number_reflns_R_free             24 
_refine_ls_shell.number_reflns_all                ? 
_refine_ls_shell.R_factor_all                     ? 
_refine_ls_shell.number_reflns_obs                ? 
_refine_ls_shell.redundancy_reflns_obs            ? 
_refine_ls_shell.pdbx_refine_id                   'X-RAY DIFFRACTION' 
# 
_struct.entry_id                  2QNW 
_struct.title                     'Toxoplasma gondii apicoplast-targeted acyl carrier protein' 
_struct.pdbx_model_details        ? 
_struct.pdbx_CASP_flag            N 
_struct.pdbx_model_type_details   ? 
# 
_struct_keywords.entry_id        2QNW 
_struct_keywords.pdbx_keywords   'SIGNALING PROTEIN' 
_struct_keywords.text            
;malaria, acyl carrier protein, SGC, Structural Genomics Consortium, Fatty acid biosynthesis, Lipid synthesis, Phosphopantetheine, Transit peptide, TRANSPORT PROTEIN, SIGNALING PROTEIN
;
# 
loop_
_struct_asym.id 
_struct_asym.pdbx_blank_PDB_chainid_flag 
_struct_asym.pdbx_modified 
_struct_asym.entity_id 
_struct_asym.details 
A N N 1 ? 
B N N 2 ? 
C N N 2 ? 
D N N 3 ? 
E N N 2 ? 
F N N 2 ? 
G N N 2 ? 
H N N 4 ? 
I N N 5 ? 
# 
_struct_biol.id   1 
# 
loop_
_struct_conf.conf_type_id 
_struct_conf.id 
_struct_conf.pdbx_PDB_helix_id 
_struct_conf.beg_label_comp_id 
_struct_conf.beg_label_asym_id 
_struct_conf.beg_label_seq_id 
_struct_conf.pdbx_beg_PDB_ins_code 
_struct_conf.end_label_comp_id 
_struct_conf.end_label_asym_id 
_struct_conf.end_label_seq_id 
_struct_conf.pdbx_end_PDB_ins_code 
_struct_conf.beg_auth_comp_id 
_struct_conf.beg_auth_asym_id 
_struct_conf.beg_auth_seq_id 
_struct_conf.end_auth_comp_id 
_struct_conf.end_auth_asym_id 
_struct_conf.end_auth_seq_id 
_struct_conf.pdbx_PDB_helix_class 
_struct_conf.details 
_struct_conf.pdbx_PDB_helix_length 
HELX_P HELX_P1 1 ASP A 5  ? GLY A 21 ? ASP A 5  GLY A 21 1 ? 17 
HELX_P HELX_P2 2 ASP A 23 ? ILE A 27 ? ASP A 23 ILE A 27 5 ? 5  
HELX_P HELX_P3 3 ASN A 32 ? LEU A 37 ? ASN A 32 LEU A 37 1 ? 6  
HELX_P HELX_P4 4 ASP A 40 ? GLY A 56 ? ASP A 40 GLY A 56 1 ? 17 
HELX_P HELX_P5 5 PRO A 60 ? SER A 65 ? PRO A 60 SER A 65 1 ? 6  
HELX_P HELX_P6 6 THR A 69 ? LYS A 81 ? THR A 69 LYS A 81 1 ? 13 
# 
_struct_conf_type.id          HELX_P 
_struct_conf_type.criteria    ? 
_struct_conf_type.reference   ? 
# 
loop_
_struct_conn.id 
_struct_conn.conn_type_id 
_struct_conn.pdbx_leaving_atom_flag 
_struct_conn.pdbx_PDB_id 
_struct_conn.ptnr1_label_asym_id 
_struct_conn.ptnr1_label_comp_id 
_struct_conn.ptnr1_label_seq_id 
_struct_conn.ptnr1_label_atom_id 
_struct_conn.pdbx_ptnr1_label_alt_id 
_struct_conn.pdbx_ptnr1_PDB_ins_code 
_struct_conn.pdbx_ptnr1_standard_comp_id 
_struct_conn.ptnr1_symmetry 
_struct_conn.ptnr2_label_asym_id 
_struct_conn.ptnr2_label_comp_id 
_struct_conn.ptnr2_label_seq_id 
_struct_conn.ptnr2_label_atom_id 
_struct_conn.pdbx_ptnr2_label_alt_id 
_struct_conn.pdbx_ptnr2_PDB_ins_code 
_struct_conn.ptnr1_auth_asym_id 
_struct_conn.ptnr1_auth_comp_id 
_struct_conn.ptnr1_auth_seq_id 
_struct_conn.ptnr2_auth_asym_id 
_struct_conn.ptnr2_auth_comp_id 
_struct_conn.ptnr2_auth_seq_id 
_struct_conn.ptnr2_symmetry 
_struct_conn.pdbx_ptnr3_label_atom_id 
_struct_conn.pdbx_ptnr3_label_seq_id 
_struct_conn.pdbx_ptnr3_label_comp_id 
_struct_conn.pdbx_ptnr3_label_asym_id 
_struct_conn.pdbx_ptnr3_label_alt_id 
_struct_conn.pdbx_ptnr3_PDB_ins_code 
_struct_conn.details 
_struct_conn.pdbx_dist_value 
_struct_conn.pdbx_value_order 
_struct_conn.pdbx_role 
metalc1  metalc ? ? A ASP 5  OD2 ? ? ? 1_555 G ZN  . ZN ? ? A ASP 5  A ZN  88  1_555 ? ? ? ? ? ? ? 1.990 ? ? 
metalc2  metalc ? ? A GLU 10 OE1 ? ? ? 1_555 B ZN  . ZN ? ? A GLU 10 A ZN  83  1_555 ? ? ? ? ? ? ? 1.790 ? ? 
metalc3  metalc ? ? A ASP 14 OD2 ? ? ? 1_555 B ZN  . ZN ? ? A ASP 14 A ZN  83  1_555 ? ? ? ? ? ? ? 2.030 ? ? 
metalc4  metalc ? ? A ASP 14 OD1 ? ? ? 1_555 B ZN  . ZN ? ? A ASP 14 A ZN  83  1_555 ? ? ? ? ? ? ? 2.671 ? ? 
metalc5  metalc ? ? A ASP 18 OD2 ? ? ? 1_555 C ZN  . ZN ? ? A ASP 18 A ZN  84  1_555 ? ? ? ? ? ? ? 2.109 ? ? 
metalc6  metalc ? ? A GLU 30 OE1 ? ? ? 6_555 G ZN  . ZN ? ? A GLU 30 A ZN  88  1_555 ? ? ? ? ? ? ? 2.160 ? ? 
metalc7  metalc ? ? A GLU 30 OE2 ? ? ? 6_555 G ZN  . ZN ? ? A GLU 30 A ZN  88  1_555 ? ? ? ? ? ? ? 2.499 ? ? 
metalc8  metalc ? ? A ASP 38 OD1 ? ? ? 4_565 C ZN  . ZN ? ? A ASP 38 A ZN  84  1_555 ? ? ? ? ? ? ? 2.716 ? ? 
metalc9  metalc ? ? A ASP 38 OD2 ? ? ? 4_565 C ZN  . ZN ? ? A ASP 38 A ZN  84  1_555 ? ? ? ? ? ? ? 2.017 ? ? 
metalc10 metalc ? ? A ASP 40 OD2 ? ? ? 4_565 B ZN  . ZN ? ? A ASP 40 A ZN  83  1_555 ? ? ? ? ? ? ? 1.956 ? ? 
metalc11 metalc ? ? A ASP 43 OD1 ? ? ? 4_565 B ZN  . ZN ? ? A ASP 43 A ZN  83  1_555 ? ? ? ? ? ? ? 1.916 ? ? 
metalc12 metalc ? ? A GLU 46 OE2 ? ? ? 1_555 F ZN  . ZN ? ? A GLU 46 A ZN  87  1_555 ? ? ? ? ? ? ? 2.136 ? ? 
metalc13 metalc ? ? A MET 49 SD  ? ? ? 1_555 F ZN  . ZN ? ? A MET 49 A ZN  87  1_555 ? ? ? ? ? ? ? 2.610 ? ? 
metalc14 metalc ? ? A GLU 53 OE2 ? ? ? 4_555 D NA  . NA ? ? A GLU 53 A NA  85  1_555 ? ? ? ? ? ? ? 2.438 ? ? 
metalc15 metalc ? ? A ASP 61 OD1 A ? ? 1_555 D NA  . NA ? ? A ASP 61 A NA  85  1_555 ? ? ? ? ? ? ? 2.555 ? ? 
metalc16 metalc ? ? A GLU 62 OE2 A ? ? 1_555 D NA  . NA ? ? A GLU 62 A NA  85  1_555 ? ? ? ? ? ? ? 2.373 ? ? 
metalc17 metalc ? ? A GLU 62 OE2 B ? ? 1_555 D NA  . NA ? ? A GLU 62 A NA  85  1_555 ? ? ? ? ? ? ? 2.837 ? ? 
metalc18 metalc ? ? A GLU 62 OE1 B ? ? 1_555 D NA  . NA ? ? A GLU 62 A NA  85  1_555 ? ? ? ? ? ? ? 1.493 ? ? 
metalc19 metalc ? ? A ASP 72 OD1 ? ? ? 1_555 E ZN  . ZN ? ? A ASP 72 A ZN  86  1_555 ? ? ? ? ? ? ? 2.092 ? ? 
metalc20 metalc ? ? A ASP 72 OD1 ? ? ? 6_555 E ZN  . ZN ? ? A ASP 72 A ZN  86  1_555 ? ? ? ? ? ? ? 2.088 ? ? 
metalc21 metalc ? ? A GLU 78 OE1 ? ? ? 1_555 G ZN  . ZN ? ? A GLU 78 A ZN  88  1_555 ? ? ? ? ? ? ? 1.867 ? ? 
metalc22 metalc ? ? C ZN  .  ZN  ? ? ? 1_555 I HOH . O  ? ? A ZN  84 A HOH 115 1_555 ? ? ? ? ? ? ? 2.295 ? ? 
metalc23 metalc ? ? C ZN  .  ZN  ? ? ? 1_555 I HOH . O  ? ? A ZN  84 A HOH 149 4_565 ? ? ? ? ? ? ? 1.940 ? ? 
metalc24 metalc ? ? C ZN  .  ZN  ? ? ? 1_555 I HOH . O  ? ? A ZN  84 A HOH 218 1_555 ? ? ? ? ? ? ? 2.227 ? ? 
metalc25 metalc ? ? D NA  .  NA  ? ? ? 1_555 I HOH . O  ? ? A NA  85 A HOH 186 1_555 ? ? ? ? ? ? ? 2.146 ? ? 
metalc26 metalc ? ? E ZN  .  ZN  ? ? ? 1_555 I HOH . O  ? ? A ZN  86 A HOH 117 1_555 ? ? ? ? ? ? ? 2.327 ? ? 
metalc27 metalc ? ? E ZN  .  ZN  ? ? ? 1_555 I HOH . O  ? ? A ZN  86 A HOH 117 6_555 ? ? ? ? ? ? ? 2.322 ? ? 
metalc28 metalc ? ? E ZN  .  ZN  ? ? ? 1_555 I HOH . O  ? ? A ZN  86 A HOH 124 1_555 ? ? ? ? ? ? ? 2.131 ? ? 
metalc29 metalc ? ? E ZN  .  ZN  ? ? ? 1_555 I HOH . O  ? ? A ZN  86 A HOH 124 6_555 ? ? ? ? ? ? ? 2.126 ? ? 
metalc30 metalc ? ? F ZN  .  ZN  ? ? ? 1_555 I HOH . O  ? ? A ZN  87 A HOH 169 1_555 ? ? ? ? ? ? ? 2.543 ? ? 
# 
_struct_conn_type.id          metalc 
_struct_conn_type.criteria    ? 
_struct_conn_type.reference   ? 
# 
loop_
_struct_site.id 
_struct_site.pdbx_evidence_code 
_struct_site.pdbx_auth_asym_id 
_struct_site.pdbx_auth_comp_id 
_struct_site.pdbx_auth_seq_id 
_struct_site.pdbx_auth_ins_code 
_struct_site.pdbx_num_residues 
_struct_site.details 
AC1 Software A ZN  83 ? 4 'BINDING SITE FOR RESIDUE ZN A 83'  
AC2 Software A ZN  84 ? 5 'BINDING SITE FOR RESIDUE ZN A 84'  
AC3 Software A NA  85 ? 4 'BINDING SITE FOR RESIDUE NA A 85'  
AC4 Software A ZN  86 ? 8 'BINDING SITE FOR RESIDUE ZN A 86'  
AC5 Software A ZN  87 ? 4 'BINDING SITE FOR RESIDUE ZN A 87'  
AC6 Software A ZN  88 ? 3 'BINDING SITE FOR RESIDUE ZN A 88'  
AC7 Software A SO4 89 ? 4 'BINDING SITE FOR RESIDUE SO4 A 89' 
# 
loop_
_struct_site_gen.id 
_struct_site_gen.site_id 
_struct_site_gen.pdbx_num_res 
_struct_site_gen.label_comp_id 
_struct_site_gen.label_asym_id 
_struct_site_gen.label_seq_id 
_struct_site_gen.pdbx_auth_ins_code 
_struct_site_gen.auth_comp_id 
_struct_site_gen.auth_asym_id 
_struct_site_gen.auth_seq_id 
_struct_site_gen.label_atom_id 
_struct_site_gen.label_alt_id 
_struct_site_gen.symmetry 
_struct_site_gen.details 
1  AC1 4 GLU A 10 ? GLU A 10  . ? 1_555 ? 
2  AC1 4 ASP A 14 ? ASP A 14  . ? 1_555 ? 
3  AC1 4 ASP A 40 ? ASP A 40  . ? 4_565 ? 
4  AC1 4 ASP A 43 ? ASP A 43  . ? 4_565 ? 
5  AC2 5 ASP A 18 ? ASP A 18  . ? 1_555 ? 
6  AC2 5 ASP A 38 ? ASP A 38  . ? 4_565 ? 
7  AC2 5 HOH I .  ? HOH A 115 . ? 1_555 ? 
8  AC2 5 HOH I .  ? HOH A 149 . ? 4_565 ? 
9  AC2 5 HOH I .  ? HOH A 218 . ? 1_555 ? 
10 AC3 4 GLU A 53 ? GLU A 53  . ? 4_555 ? 
11 AC3 4 ASP A 61 ? ASP A 61  . ? 1_555 ? 
12 AC3 4 GLU A 62 ? GLU A 62  . ? 1_555 ? 
13 AC3 4 HOH I .  ? HOH A 186 . ? 1_555 ? 
14 AC4 8 GLN A 71 ? GLN A 71  . ? 6_555 ? 
15 AC4 8 GLN A 71 ? GLN A 71  . ? 1_555 ? 
16 AC4 8 ASP A 72 ? ASP A 72  . ? 6_555 ? 
17 AC4 8 ASP A 72 ? ASP A 72  . ? 1_555 ? 
18 AC4 8 HOH I .  ? HOH A 117 . ? 6_555 ? 
19 AC4 8 HOH I .  ? HOH A 117 . ? 1_555 ? 
20 AC4 8 HOH I .  ? HOH A 124 . ? 6_555 ? 
21 AC4 8 HOH I .  ? HOH A 124 . ? 1_555 ? 
22 AC5 4 GLU A 46 ? GLU A 46  . ? 1_555 ? 
23 AC5 4 MET A 49 ? MET A 49  . ? 1_555 ? 
24 AC5 4 ASP A 61 ? ASP A 61  . ? 4_555 ? 
25 AC5 4 HOH I .  ? HOH A 169 . ? 1_555 ? 
26 AC6 3 ASP A 5  ? ASP A 5   . ? 1_555 ? 
27 AC6 3 GLU A 30 ? GLU A 30  . ? 6_555 ? 
28 AC6 3 GLU A 78 ? GLU A 78  . ? 1_555 ? 
29 AC7 4 GLU A 52 ? GLU A 52  . ? 4_555 ? 
30 AC7 4 GLU A 52 ? GLU A 52  . ? 1_555 ? 
31 AC7 4 HOH I .  ? HOH A 118 . ? 1_555 ? 
32 AC7 4 HOH I .  ? HOH A 118 . ? 4_555 ? 
# 
_atom_sites.entry_id                    2QNW 
_atom_sites.fract_transf_matrix[1][1]   -0.02245864 
_atom_sites.fract_transf_matrix[1][2]   0.00488040 
_atom_sites.fract_transf_matrix[1][3]   0.01889022 
_atom_sites.fract_transf_matrix[2][1]   0.00565952 
_atom_sites.fract_transf_matrix[2][2]   0.00655267 
_atom_sites.fract_transf_matrix[2][3]   0.02846217 
_atom_sites.fract_transf_matrix[3][1]   0.00018863 
_atom_sites.fract_transf_matrix[3][2]   0.00930523 
_atom_sites.fract_transf_matrix[3][3]   -0.00217980 
_atom_sites.fract_transf_vector[1]      -0.016998 
_atom_sites.fract_transf_vector[2]      0.341959 
_atom_sites.fract_transf_vector[3]      0.061977 
# 
loop_
_atom_type.symbol 
C  
N  
NA 
O  
S  
ZN 
# 
loop_
_atom_site.group_PDB 
_atom_site.id 
_atom_site.type_symbol 
_atom_site.label_atom_id 
_atom_site.label_alt_id 
_atom_site.label_comp_id 
_atom_site.label_asym_id 
_atom_site.label_entity_id 
_atom_site.label_seq_id 
_atom_site.pdbx_PDB_ins_code 
_atom_site.Cartn_x 
_atom_site.Cartn_y 
_atom_site.Cartn_z 
_atom_site.occupancy 
_atom_site.B_iso_or_equiv 
_atom_site.pdbx_formal_charge 
_atom_site.auth_seq_id 
_atom_site.auth_comp_id 
_atom_site.auth_asym_id 
_atom_site.auth_atom_id 
_atom_site.pdbx_PDB_model_num 
ATOM   1   N  N   . SER A 1 3  ? -0.224  8.115   17.323  1.00 45.84 ? 3   SER A N   1 
ATOM   2   C  CA  . SER A 1 3  ? 0.269   9.536   17.442  1.00 45.69 ? 3   SER A CA  1 
ATOM   3   C  C   . SER A 1 3  ? 1.358   9.984   16.440  1.00 44.80 ? 3   SER A C   1 
ATOM   4   O  O   . SER A 1 3  ? 1.527   11.187  16.189  1.00 45.01 ? 3   SER A O   1 
ATOM   5   C  CB  . SER A 1 3  ? 0.789   9.825   18.845  1.00 46.38 ? 3   SER A CB  1 
ATOM   6   O  OG  . SER A 1 3  ? 1.360   11.132  18.864  1.00 47.38 ? 3   SER A OG  1 
ATOM   7   N  N   . ASP A 1 4  ? 2.137   9.026   15.941  1.00 42.82 ? 4   ASP A N   1 
ATOM   8   C  CA  . ASP A 1 4  ? 2.944   9.241   14.760  1.00 40.29 ? 4   ASP A CA  1 
ATOM   9   C  C   . ASP A 1 4  ? 2.709   8.028   13.848  1.00 37.89 ? 4   ASP A C   1 
ATOM   10  O  O   . ASP A 1 4  ? 2.234   6.977   14.317  1.00 36.43 ? 4   ASP A O   1 
ATOM   11  C  CB  . ASP A 1 4  ? 4.425   9.447   15.127  1.00 41.76 ? 4   ASP A CB  1 
ATOM   12  C  CG  . ASP A 1 4  ? 5.091   8.181   15.637  1.00 44.05 ? 4   ASP A CG  1 
ATOM   13  O  OD1 . ASP A 1 4  ? 5.400   8.092   16.844  1.00 48.40 ? 4   ASP A OD1 1 
ATOM   14  O  OD2 . ASP A 1 4  ? 5.305   7.266   14.825  1.00 46.37 ? 4   ASP A OD2 1 
ATOM   15  N  N   . ASP A 1 5  ? 3.039   8.182   12.566  1.00 34.26 ? 5   ASP A N   1 
ATOM   16  C  CA  . ASP A 1 5  ? 2.770   7.161   11.548  1.00 31.60 ? 5   ASP A CA  1 
ATOM   17  C  C   . ASP A 1 5  ? 3.867   6.075   11.405  1.00 30.03 ? 5   ASP A C   1 
ATOM   18  O  O   . ASP A 1 5  ? 3.796   5.218   10.490  1.00 28.87 ? 5   ASP A O   1 
ATOM   19  C  CB  . ASP A 1 5  ? 2.477   7.834   10.193  1.00 31.54 ? 5   ASP A CB  1 
ATOM   20  C  CG  . ASP A 1 5  ? 1.094   8.509   10.136  1.00 34.43 ? 5   ASP A CG  1 
ATOM   21  O  OD1 . ASP A 1 5  ? 0.276   8.369   11.075  1.00 36.96 ? 5   ASP A OD1 1 
ATOM   22  O  OD2 . ASP A 1 5  ? 0.803   9.214   9.129   1.00 36.44 ? 5   ASP A OD2 1 
ATOM   23  N  N   A ARG A 1 6  ? 4.861   6.075   12.289  0.50 28.58 ? 6   ARG A N   1 
ATOM   24  N  N   B ARG A 1 6  ? 4.847   6.123   12.310  0.50 28.48 ? 6   ARG A N   1 
ATOM   25  C  CA  A ARG A 1 6  ? 6.001   5.168   12.099  0.50 28.24 ? 6   ARG A CA  1 
ATOM   26  C  CA  B ARG A 1 6  ? 6.008   5.227   12.328  0.50 28.11 ? 6   ARG A CA  1 
ATOM   27  C  C   A ARG A 1 6  ? 5.669   3.657   12.149  0.50 26.52 ? 6   ARG A C   1 
ATOM   28  C  C   B ARG A 1 6  ? 5.652   3.737   12.191  0.50 26.46 ? 6   ARG A C   1 
ATOM   29  O  O   A ARG A 1 6  ? 6.154   2.907   11.281  0.50 25.27 ? 6   ARG A O   1 
ATOM   30  O  O   B ARG A 1 6  ? 6.095   3.076   11.236  0.50 25.44 ? 6   ARG A O   1 
ATOM   31  C  CB  A ARG A 1 6  ? 7.156   5.495   13.052  0.50 28.95 ? 6   ARG A CB  1 
ATOM   32  C  CB  B ARG A 1 6  ? 6.787   5.428   13.640  0.50 28.57 ? 6   ARG A CB  1 
ATOM   33  C  CG  A ARG A 1 6  ? 8.492   5.664   12.353  0.50 31.45 ? 6   ARG A CG  1 
ATOM   34  C  CG  B ARG A 1 6  ? 8.293   5.248   13.560  0.50 30.25 ? 6   ARG A CG  1 
ATOM   35  C  CD  A ARG A 1 6  ? 9.601   4.943   13.101  0.50 34.28 ? 6   ARG A CD  1 
ATOM   36  C  CD  B ARG A 1 6  ? 9.041   6.598   13.422  0.50 33.98 ? 6   ARG A CD  1 
ATOM   37  N  NE  A ARG A 1 6  ? 9.495   5.095   14.556  0.50 36.68 ? 6   ARG A NE  1 
ATOM   38  N  NE  B ARG A 1 6  ? 8.485   7.665   14.260  0.50 35.73 ? 6   ARG A NE  1 
ATOM   39  C  CZ  A ARG A 1 6  ? 10.096  4.302   15.438  0.50 38.00 ? 6   ARG A CZ  1 
ATOM   40  C  CZ  B ARG A 1 6  ? 9.056   8.152   15.356  0.50 37.08 ? 6   ARG A CZ  1 
ATOM   41  N  NH1 A ARG A 1 6  ? 10.862  3.301   15.017  0.50 38.04 ? 6   ARG A NH1 1 
ATOM   42  N  NH1 B ARG A 1 6  ? 8.455   9.121   16.029  0.50 37.38 ? 6   ARG A NH1 1 
ATOM   43  N  NH2 A ARG A 1 6  ? 9.941   4.520   16.742  0.50 37.26 ? 6   ARG A NH2 1 
ATOM   44  N  NH2 B ARG A 1 6  ? 10.228  7.687   15.779  0.50 36.98 ? 6   ARG A NH2 1 
ATOM   45  N  N   . PRO A 1 7  ? 4.873   3.199   13.156  1.00 25.44 ? 7   PRO A N   1 
ATOM   46  C  CA  . PRO A 1 7  ? 4.586   1.751   13.154  1.00 24.68 ? 7   PRO A CA  1 
ATOM   47  C  C   . PRO A 1 7  ? 3.789   1.349   11.946  1.00 23.79 ? 7   PRO A C   1 
ATOM   48  O  O   . PRO A 1 7  ? 4.032   0.268   11.379  1.00 24.43 ? 7   PRO A O   1 
ATOM   49  C  CB  . PRO A 1 7  ? 3.744   1.512   14.438  1.00 24.70 ? 7   PRO A CB  1 
ATOM   50  C  CG  . PRO A 1 7  ? 3.877   2.726   15.255  1.00 25.66 ? 7   PRO A CG  1 
ATOM   51  C  CD  . PRO A 1 7  ? 4.204   3.872   14.301  1.00 25.46 ? 7   PRO A CD  1 
ATOM   52  N  N   . LEU A 1 8  ? 2.817   2.170   11.540  1.00 22.57 ? 8   LEU A N   1 
ATOM   53  C  CA  . LEU A 1 8  ? 2.013   1.725   10.410  1.00 21.66 ? 8   LEU A CA  1 
ATOM   54  C  C   . LEU A 1 8  ? 2.815   1.869   9.113   1.00 19.82 ? 8   LEU A C   1 
ATOM   55  O  O   . LEU A 1 8  ? 2.688   1.041   8.257   1.00 18.36 ? 8   LEU A O   1 
ATOM   56  C  CB  . LEU A 1 8  ? 0.621   2.363   10.370  1.00 22.82 ? 8   LEU A CB  1 
ATOM   57  C  CG  . LEU A 1 8  ? -0.292  1.827   11.501  1.00 26.44 ? 8   LEU A CG  1 
ATOM   58  C  CD1 . LEU A 1 8  ? -1.771  2.042   11.154  1.00 33.19 ? 8   LEU A CD1 1 
ATOM   59  C  CD2 . LEU A 1 8  ? -0.046  0.324   11.878  1.00 32.31 ? 8   LEU A CD2 1 
ATOM   60  N  N   . LEU A 1 9  ? 3.681   2.874   9.001   1.00 18.46 ? 9   LEU A N   1 
ATOM   61  C  CA  . LEU A 1 9  ? 4.574   2.914   7.821   1.00 18.31 ? 9   LEU A CA  1 
ATOM   62  C  C   . LEU A 1 9  ? 5.411   1.619   7.724   1.00 18.27 ? 9   LEU A C   1 
ATOM   63  O  O   . LEU A 1 9  ? 5.535   1.080   6.640   1.00 17.27 ? 9   LEU A O   1 
ATOM   64  C  CB  . LEU A 1 9  ? 5.503   4.116   7.864   1.00 18.47 ? 9   LEU A CB  1 
ATOM   65  C  CG  . LEU A 1 9  ? 6.538   4.252   6.744   1.00 19.47 ? 9   LEU A CG  1 
ATOM   66  C  CD1 . LEU A 1 9  ? 5.838   4.337   5.354   1.00 16.38 ? 9   LEU A CD1 1 
ATOM   67  C  CD2 . LEU A 1 9  ? 7.361   5.498   7.047   1.00 20.91 ? 9   LEU A CD2 1 
ATOM   68  N  N   . GLU A 1 10 ? 6.006   1.175   8.839   1.00 16.81 ? 10  GLU A N   1 
ATOM   69  C  CA  . GLU A 1 10 ? 6.830   -0.067  8.864   1.00 18.95 ? 10  GLU A CA  1 
ATOM   70  C  C   . GLU A 1 10 ? 6.033   -1.237  8.302   1.00 17.41 ? 10  GLU A C   1 
ATOM   71  O  O   . GLU A 1 10 ? 6.533   -2.042  7.458   1.00 17.48 ? 10  GLU A O   1 
ATOM   72  C  CB  . GLU A 1 10 ? 7.260   -0.378  10.308  1.00 19.26 ? 10  GLU A CB  1 
ATOM   73  C  CG  . GLU A 1 10 ? 7.734   -1.862  10.619  1.00 24.74 ? 10  GLU A CG  1 
ATOM   74  C  CD  . GLU A 1 10 ? 8.909   -2.354  9.785   1.00 28.83 ? 10  GLU A CD  1 
ATOM   75  O  OE1 . GLU A 1 10 ? 9.085   -3.597  9.641   1.00 27.28 ? 10  GLU A OE1 1 
ATOM   76  O  OE2 . GLU A 1 10 ? 9.690   -1.513  9.280   1.00 32.15 ? 10  GLU A OE2 1 
ATOM   77  N  N   . ARG A 1 11 ? 4.784   -1.333  8.747   1.00 15.98 ? 11  ARG A N   1 
ATOM   78  C  CA  . ARG A 1 11 ? 3.942   -2.488  8.418   1.00 15.87 ? 11  ARG A CA  1 
ATOM   79  C  C   . ARG A 1 11 ? 3.442   -2.422  6.971   1.00 15.53 ? 11  ARG A C   1 
ATOM   80  O  O   . ARG A 1 11 ? 3.293   -3.469  6.293   1.00 16.56 ? 11  ARG A O   1 
ATOM   81  C  CB  . ARG A 1 11 ? 2.817   -2.615  9.461   1.00 15.20 ? 11  ARG A CB  1 
ATOM   82  C  CG  . ARG A 1 11 ? 3.400   -2.998  10.894  1.00 15.62 ? 11  ARG A CG  1 
ATOM   83  C  CD  . ARG A 1 11 ? 3.872   -4.481  10.907  1.00 15.15 ? 11  ARG A CD  1 
ATOM   84  N  NE  . ARG A 1 11 ? 2.718   -5.378  10.849  1.00 17.28 ? 11  ARG A NE  1 
ATOM   85  C  CZ  . ARG A 1 11 ? 2.748   -6.708  10.919  1.00 20.54 ? 11  ARG A CZ  1 
ATOM   86  N  NH1 . ARG A 1 11 ? 3.909   -7.365  11.070  1.00 21.86 ? 11  ARG A NH1 1 
ATOM   87  N  NH2 . ARG A 1 11 ? 1.587   -7.388  10.824  1.00 19.28 ? 11  ARG A NH2 1 
ATOM   88  N  N   . VAL A 1 12 ? 3.197   -1.206  6.480   1.00 15.73 ? 12  VAL A N   1 
ATOM   89  C  CA  . VAL A 1 12 ? 2.838   -1.018  5.067   1.00 14.12 ? 12  VAL A CA  1 
ATOM   90  C  C   . VAL A 1 12 ? 4.024   -1.428  4.210   1.00 15.48 ? 12  VAL A C   1 
ATOM   91  O  O   . VAL A 1 12 ? 3.853   -2.186  3.271   1.00 14.51 ? 12  VAL A O   1 
ATOM   92  C  CB  . VAL A 1 12 ? 2.403   0.440   4.768   1.00 15.67 ? 12  VAL A CB  1 
ATOM   93  C  CG1 . VAL A 1 12 ? 2.242   0.670   3.248   1.00 15.87 ? 12  VAL A CG1 1 
ATOM   94  C  CG2 . VAL A 1 12 ? 1.065   0.711   5.444   1.00 15.38 ? 12  VAL A CG2 1 
ATOM   95  N  N   . LYS A 1 13 ? 5.230   -0.968  4.563   1.00 15.00 ? 13  LYS A N   1 
ATOM   96  C  CA  . LYS A 1 13 ? 6.398   -1.360  3.774   1.00 16.67 ? 13  LYS A CA  1 
ATOM   97  C  C   . LYS A 1 13 ? 6.581   -2.888  3.804   1.00 17.25 ? 13  LYS A C   1 
ATOM   98  O  O   . LYS A 1 13 ? 6.983   -3.468  2.819   1.00 17.01 ? 13  LYS A O   1 
ATOM   99  C  CB  . LYS A 1 13 ? 7.640   -0.717  4.317   1.00 17.19 ? 13  LYS A CB  1 
ATOM   100 C  CG  . LYS A 1 13 ? 7.694   0.808   4.201   1.00 19.72 ? 13  LYS A CG  1 
ATOM   101 C  CD  . LYS A 1 13 ? 9.075   1.147   4.764   1.00 25.22 ? 13  LYS A CD  1 
ATOM   102 C  CE  . LYS A 1 13 ? 9.387   2.595   4.780   1.00 27.37 ? 13  LYS A CE  1 
ATOM   103 N  NZ  . LYS A 1 13 ? 10.759  2.686   5.369   1.00 30.66 ? 13  LYS A NZ  1 
ATOM   104 N  N   . ASP A 1 14 ? 6.305   -3.523  4.950   1.00 17.67 ? 14  ASP A N   1 
ATOM   105 C  CA  . ASP A 1 14 ? 6.325   -5.000  5.050   1.00 17.24 ? 14  ASP A CA  1 
ATOM   106 C  C   . ASP A 1 14 ? 5.464   -5.686  3.999   1.00 17.07 ? 14  ASP A C   1 
ATOM   107 O  O   . ASP A 1 14 ? 5.900   -6.677  3.343   1.00 17.10 ? 14  ASP A O   1 
ATOM   108 C  CB  . ASP A 1 14 ? 5.861   -5.463  6.444   1.00 17.75 ? 14  ASP A CB  1 
ATOM   109 C  CG  . ASP A 1 14 ? 6.886   -5.244  7.501   1.00 17.98 ? 14  ASP A CG  1 
ATOM   110 O  OD1 . ASP A 1 14 ? 8.101   -5.033  7.206   1.00 19.60 ? 14  ASP A OD1 1 
ATOM   111 O  OD2 . ASP A 1 14 ? 6.484   -5.300  8.667   1.00 19.91 ? 14  ASP A OD2 1 
ATOM   112 N  N   . VAL A 1 15 ? 4.229   -5.202  3.841   1.00 16.19 ? 15  VAL A N   1 
ATOM   113 C  CA  . VAL A 1 15 ? 3.310   -5.783  2.820   1.00 16.22 ? 15  VAL A CA  1 
ATOM   114 C  C   . VAL A 1 15 ? 3.868   -5.531  1.432   1.00 15.31 ? 15  VAL A C   1 
ATOM   115 O  O   . VAL A 1 15 ? 3.833   -6.423  0.567   1.00 15.27 ? 15  VAL A O   1 
ATOM   116 C  CB  . VAL A 1 15 ? 1.906   -5.172  2.892   1.00 15.92 ? 15  VAL A CB  1 
ATOM   117 C  CG1 . VAL A 1 15 ? 1.026   -5.649  1.728   1.00 15.29 ? 15  VAL A CG1 1 
ATOM   118 C  CG2 . VAL A 1 15 ? 1.274   -5.458  4.251   1.00 16.63 ? 15  VAL A CG2 1 
ATOM   119 N  N   . VAL A 1 16 ? 4.320   -4.302  1.187   1.00 15.96 ? 16  VAL A N   1 
ATOM   120 C  CA  . VAL A 1 16 ? 4.904   -3.957  -0.143  1.00 15.51 ? 16  VAL A CA  1 
ATOM   121 C  C   . VAL A 1 16 ? 6.084   -4.886  -0.478  1.00 16.46 ? 16  VAL A C   1 
ATOM   122 O  O   . VAL A 1 16 ? 6.220   -5.363  -1.607  1.00 15.57 ? 16  VAL A O   1 
ATOM   123 C  CB  . VAL A 1 16 ? 5.392   -2.459  -0.214  1.00 16.29 ? 16  VAL A CB  1 
ATOM   124 C  CG1 . VAL A 1 16 ? 6.128   -2.202  -1.562  1.00 17.21 ? 16  VAL A CG1 1 
ATOM   125 C  CG2 . VAL A 1 16 ? 4.205   -1.480  -0.015  1.00 15.12 ? 16  VAL A CG2 1 
ATOM   126 N  N   . ALA A 1 17 ? 6.963   -5.104  0.498   1.00 17.59 ? 17  ALA A N   1 
ATOM   127 C  CA  . ALA A 1 17 ? 8.131   -6.002  0.324   1.00 18.28 ? 17  ALA A CA  1 
ATOM   128 C  C   . ALA A 1 17 ? 7.713   -7.443  0.128   1.00 18.07 ? 17  ALA A C   1 
ATOM   129 O  O   . ALA A 1 17 ? 8.275   -8.148  -0.712  1.00 18.15 ? 17  ALA A O   1 
ATOM   130 C  CB  . ALA A 1 17 ? 9.113   -5.877  1.514   1.00 17.90 ? 17  ALA A CB  1 
ATOM   131 N  N   . ASP A 1 18 ? 6.690   -7.897  0.860   1.00 17.67 ? 18  ASP A N   1 
ATOM   132 C  CA  . ASP A 1 18 ? 6.242   -9.282  0.731   1.00 17.35 ? 18  ASP A CA  1 
ATOM   133 C  C   . ASP A 1 18 ? 5.548   -9.539  -0.632  1.00 17.16 ? 18  ASP A C   1 
ATOM   134 O  O   . ASP A 1 18 ? 5.646   -10.627 -1.220  1.00 16.64 ? 18  ASP A O   1 
ATOM   135 C  CB  . ASP A 1 18 ? 5.204   -9.626  1.821   1.00 17.59 ? 18  ASP A CB  1 
ATOM   136 C  CG  . ASP A 1 18 ? 5.835   -10.033 3.161   1.00 20.72 ? 18  ASP A CG  1 
ATOM   137 O  OD1 . ASP A 1 18 ? 7.033   -10.337 3.236   1.00 21.06 ? 18  ASP A OD1 1 
ATOM   138 O  OD2 . ASP A 1 18 ? 5.085   -10.034 4.162   1.00 21.10 ? 18  ASP A OD2 1 
ATOM   139 N  N   . GLN A 1 19 ? 4.790   -8.553  -1.078  1.00 16.29 ? 19  GLN A N   1 
ATOM   140 C  CA  . GLN A 1 19 ? 4.014   -8.689  -2.295  1.00 17.20 ? 19  GLN A CA  1 
ATOM   141 C  C   . GLN A 1 19 ? 4.877   -8.511  -3.532  1.00 17.94 ? 19  GLN A C   1 
ATOM   142 O  O   . GLN A 1 19 ? 4.703   -9.258  -4.513  1.00 18.70 ? 19  GLN A O   1 
ATOM   143 C  CB  . GLN A 1 19 ? 2.877   -7.671  -2.320  1.00 18.21 ? 19  GLN A CB  1 
ATOM   144 C  CG  . GLN A 1 19 ? 1.700   -8.057  -1.403  1.00 19.34 ? 19  GLN A CG  1 
ATOM   145 C  CD  . GLN A 1 19 ? 1.096   -9.435  -1.752  1.00 22.84 ? 19  GLN A CD  1 
ATOM   146 O  OE1 . GLN A 1 19 ? 0.686   -9.679  -2.873  1.00 23.54 ? 19  GLN A OE1 1 
ATOM   147 N  NE2 . GLN A 1 19 ? 1.030   -10.299 -0.791  1.00 22.15 ? 19  GLN A NE2 1 
ATOM   148 N  N   . LEU A 1 20 ? 5.736   -7.487  -3.521  1.00 17.02 ? 20  LEU A N   1 
ATOM   149 C  CA  . LEU A 1 20 ? 6.526   -7.151  -4.710  1.00 18.28 ? 20  LEU A CA  1 
ATOM   150 C  C   . LEU A 1 20 ? 7.916   -7.737  -4.675  1.00 17.78 ? 20  LEU A C   1 
ATOM   151 O  O   . LEU A 1 20 ? 8.554   -7.872  -5.731  1.00 17.64 ? 20  LEU A O   1 
ATOM   152 C  CB  . LEU A 1 20 ? 6.617   -5.642  -4.941  1.00 16.91 ? 20  LEU A CB  1 
ATOM   153 C  CG  . LEU A 1 20 ? 5.276   -4.893  -5.068  1.00 17.78 ? 20  LEU A CG  1 
ATOM   154 C  CD1 . LEU A 1 20 ? 5.466   -3.374  -5.396  1.00 17.37 ? 20  LEU A CD1 1 
ATOM   155 C  CD2 . LEU A 1 20 ? 4.366   -5.553  -6.055  1.00 16.86 ? 20  LEU A CD2 1 
ATOM   156 N  N   . GLY A 1 21 ? 8.382   -8.073  -3.483  1.00 17.59 ? 21  GLY A N   1 
ATOM   157 C  CA  . GLY A 1 21 ? 9.736   -8.669  -3.310  1.00 18.57 ? 21  GLY A CA  1 
ATOM   158 C  C   . GLY A 1 21 ? 10.930  -7.723  -3.386  1.00 18.69 ? 21  GLY A C   1 
ATOM   159 O  O   . GLY A 1 21 ? 12.067  -8.174  -3.294  1.00 18.88 ? 21  GLY A O   1 
ATOM   160 N  N   . VAL A 1 22 ? 10.692  -6.421  -3.562  1.00 19.65 ? 22  VAL A N   1 
ATOM   161 C  CA  . VAL A 1 22 ? 11.779  -5.437  -3.698  1.00 21.57 ? 22  VAL A CA  1 
ATOM   162 C  C   . VAL A 1 22 ? 12.545  -5.221  -2.390  1.00 22.65 ? 22  VAL A C   1 
ATOM   163 O  O   . VAL A 1 22 ? 12.002  -5.450  -1.315  1.00 22.68 ? 22  VAL A O   1 
ATOM   164 C  CB  . VAL A 1 22 ? 11.279  -4.076  -4.263  1.00 21.81 ? 22  VAL A CB  1 
ATOM   165 C  CG1 . VAL A 1 22 ? 10.544  -4.293  -5.554  1.00 19.46 ? 22  VAL A CG1 1 
ATOM   166 C  CG2 . VAL A 1 22 ? 10.407  -3.375  -3.252  1.00 23.07 ? 22  VAL A CG2 1 
ATOM   167 N  N   . ASP A 1 23 ? 13.819  -4.831  -2.529  1.00 24.26 ? 23  ASP A N   1 
ATOM   168 C  CA  . ASP A 1 23 ? 14.720  -4.407  -1.424  1.00 26.96 ? 23  ASP A CA  1 
ATOM   169 C  C   . ASP A 1 23 ? 13.987  -3.361  -0.577  1.00 26.66 ? 23  ASP A C   1 
ATOM   170 O  O   . ASP A 1 23 ? 13.562  -2.351  -1.111  1.00 25.23 ? 23  ASP A O   1 
ATOM   171 C  CB  . ASP A 1 23 ? 15.993  -3.786  -2.047  1.00 26.73 ? 23  ASP A CB  1 
ATOM   172 C  CG  . ASP A 1 23 ? 17.149  -3.642  -1.049  1.00 32.79 ? 23  ASP A CG  1 
ATOM   173 O  OD1 . ASP A 1 23 ? 16.912  -3.441  0.167   1.00 37.12 ? 23  ASP A OD1 1 
ATOM   174 O  OD2 . ASP A 1 23 ? 18.324  -3.692  -1.502  1.00 41.38 ? 23  ASP A OD2 1 
ATOM   175 N  N   . ARG A 1 24 ? 13.831  -3.636  0.721   1.00 28.46 ? 24  ARG A N   1 
ATOM   176 C  CA  . ARG A 1 24 ? 13.148  -2.769  1.682   1.00 29.71 ? 24  ARG A CA  1 
ATOM   177 C  C   . ARG A 1 24 ? 13.735  -1.362  1.679   1.00 29.99 ? 24  ARG A C   1 
ATOM   178 O  O   . ARG A 1 24 ? 13.011  -0.359  1.827   1.00 28.78 ? 24  ARG A O   1 
ATOM   179 C  CB  . ARG A 1 24 ? 13.302  -3.352  3.083   1.00 30.99 ? 24  ARG A CB  1 
ATOM   180 C  CG  . ARG A 1 24 ? 12.291  -2.836  4.046   1.00 33.81 ? 24  ARG A CG  1 
ATOM   181 C  CD  . ARG A 1 24 ? 12.620  -3.194  5.501   1.00 35.05 ? 24  ARG A CD  1 
ATOM   182 N  NE  . ARG A 1 24 ? 11.634  -2.526  6.338   1.00 39.49 ? 24  ARG A NE  1 
ATOM   183 C  CZ  . ARG A 1 24 ? 10.359  -2.896  6.389   1.00 40.17 ? 24  ARG A CZ  1 
ATOM   184 N  NH1 . ARG A 1 24 ? 9.937   -3.948  5.687   1.00 41.13 ? 24  ARG A NH1 1 
ATOM   185 N  NH2 . ARG A 1 24 ? 9.509   -2.233  7.146   1.00 41.02 ? 24  ARG A NH2 1 
ATOM   186 N  N   . ALA A 1 25 ? 15.057  -1.293  1.496   1.00 29.89 ? 25  ALA A N   1 
ATOM   187 C  CA  . ALA A 1 25 ? 15.754  -0.022  1.378   1.00 30.26 ? 25  ALA A CA  1 
ATOM   188 C  C   . ALA A 1 25 ? 15.207  0.903   0.293   1.00 29.69 ? 25  ALA A C   1 
ATOM   189 O  O   . ALA A 1 25 ? 15.327  2.123   0.405   1.00 29.96 ? 25  ALA A O   1 
ATOM   190 C  CB  . ALA A 1 25 ? 17.256  -0.247  1.202   1.00 31.42 ? 25  ALA A CB  1 
ATOM   191 N  N   . ARG A 1 26 ? 14.590  0.331   -0.742  1.00 28.49 ? 26  ARG A N   1 
ATOM   192 C  CA  . ARG A 1 26 ? 14.004  1.113   -1.811  1.00 27.28 ? 26  ARG A CA  1 
ATOM   193 C  C   . ARG A 1 26 ? 12.614  1.693   -1.501  1.00 26.94 ? 26  ARG A C   1 
ATOM   194 O  O   . ARG A 1 26 ? 12.142  2.545   -2.238  1.00 27.40 ? 26  ARG A O   1 
ATOM   195 C  CB  . ARG A 1 26 ? 13.906  0.270   -3.081  1.00 27.09 ? 26  ARG A CB  1 
ATOM   196 C  CG  . ARG A 1 26 ? 15.247  -0.103  -3.647  1.00 28.32 ? 26  ARG A CG  1 
ATOM   197 C  CD  . ARG A 1 26 ? 15.053  -1.011  -4.850  1.00 28.78 ? 26  ARG A CD  1 
ATOM   198 N  NE  . ARG A 1 26 ? 14.317  -0.296  -5.898  1.00 30.63 ? 26  ARG A NE  1 
ATOM   199 C  CZ  . ARG A 1 26 ? 13.551  -0.868  -6.823  1.00 27.65 ? 26  ARG A CZ  1 
ATOM   200 N  NH1 . ARG A 1 26 ? 13.418  -2.184  -6.881  1.00 29.65 ? 26  ARG A NH1 1 
ATOM   201 N  NH2 . ARG A 1 26 ? 12.945  -0.115  -7.718  1.00 26.15 ? 26  ARG A NH2 1 
ATOM   202 N  N   . ILE A 1 27 ? 11.969  1.220   -0.435  1.00 24.24 ? 27  ILE A N   1 
ATOM   203 C  CA  . ILE A 1 27 ? 10.574  1.549   -0.183  1.00 22.21 ? 27  ILE A CA  1 
ATOM   204 C  C   . ILE A 1 27 ? 10.506  2.757   0.744   1.00 21.62 ? 27  ILE A C   1 
ATOM   205 O  O   . ILE A 1 27 ? 11.033  2.751   1.868   1.00 21.43 ? 27  ILE A O   1 
ATOM   206 C  CB  . ILE A 1 27 ? 9.773   0.368   0.420   1.00 21.26 ? 27  ILE A CB  1 
ATOM   207 C  CG1 . ILE A 1 27 ? 9.967   -0.925  -0.383  1.00 19.72 ? 27  ILE A CG1 1 
ATOM   208 C  CG2 . ILE A 1 27 ? 8.293   0.712   0.462   1.00 20.65 ? 27  ILE A CG2 1 
ATOM   209 C  CD1 . ILE A 1 27 ? 9.441   -2.204  0.324   1.00 19.38 ? 27  ILE A CD1 1 
ATOM   210 N  N   . ASN A 1 28 ? 9.902   3.817   0.244   1.00 21.24 ? 28  ASN A N   1 
ATOM   211 C  CA  . ASN A 1 28 ? 9.706   4.994   1.079   1.00 21.11 ? 28  ASN A CA  1 
ATOM   212 C  C   . ASN A 1 28 ? 8.308   5.540   0.837   1.00 19.35 ? 28  ASN A C   1 
ATOM   213 O  O   . ASN A 1 28 ? 7.654   5.101   -0.090  1.00 18.14 ? 28  ASN A O   1 
ATOM   214 C  CB  . ASN A 1 28 ? 10.822  6.032   0.830   1.00 22.01 ? 28  ASN A CB  1 
ATOM   215 C  CG  . ASN A 1 28 ? 10.865  6.542   -0.597  1.00 24.79 ? 28  ASN A CG  1 
ATOM   216 O  OD1 . ASN A 1 28 ? 10.031  7.345   -0.992  1.00 25.36 ? 28  ASN A OD1 1 
ATOM   217 N  ND2 . ASN A 1 28 ? 11.883  6.120   -1.364  1.00 26.42 ? 28  ASN A ND2 1 
ATOM   218 N  N   . PRO A 1 29 ? 7.868   6.535   1.627   1.00 18.88 ? 29  PRO A N   1 
ATOM   219 C  CA  . PRO A 1 29 ? 6.506   7.034   1.448   1.00 17.42 ? 29  PRO A CA  1 
ATOM   220 C  C   . PRO A 1 29 ? 6.187   7.533   0.040   1.00 16.77 ? 29  PRO A C   1 
ATOM   221 O  O   . PRO A 1 29 ? 5.052   7.377   -0.413  1.00 15.38 ? 29  PRO A O   1 
ATOM   222 C  CB  . PRO A 1 29 ? 6.403   8.162   2.492   1.00 17.66 ? 29  PRO A CB  1 
ATOM   223 C  CG  . PRO A 1 29 ? 7.401   7.717   3.561   1.00 17.81 ? 29  PRO A CG  1 
ATOM   224 C  CD  . PRO A 1 29 ? 8.553   7.224   2.737   1.00 19.83 ? 29  PRO A CD  1 
ATOM   225 N  N   . GLU A 1 30 ? 7.176   8.101   -0.658  1.00 16.86 ? 30  GLU A N   1 
ATOM   226 C  CA  . GLU A 1 30 ? 6.939   8.575   -2.032  1.00 18.13 ? 30  GLU A CA  1 
ATOM   227 C  C   . GLU A 1 30 ? 7.043   7.506   -3.131  1.00 18.60 ? 30  GLU A C   1 
ATOM   228 O  O   . GLU A 1 30 ? 6.734   7.800   -4.286  1.00 19.64 ? 30  GLU A O   1 
ATOM   229 C  CB  . GLU A 1 30 ? 7.909   9.736   -2.361  1.00 18.61 ? 30  GLU A CB  1 
ATOM   230 C  CG  . GLU A 1 30 ? 7.581   10.975  -1.581  1.00 22.52 ? 30  GLU A CG  1 
ATOM   231 C  CD  . GLU A 1 30 ? 8.589   12.075  -1.830  1.00 26.05 ? 30  GLU A CD  1 
ATOM   232 O  OE1 . GLU A 1 30 ? 9.703   12.009  -1.276  1.00 30.14 ? 30  GLU A OE1 1 
ATOM   233 O  OE2 . GLU A 1 30 ? 8.274   12.996  -2.598  1.00 29.00 ? 30  GLU A OE2 1 
ATOM   234 N  N   . SER A 1 31 ? 7.448   6.279   -2.791  1.00 18.68 ? 31  SER A N   1 
ATOM   235 C  CA  . SER A 1 31 ? 7.503   5.189   -3.792  1.00 18.34 ? 31  SER A CA  1 
ATOM   236 C  C   . SER A 1 31 ? 6.146   4.992   -4.470  1.00 18.52 ? 31  SER A C   1 
ATOM   237 O  O   . SER A 1 31 ? 5.160   4.746   -3.802  1.00 17.97 ? 31  SER A O   1 
ATOM   238 C  CB  . SER A 1 31 ? 7.929   3.859   -3.132  1.00 18.50 ? 31  SER A CB  1 
ATOM   239 O  OG  . SER A 1 31 ? 9.192   3.978   -2.495  1.00 19.18 ? 31  SER A OG  1 
ATOM   240 N  N   . ASN A 1 32 ? 6.137   5.069   -5.797  1.00 17.71 ? 32  ASN A N   1 
ATOM   241 C  CA  . ASN A 1 32 ? 4.957   4.832   -6.597  1.00 18.06 ? 32  ASN A CA  1 
ATOM   242 C  C   . ASN A 1 32 ? 5.032   3.409   -7.114  1.00 17.44 ? 32  ASN A C   1 
ATOM   243 O  O   . ASN A 1 32 ? 6.063   3.031   -7.729  1.00 17.55 ? 32  ASN A O   1 
ATOM   244 C  CB  . ASN A 1 32 ? 4.907   5.846   -7.745  1.00 18.00 ? 32  ASN A CB  1 
ATOM   245 C  CG  . ASN A 1 32 ? 3.733   5.608   -8.674  1.00 18.49 ? 32  ASN A CG  1 
ATOM   246 O  OD1 . ASN A 1 32 ? 3.654   4.561   -9.363  1.00 20.15 ? 32  ASN A OD1 1 
ATOM   247 N  ND2 . ASN A 1 32 ? 2.788   6.566   -8.691  1.00 19.24 ? 32  ASN A ND2 1 
ATOM   248 N  N   . PHE A 1 33 ? 4.015   2.595   -6.800  1.00 17.12 ? 33  PHE A N   1 
ATOM   249 C  CA  . PHE A 1 33 ? 4.127   1.146   -7.077  1.00 16.07 ? 33  PHE A CA  1 
ATOM   250 C  C   . PHE A 1 33 ? 4.382   0.834   -8.563  1.00 16.87 ? 33  PHE A C   1 
ATOM   251 O  O   . PHE A 1 33 ? 5.269   0.035   -8.887  1.00 16.72 ? 33  PHE A O   1 
ATOM   252 C  CB  . PHE A 1 33 ? 2.883   0.390   -6.595  1.00 15.80 ? 33  PHE A CB  1 
ATOM   253 C  CG  . PHE A 1 33 ? 2.547   0.656   -5.129  1.00 17.72 ? 33  PHE A CG  1 
ATOM   254 C  CD1 . PHE A 1 33 ? 3.489   0.440   -4.149  1.00 17.48 ? 33  PHE A CD1 1 
ATOM   255 C  CD2 . PHE A 1 33 ? 1.325   1.173   -4.780  1.00 17.85 ? 33  PHE A CD2 1 
ATOM   256 C  CE1 . PHE A 1 33 ? 3.180   0.709   -2.789  1.00 17.54 ? 33  PHE A CE1 1 
ATOM   257 C  CE2 . PHE A 1 33 ? 1.001   1.437   -3.424  1.00 19.47 ? 33  PHE A CE2 1 
ATOM   258 C  CZ  . PHE A 1 33 ? 1.936   1.200   -2.449  1.00 16.81 ? 33  PHE A CZ  1 
ATOM   259 N  N   . ILE A 1 34 ? 3.578   1.426   -9.438  1.00 16.10 ? 34  ILE A N   1 
ATOM   260 C  CA  . ILE A 1 34 ? 3.726   1.279   -10.908 1.00 18.75 ? 34  ILE A CA  1 
ATOM   261 C  C   . ILE A 1 34 ? 5.000   1.917   -11.486 1.00 19.67 ? 34  ILE A C   1 
ATOM   262 O  O   . ILE A 1 34 ? 5.714   1.291   -12.306 1.00 19.51 ? 34  ILE A O   1 
ATOM   263 C  CB  . ILE A 1 34 ? 2.452   1.827   -11.666 1.00 18.39 ? 34  ILE A CB  1 
ATOM   264 C  CG1 . ILE A 1 34 ? 1.226   0.990   -11.279 1.00 20.69 ? 34  ILE A CG1 1 
ATOM   265 C  CG2 . ILE A 1 34 ? 2.688   1.860   -13.184 1.00 22.68 ? 34  ILE A CG2 1 
ATOM   266 C  CD1 . ILE A 1 34 ? -0.130  1.679   -11.414 1.00 21.78 ? 34  ILE A CD1 1 
ATOM   267 N  N   . LYS A 1 35 ? 5.303   3.155   -11.078 1.00 19.95 ? 35  LYS A N   1 
ATOM   268 C  CA  . LYS A 1 35 ? 6.406   3.878   -11.727 1.00 21.30 ? 35  LYS A CA  1 
ATOM   269 C  C   . LYS A 1 35 ? 7.762   3.486   -11.192 1.00 21.16 ? 35  LYS A C   1 
ATOM   270 O  O   . LYS A 1 35 ? 8.737   3.440   -11.957 1.00 21.10 ? 35  LYS A O   1 
ATOM   271 C  CB  . LYS A 1 35 ? 6.248   5.411   -11.620 1.00 20.73 ? 35  LYS A CB  1 
ATOM   272 C  CG  . LYS A 1 35 ? 5.042   5.953   -12.355 1.00 23.03 ? 35  LYS A CG  1 
ATOM   273 C  CD  . LYS A 1 35 ? 4.951   7.477   -12.135 1.00 25.81 ? 35  LYS A CD  1 
ATOM   274 C  CE  . LYS A 1 35 ? 3.618   8.039   -12.574 1.00 27.27 ? 35  LYS A CE  1 
ATOM   275 N  NZ  . LYS A 1 35 ? 3.545   9.539   -12.511 1.00 28.66 ? 35  LYS A NZ  1 
ATOM   276 N  N   . ASP A 1 36 ? 7.831   3.214   -9.891  1.00 19.68 ? 36  ASP A N   1 
ATOM   277 C  CA  . ASP A 1 36 ? 9.098   2.975   -9.247  1.00 19.56 ? 36  ASP A CA  1 
ATOM   278 C  C   . ASP A 1 36 ? 9.391   1.493   -9.036  1.00 18.91 ? 36  ASP A C   1 
ATOM   279 O  O   . ASP A 1 36 ? 10.563  1.088   -9.081  1.00 18.91 ? 36  ASP A O   1 
ATOM   280 C  CB  . ASP A 1 36 ? 9.183   3.695   -7.914  1.00 20.47 ? 36  ASP A CB  1 
ATOM   281 C  CG  . ASP A 1 36 ? 9.132   5.176   -8.068  1.00 23.59 ? 36  ASP A CG  1 
ATOM   282 O  OD1 . ASP A 1 36 ? 9.788   5.681   -9.011  1.00 26.34 ? 36  ASP A OD1 1 
ATOM   283 O  OD2 . ASP A 1 36 ? 8.451   5.852   -7.260  1.00 23.62 ? 36  ASP A OD2 1 
ATOM   284 N  N   . LEU A 1 37 ? 8.348   0.709   -8.807  1.00 17.66 ? 37  LEU A N   1 
ATOM   285 C  CA  . LEU A 1 37 ? 8.514   -0.677  -8.399  1.00 18.12 ? 37  LEU A CA  1 
ATOM   286 C  C   . LEU A 1 37 ? 7.961   -1.626  -9.471  1.00 18.04 ? 37  LEU A C   1 
ATOM   287 O  O   . LEU A 1 37 ? 7.750   -2.817  -9.207  1.00 19.05 ? 37  LEU A O   1 
ATOM   288 C  CB  . LEU A 1 37 ? 7.826   -0.927  -7.029  1.00 17.43 ? 37  LEU A CB  1 
ATOM   289 C  CG  . LEU A 1 37 ? 8.253   0.031   -5.896  1.00 18.90 ? 37  LEU A CG  1 
ATOM   290 C  CD1 . LEU A 1 37 ? 7.576   -0.349  -4.513  1.00 18.07 ? 37  LEU A CD1 1 
ATOM   291 C  CD2 . LEU A 1 37 ? 9.809   0.166   -5.769  1.00 19.37 ? 37  LEU A CD2 1 
ATOM   292 N  N   . ASP A 1 38 ? 7.726   -1.105  -10.672 1.00 18.69 ? 38  ASP A N   1 
ATOM   293 C  CA  . ASP A 1 38 ? 7.264   -1.929  -11.810 1.00 19.34 ? 38  ASP A CA  1 
ATOM   294 C  C   . ASP A 1 38 ? 6.066   -2.806  -11.483 1.00 19.76 ? 38  ASP A C   1 
ATOM   295 O  O   . ASP A 1 38 ? 5.983   -3.958  -11.921 1.00 19.07 ? 38  ASP A O   1 
ATOM   296 C  CB  . ASP A 1 38 ? 8.422   -2.805  -12.298 1.00 20.05 ? 38  ASP A CB  1 
ATOM   297 C  CG  . ASP A 1 38 ? 8.191   -3.397  -13.687 1.00 20.42 ? 38  ASP A CG  1 
ATOM   298 O  OD1 . ASP A 1 38 ? 7.461   -2.823  -14.517 1.00 20.83 ? 38  ASP A OD1 1 
ATOM   299 O  OD2 . ASP A 1 38 ? 8.788   -4.452  -13.971 1.00 23.84 ? 38  ASP A OD2 1 
ATOM   300 N  N   . ALA A 1 39 ? 5.124   -2.304  -10.687 1.00 19.43 ? 39  ALA A N   1 
ATOM   301 C  CA  . ALA A 1 39 ? 3.894   -3.059  -10.456 1.00 19.74 ? 39  ALA A CA  1 
ATOM   302 C  C   . ALA A 1 39 ? 3.040   -3.082  -11.740 1.00 21.27 ? 39  ALA A C   1 
ATOM   303 O  O   . ALA A 1 39 ? 2.725   -2.034  -12.330 1.00 21.65 ? 39  ALA A O   1 
ATOM   304 C  CB  . ALA A 1 39 ? 3.093   -2.450  -9.293  1.00 18.64 ? 39  ALA A CB  1 
ATOM   305 N  N   . ASP A 1 40 ? 2.674   -4.278  -12.170 1.00 21.89 ? 40  ASP A N   1 
ATOM   306 C  CA  . ASP A 1 40 ? 1.762   -4.440  -13.297 1.00 22.65 ? 40  ASP A CA  1 
ATOM   307 C  C   . ASP A 1 40 ? 0.337   -4.480  -12.728 1.00 23.54 ? 40  ASP A C   1 
ATOM   308 O  O   . ASP A 1 40 ? 0.164   -4.338  -11.531 1.00 23.90 ? 40  ASP A O   1 
ATOM   309 C  CB  . ASP A 1 40 ? 2.108   -5.685  -14.087 1.00 23.74 ? 40  ASP A CB  1 
ATOM   310 C  CG  . ASP A 1 40 ? 2.144   -6.950  -13.228 1.00 21.92 ? 40  ASP A CG  1 
ATOM   311 O  OD1 . ASP A 1 40 ? 1.192   -7.222  -12.458 1.00 22.27 ? 40  ASP A OD1 1 
ATOM   312 O  OD2 . ASP A 1 40 ? 3.131   -7.696  -13.387 1.00 22.43 ? 40  ASP A OD2 1 
ATOM   313 N  N   A SER A 1 41 ? -0.662  -4.647  -13.588 0.50 23.99 ? 41  SER A N   1 
ATOM   314 N  N   B SER A 1 41 ? -0.670  -4.630  -13.582 0.50 23.94 ? 41  SER A N   1 
ATOM   315 C  CA  A SER A 1 41 ? -2.065  -4.632  -13.165 0.50 24.53 ? 41  SER A CA  1 
ATOM   316 C  CA  B SER A 1 41 ? -2.067  -4.607  -13.131 0.50 24.38 ? 41  SER A CA  1 
ATOM   317 C  C   A SER A 1 41 ? -2.420  -5.759  -12.191 0.50 24.40 ? 41  SER A C   1 
ATOM   318 C  C   B SER A 1 41 ? -2.410  -5.756  -12.173 0.50 24.34 ? 41  SER A C   1 
ATOM   319 O  O   A SER A 1 41 ? -3.105  -5.510  -11.185 0.50 24.32 ? 41  SER A O   1 
ATOM   320 O  O   B SER A 1 41 ? -3.083  -5.519  -11.155 0.50 24.25 ? 41  SER A O   1 
ATOM   321 C  CB  A SER A 1 41 ? -2.989  -4.668  -14.385 0.50 25.18 ? 41  SER A CB  1 
ATOM   322 C  CB  B SER A 1 41 ? -3.029  -4.604  -14.324 0.50 25.08 ? 41  SER A CB  1 
ATOM   323 O  OG  A SER A 1 41 ? -2.859  -3.464  -15.114 0.50 26.70 ? 41  SER A OG  1 
ATOM   324 O  OG  B SER A 1 41 ? -2.693  -5.626  -15.234 0.50 26.00 ? 41  SER A OG  1 
ATOM   325 N  N   . LEU A 1 42 ? -1.949  -6.975  -12.480 1.00 24.02 ? 42  LEU A N   1 
ATOM   326 C  CA  . LEU A 1 42 ? -2.093  -8.114  -11.525 1.00 25.48 ? 42  LEU A CA  1 
ATOM   327 C  C   . LEU A 1 42 ? -1.390  -7.835  -10.164 1.00 23.26 ? 42  LEU A C   1 
ATOM   328 O  O   . LEU A 1 42 ? -1.997  -8.039  -9.121  1.00 24.02 ? 42  LEU A O   1 
ATOM   329 C  CB  . LEU A 1 42 ? -1.659  -9.479  -12.124 1.00 25.33 ? 42  LEU A CB  1 
ATOM   330 C  CG  . LEU A 1 42 ? -1.732  -10.727 -11.194 1.00 30.00 ? 42  LEU A CG  1 
ATOM   331 C  CD1 . LEU A 1 42 ? -1.695  -12.031 -11.972 1.00 33.64 ? 42  LEU A CD1 1 
ATOM   332 C  CD2 . LEU A 1 42 ? -0.661  -10.780 -10.112 1.00 32.32 ? 42  LEU A CD2 1 
ATOM   333 N  N   . ASP A 1 43 ? -0.137  -7.366  -10.190 1.00 22.53 ? 43  ASP A N   1 
ATOM   334 C  CA  . ASP A 1 43 ? 0.648   -7.047  -8.987  1.00 20.55 ? 43  ASP A CA  1 
ATOM   335 C  C   . ASP A 1 43 ? -0.209  -6.080  -8.126  1.00 20.35 ? 43  ASP A C   1 
ATOM   336 O  O   . ASP A 1 43 ? -0.283  -6.225  -6.906  1.00 18.74 ? 43  ASP A O   1 
ATOM   337 C  CB  . ASP A 1 43 ? 1.974   -6.285  -9.312  1.00 19.64 ? 43  ASP A CB  1 
ATOM   338 C  CG  . ASP A 1 43 ? 2.997   -7.103  -10.111 1.00 21.48 ? 43  ASP A CG  1 
ATOM   339 O  OD1 . ASP A 1 43 ? 2.824   -8.318  -10.261 1.00 27.38 ? 43  ASP A OD1 1 
ATOM   340 O  OD2 . ASP A 1 43 ? 3.969   -6.516  -10.633 1.00 23.04 ? 43  ASP A OD2 1 
ATOM   341 N  N   . SER A 1 44 ? -0.792  -5.081  -8.794  1.00 20.09 ? 44  SER A N   1 
ATOM   342 C  CA  . SER A 1 44 ? -1.559  -4.013  -8.121  1.00 20.75 ? 44  SER A CA  1 
ATOM   343 C  C   . SER A 1 44 ? -2.854  -4.485  -7.429  1.00 20.06 ? 44  SER A C   1 
ATOM   344 O  O   . SER A 1 44 ? -3.141  -4.082  -6.321  1.00 18.68 ? 44  SER A O   1 
ATOM   345 C  CB  . SER A 1 44 ? -1.832  -2.863  -9.106  1.00 20.70 ? 44  SER A CB  1 
ATOM   346 O  OG  . SER A 1 44 ? -0.588  -2.285  -9.511  1.00 22.88 ? 44  SER A OG  1 
ATOM   347 N  N   . VAL A 1 45 ? -3.644  -5.318  -8.105  1.00 20.62 ? 45  VAL A N   1 
ATOM   348 C  CA  . VAL A 1 45 ? -4.822  -5.930  -7.500  1.00 20.61 ? 45  VAL A CA  1 
ATOM   349 C  C   . VAL A 1 45 ? -4.428  -6.775  -6.290  1.00 21.16 ? 45  VAL A C   1 
ATOM   350 O  O   . VAL A 1 45 ? -5.033  -6.633  -5.235  1.00 20.94 ? 45  VAL A O   1 
ATOM   351 C  CB  . VAL A 1 45 ? -5.627  -6.798  -8.482  1.00 21.10 ? 45  VAL A CB  1 
ATOM   352 C  CG1 . VAL A 1 45 ? -6.767  -7.449  -7.769  1.00 23.63 ? 45  VAL A CG1 1 
ATOM   353 C  CG2 . VAL A 1 45 ? -6.209  -5.923  -9.594  1.00 24.10 ? 45  VAL A CG2 1 
ATOM   354 N  N   . GLU A 1 46 ? -3.396  -7.610  -6.438  1.00 20.33 ? 46  GLU A N   1 
ATOM   355 C  CA  . GLU A 1 46 ? -2.972  -8.458  -5.330  1.00 20.31 ? 46  GLU A CA  1 
ATOM   356 C  C   . GLU A 1 46 ? -2.444  -7.604  -4.166  1.00 19.22 ? 46  GLU A C   1 
ATOM   357 O  O   . GLU A 1 46 ? -2.613  -7.964  -3.012  1.00 18.87 ? 46  GLU A O   1 
ATOM   358 C  CB  . GLU A 1 46 ? -1.935  -9.503  -5.767  1.00 19.95 ? 46  GLU A CB  1 
ATOM   359 C  CG  . GLU A 1 46 ? -2.507  -10.605 -6.691  1.00 23.05 ? 46  GLU A CG  1 
ATOM   360 C  CD  . GLU A 1 46 ? -3.770  -11.226 -6.137  1.00 28.27 ? 46  GLU A CD  1 
ATOM   361 O  OE1 . GLU A 1 46 ? -3.732  -11.777 -5.022  1.00 30.02 ? 46  GLU A OE1 1 
ATOM   362 O  OE2 . GLU A 1 46 ? -4.808  -11.168 -6.832  1.00 33.19 ? 46  GLU A OE2 1 
ATOM   363 N  N   . LEU A 1 47 ? -1.797  -6.488  -4.478  1.00 18.89 ? 47  LEU A N   1 
ATOM   364 C  CA  . LEU A 1 47 ? -1.208  -5.649  -3.425  1.00 17.55 ? 47  LEU A CA  1 
ATOM   365 C  C   . LEU A 1 47 ? -2.336  -5.000  -2.621  1.00 17.17 ? 47  LEU A C   1 
ATOM   366 O  O   . LEU A 1 47 ? -2.290  -4.935  -1.390  1.00 17.11 ? 47  LEU A O   1 
ATOM   367 C  CB  . LEU A 1 47 ? -0.311  -4.539  -4.030  1.00 17.91 ? 47  LEU A CB  1 
ATOM   368 C  CG  . LEU A 1 47 ? 0.277   -3.551  -3.029  1.00 16.41 ? 47  LEU A CG  1 
ATOM   369 C  CD1 . LEU A 1 47 ? 1.237   -4.222  -2.028  1.00 14.64 ? 47  LEU A CD1 1 
ATOM   370 C  CD2 . LEU A 1 47 ? 1.022   -2.416  -3.779  1.00 20.12 ? 47  LEU A CD2 1 
ATOM   371 N  N   . VAL A 1 48 ? -3.326  -4.506  -3.335  1.00 17.96 ? 48  VAL A N   1 
ATOM   372 C  CA  . VAL A 1 48 ? -4.526  -3.928  -2.722  1.00 19.94 ? 48  VAL A CA  1 
ATOM   373 C  C   . VAL A 1 48 ? -5.200  -4.944  -1.797  1.00 20.24 ? 48  VAL A C   1 
ATOM   374 O  O   . VAL A 1 48 ? -5.514  -4.635  -0.642  1.00 21.97 ? 48  VAL A O   1 
ATOM   375 C  CB  . VAL A 1 48 ? -5.521  -3.359  -3.783  1.00 20.29 ? 48  VAL A CB  1 
ATOM   376 C  CG1 . VAL A 1 48 ? -6.928  -3.153  -3.172  1.00 22.68 ? 48  VAL A CG1 1 
ATOM   377 C  CG2 . VAL A 1 48 ? -5.002  -2.010  -4.314  1.00 20.00 ? 48  VAL A CG2 1 
ATOM   378 N  N   . MET A 1 49 ? -5.400  -6.161  -2.295  1.00 20.83 ? 49  MET A N   1 
ATOM   379 C  CA  . MET A 1 49 ? -6.025  -7.200  -1.494  1.00 20.66 ? 49  MET A CA  1 
ATOM   380 C  C   . MET A 1 49 ? -5.184  -7.502  -0.253  1.00 20.46 ? 49  MET A C   1 
ATOM   381 O  O   . MET A 1 49 ? -5.725  -7.771  0.801   1.00 20.83 ? 49  MET A O   1 
ATOM   382 C  CB  . MET A 1 49 ? -6.198  -8.456  -2.353  1.00 20.56 ? 49  MET A CB  1 
ATOM   383 C  CG  . MET A 1 49 ? -7.244  -8.273  -3.441  1.00 25.59 ? 49  MET A CG  1 
ATOM   384 S  SD  . MET A 1 49 ? -7.650  -9.856  -4.288  1.00 34.11 ? 49  MET A SD  1 
ATOM   385 C  CE  . MET A 1 49 ? -8.869  -10.347 -3.092  1.00 35.02 ? 49  MET A CE  1 
ATOM   386 N  N   . ALA A 1 50 ? -3.857  -7.451  -0.377  1.00 19.92 ? 50  ALA A N   1 
ATOM   387 C  CA  . ALA A 1 50 ? -3.005  -7.711  0.765   1.00 18.85 ? 50  ALA A CA  1 
ATOM   388 C  C   . ALA A 1 50 ? -3.117  -6.626  1.828   1.00 18.84 ? 50  ALA A C   1 
ATOM   389 O  O   . ALA A 1 50 ? -3.092  -6.925  3.056   1.00 17.37 ? 50  ALA A O   1 
ATOM   390 C  CB  . ALA A 1 50 ? -1.519  -7.930  0.339   1.00 19.71 ? 50  ALA A CB  1 
ATOM   391 N  N   . PHE A 1 51 ? -3.198  -5.363  1.388   1.00 17.13 ? 51  PHE A N   1 
ATOM   392 C  CA  . PHE A 1 51 ? -3.453  -4.272  2.347   1.00 16.79 ? 51  PHE A CA  1 
ATOM   393 C  C   . PHE A 1 51 ? -4.782  -4.524  3.070   1.00 16.58 ? 51  PHE A C   1 
ATOM   394 O  O   . PHE A 1 51 ? -4.868  -4.380  4.322   1.00 17.13 ? 51  PHE A O   1 
ATOM   395 C  CB  . PHE A 1 51 ? -3.527  -2.876  1.687   1.00 16.10 ? 51  PHE A CB  1 
ATOM   396 C  CG  . PHE A 1 51 ? -2.201  -2.338  1.151   1.00 16.98 ? 51  PHE A CG  1 
ATOM   397 C  CD1 . PHE A 1 51 ? -1.015  -2.433  1.891   1.00 17.51 ? 51  PHE A CD1 1 
ATOM   398 C  CD2 . PHE A 1 51 ? -2.176  -1.716  -0.111  1.00 16.37 ? 51  PHE A CD2 1 
ATOM   399 C  CE1 . PHE A 1 51 ? 0.215   -1.942  1.362   1.00 17.97 ? 51  PHE A CE1 1 
ATOM   400 C  CE2 . PHE A 1 51 ? -0.987  -1.223  -0.644  1.00 14.69 ? 51  PHE A CE2 1 
ATOM   401 C  CZ  . PHE A 1 51 ? 0.214   -1.305  0.135   1.00 12.62 ? 51  PHE A CZ  1 
ATOM   402 N  N   . GLU A 1 52 ? -5.811  -4.914  2.309   1.00 18.16 ? 52  GLU A N   1 
ATOM   403 C  CA  . GLU A 1 52 ? -7.131  -5.180  2.921   1.00 18.90 ? 52  GLU A CA  1 
ATOM   404 C  C   . GLU A 1 52 ? -7.062  -6.292  3.993   1.00 20.39 ? 52  GLU A C   1 
ATOM   405 O  O   . GLU A 1 52 ? -7.545  -6.106  5.103   1.00 20.68 ? 52  GLU A O   1 
ATOM   406 C  CB  . GLU A 1 52 ? -8.166  -5.557  1.872   1.00 19.15 ? 52  GLU A CB  1 
ATOM   407 C  CG  . GLU A 1 52 ? -8.573  -4.403  0.958   1.00 17.99 ? 52  GLU A CG  1 
ATOM   408 C  CD  . GLU A 1 52 ? -9.532  -4.883  -0.066  1.00 22.68 ? 52  GLU A CD  1 
ATOM   409 O  OE1 . GLU A 1 52 ? -9.196  -5.891  -0.706  1.00 25.60 ? 52  GLU A OE1 1 
ATOM   410 O  OE2 . GLU A 1 52 ? -10.603 -4.305  -0.239  1.00 21.95 ? 52  GLU A OE2 1 
ATOM   411 N  N   . GLU A 1 53 ? -6.429  -7.413  3.671   1.00 20.59 ? 53  GLU A N   1 
ATOM   412 C  CA  . GLU A 1 53 ? -6.280  -8.528  4.614   1.00 21.80 ? 53  GLU A CA  1 
ATOM   413 C  C   . GLU A 1 53 ? -5.373  -8.206  5.801   1.00 21.10 ? 53  GLU A C   1 
ATOM   414 O  O   . GLU A 1 53 ? -5.693  -8.496  6.984   1.00 20.14 ? 53  GLU A O   1 
ATOM   415 C  CB  . GLU A 1 53 ? -5.669  -9.721  3.886   1.00 22.97 ? 53  GLU A CB  1 
ATOM   416 C  CG  . GLU A 1 53 ? -6.501  -10.334 2.799   1.00 28.36 ? 53  GLU A CG  1 
ATOM   417 C  CD  . GLU A 1 53 ? -5.888  -11.638 2.349   1.00 36.19 ? 53  GLU A CD  1 
ATOM   418 O  OE1 . GLU A 1 53 ? -5.093  -12.250 3.119   1.00 42.09 ? 53  GLU A OE1 1 
ATOM   419 O  OE2 . GLU A 1 53 ? -6.180  -12.057 1.223   1.00 42.03 ? 53  GLU A OE2 1 
ATOM   420 N  N   . LYS A 1 54 ? -4.208  -7.644  5.481   1.00 19.59 ? 54  LYS A N   1 
ATOM   421 C  CA  . LYS A 1 54 ? -3.214  -7.316  6.501   1.00 19.00 ? 54  LYS A CA  1 
ATOM   422 C  C   . LYS A 1 54 ? -3.648  -6.233  7.508   1.00 19.51 ? 54  LYS A C   1 
ATOM   423 O  O   . LYS A 1 54 ? -3.144  -6.210  8.634   1.00 20.32 ? 54  LYS A O   1 
ATOM   424 C  CB  . LYS A 1 54 ? -1.911  -6.873  5.815   1.00 19.19 ? 54  LYS A CB  1 
ATOM   425 C  CG  . LYS A 1 54 ? -1.098  -8.037  5.236   1.00 17.76 ? 54  LYS A CG  1 
ATOM   426 C  CD  . LYS A 1 54 ? -0.243  -8.682  6.346   1.00 21.85 ? 54  LYS A CD  1 
ATOM   427 C  CE  . LYS A 1 54 ? 0.435   -9.939  5.864   1.00 22.17 ? 54  LYS A CE  1 
ATOM   428 N  NZ  . LYS A 1 54 ? 1.358   -10.472 6.900   1.00 20.34 ? 54  LYS A NZ  1 
ATOM   429 N  N   . PHE A 1 55 ? -4.517  -5.319  7.089   1.00 18.10 ? 55  PHE A N   1 
ATOM   430 C  CA  . PHE A 1 55 ? -4.902  -4.216  7.941   1.00 18.59 ? 55  PHE A CA  1 
ATOM   431 C  C   . PHE A 1 55 ? -6.400  -4.230  8.335   1.00 18.46 ? 55  PHE A C   1 
ATOM   432 O  O   . PHE A 1 55 ? -6.836  -3.383  9.098   1.00 19.39 ? 55  PHE A O   1 
ATOM   433 C  CB  . PHE A 1 55 ? -4.460  -2.861  7.347   1.00 17.44 ? 55  PHE A CB  1 
ATOM   434 C  CG  . PHE A 1 55 ? -2.984  -2.713  7.249   1.00 19.47 ? 55  PHE A CG  1 
ATOM   435 C  CD1 . PHE A 1 55 ? -2.241  -2.285  8.354   1.00 19.30 ? 55  PHE A CD1 1 
ATOM   436 C  CD2 . PHE A 1 55 ? -2.307  -3.044  6.061   1.00 14.83 ? 55  PHE A CD2 1 
ATOM   437 C  CE1 . PHE A 1 55 ? -0.844  -2.160  8.272   1.00 18.66 ? 55  PHE A CE1 1 
ATOM   438 C  CE2 . PHE A 1 55 ? -0.938  -2.914  5.976   1.00 18.76 ? 55  PHE A CE2 1 
ATOM   439 C  CZ  . PHE A 1 55 ? -0.207  -2.473  7.067   1.00 17.12 ? 55  PHE A CZ  1 
ATOM   440 N  N   . GLY A 1 56 ? -7.142  -5.200  7.824   1.00 19.36 ? 56  GLY A N   1 
ATOM   441 C  CA  . GLY A 1 56 ? -8.571  -5.312  8.083   1.00 20.04 ? 56  GLY A CA  1 
ATOM   442 C  C   . GLY A 1 56 ? -9.305  -4.058  7.632   1.00 19.88 ? 56  GLY A C   1 
ATOM   443 O  O   . GLY A 1 56 ? -10.095 -3.476  8.374   1.00 19.64 ? 56  GLY A O   1 
ATOM   444 N  N   . VAL A 1 57 ? -9.068  -3.661  6.382   1.00 19.17 ? 57  VAL A N   1 
ATOM   445 C  CA  . VAL A 1 57 ? -9.733  -2.490  5.813   1.00 20.89 ? 57  VAL A CA  1 
ATOM   446 C  C   . VAL A 1 57 ? -10.340 -2.903  4.485   1.00 21.35 ? 57  VAL A C   1 
ATOM   447 O  O   . VAL A 1 57 ? -9.951  -3.931  3.914   1.00 21.71 ? 57  VAL A O   1 
ATOM   448 C  CB  . VAL A 1 57 ? -8.763  -1.267  5.640   1.00 20.93 ? 57  VAL A CB  1 
ATOM   449 C  CG1 . VAL A 1 57 ? -8.217  -0.793  6.989   1.00 22.37 ? 57  VAL A CG1 1 
ATOM   450 C  CG2 . VAL A 1 57 ? -7.588  -1.583  4.618   1.00 21.35 ? 57  VAL A CG2 1 
ATOM   451 N  N   . SER A 1 58 ? -11.303 -2.126  4.000   1.00 21.20 ? 58  SER A N   1 
ATOM   452 C  CA  A SER A 1 58 ? -11.922 -2.383  2.700   0.50 21.16 ? 58  SER A CA  1 
ATOM   453 C  CA  B SER A 1 58 ? -11.965 -2.352  2.711   0.50 21.60 ? 58  SER A CA  1 
ATOM   454 C  C   . SER A 1 58 ? -11.488 -1.317  1.704   1.00 21.77 ? 58  SER A C   1 
ATOM   455 O  O   . SER A 1 58 ? -11.494 -0.114  2.020   1.00 21.42 ? 58  SER A O   1 
ATOM   456 C  CB  A SER A 1 58 ? -13.452 -2.416  2.819   0.50 21.30 ? 58  SER A CB  1 
ATOM   457 C  CB  B SER A 1 58 ? -13.482 -2.196  2.875   0.50 21.59 ? 58  SER A CB  1 
ATOM   458 O  OG  A SER A 1 58 ? -13.884 -3.568  3.532   0.50 18.75 ? 58  SER A OG  1 
ATOM   459 O  OG  B SER A 1 58 ? -14.131 -2.211  1.618   0.50 21.93 ? 58  SER A OG  1 
ATOM   460 N  N   . ILE A 1 59 ? -11.079 -1.771  0.520   1.00 21.44 ? 59  ILE A N   1 
ATOM   461 C  CA  . ILE A 1 59 ? -10.590 -0.881  -0.547  1.00 22.26 ? 59  ILE A CA  1 
ATOM   462 C  C   . ILE A 1 59 ? -11.330 -1.187  -1.844  1.00 23.10 ? 59  ILE A C   1 
ATOM   463 O  O   . ILE A 1 59 ? -10.840 -1.984  -2.711  1.00 23.84 ? 59  ILE A O   1 
ATOM   464 C  CB  . ILE A 1 59 ? -9.045  -0.930  -0.766  1.00 21.88 ? 59  ILE A CB  1 
ATOM   465 C  CG1 . ILE A 1 59 ? -8.296  -0.720  0.541   1.00 20.15 ? 59  ILE A CG1 1 
ATOM   466 C  CG2 . ILE A 1 59 ? -8.622  0.135   -1.791  1.00 22.15 ? 59  ILE A CG2 1 
ATOM   467 C  CD1 . ILE A 1 59 ? -6.781  -0.978  0.474   1.00 21.35 ? 59  ILE A CD1 1 
ATOM   468 N  N   . PRO A 1 60 ? -12.510 -0.569  -2.000  1.00 23.16 ? 60  PRO A N   1 
ATOM   469 C  CA  . PRO A 1 60 ? -13.301 -0.852  -3.203  1.00 24.48 ? 60  PRO A CA  1 
ATOM   470 C  C   . PRO A 1 60 ? -12.583 -0.332  -4.459  1.00 25.11 ? 60  PRO A C   1 
ATOM   471 O  O   . PRO A 1 60 ? -11.637 0.460   -4.314  1.00 23.55 ? 60  PRO A O   1 
ATOM   472 C  CB  . PRO A 1 60 ? -14.639 -0.152  -2.911  1.00 24.89 ? 60  PRO A CB  1 
ATOM   473 C  CG  . PRO A 1 60 ? -14.335 0.890   -1.955  1.00 24.54 ? 60  PRO A CG  1 
ATOM   474 C  CD  . PRO A 1 60 ? -13.174 0.422   -1.122  1.00 23.31 ? 60  PRO A CD  1 
ATOM   475 N  N   . ASP A 1 61 ? -12.977 -0.787  -5.661  1.00 25.70 ? 61  ASP A N   1 
ATOM   476 C  CA  A ASP A 1 61 ? -12.163 -0.502  -6.856  0.50 26.35 ? 61  ASP A CA  1 
ATOM   477 C  CA  B ASP A 1 61 ? -12.240 -0.499  -6.914  0.50 25.55 ? 61  ASP A CA  1 
ATOM   478 C  C   . ASP A 1 61 ? -12.000 0.992   -7.129  1.00 26.20 ? 61  ASP A C   1 
ATOM   479 O  O   . ASP A 1 61 ? -10.963 1.418   -7.649  1.00 25.32 ? 61  ASP A O   1 
ATOM   480 C  CB  A ASP A 1 61 ? -12.633 -1.263  -8.106  0.50 27.12 ? 61  ASP A CB  1 
ATOM   481 C  CB  B ASP A 1 61 ? -12.985 -1.051  -8.134  0.50 25.62 ? 61  ASP A CB  1 
ATOM   482 C  CG  A ASP A 1 61 ? -14.127 -1.174  -8.334  0.50 29.30 ? 61  ASP A CG  1 
ATOM   483 C  CG  B ASP A 1 61 ? -12.565 -2.459  -8.504  0.50 24.73 ? 61  ASP A CG  1 
ATOM   484 O  OD1 A ASP A 1 61 ? -14.853 -0.582  -7.505  0.50 31.75 ? 61  ASP A OD1 1 
ATOM   485 O  OD1 B ASP A 1 61 ? -11.691 -3.055  -7.813  0.50 22.31 ? 61  ASP A OD1 1 
ATOM   486 O  OD2 A ASP A 1 61 ? -14.589 -1.706  -9.361  0.50 34.13 ? 61  ASP A OD2 1 
ATOM   487 O  OD2 B ASP A 1 61 ? -13.112 -2.969  -9.508  0.50 25.51 ? 61  ASP A OD2 1 
ATOM   488 N  N   . GLU A 1 62 ? -12.996 1.774   -6.740  1.00 26.71 ? 62  GLU A N   1 
ATOM   489 C  CA  A GLU A 1 62 ? -12.940 3.218   -6.945  0.50 27.07 ? 62  GLU A CA  1 
ATOM   490 C  CA  B GLU A 1 62 ? -12.980 3.212   -6.903  0.50 27.21 ? 62  GLU A CA  1 
ATOM   491 C  C   . GLU A 1 62 ? -11.855 3.854   -6.082  1.00 27.10 ? 62  GLU A C   1 
ATOM   492 O  O   . GLU A 1 62 ? -11.185 4.786   -6.543  1.00 28.77 ? 62  GLU A O   1 
ATOM   493 C  CB  A GLU A 1 62 ? -14.284 3.908   -6.711  0.50 27.79 ? 62  GLU A CB  1 
ATOM   494 C  CB  B GLU A 1 62 ? -14.349 3.741   -6.510  0.50 28.01 ? 62  GLU A CB  1 
ATOM   495 C  CG  A GLU A 1 62 ? -15.512 3.022   -6.852  0.50 29.57 ? 62  GLU A CG  1 
ATOM   496 C  CG  B GLU A 1 62 ? -15.260 2.650   -5.906  0.50 30.52 ? 62  GLU A CG  1 
ATOM   497 C  CD  A GLU A 1 62 ? -15.906 2.391   -5.516  0.50 31.13 ? 62  GLU A CD  1 
ATOM   498 C  CD  B GLU A 1 62 ? -15.956 1.756   -6.944  0.50 31.80 ? 62  GLU A CD  1 
ATOM   499 O  OE1 A GLU A 1 62 ? -15.607 2.995   -4.454  0.50 32.36 ? 62  GLU A OE1 1 
ATOM   500 O  OE1 B GLU A 1 62 ? -16.208 0.567   -6.616  0.50 33.19 ? 62  GLU A OE1 1 
ATOM   501 O  OE2 A GLU A 1 62 ? -16.541 1.312   -5.523  0.50 33.47 ? 62  GLU A OE2 1 
ATOM   502 O  OE2 B GLU A 1 62 ? -16.281 2.195   -8.081  0.50 31.62 ? 62  GLU A OE2 1 
ATOM   503 N  N   . GLU A 1 63 ? -11.645 3.350   -4.868  1.00 24.76 ? 63  GLU A N   1 
ATOM   504 C  CA  . GLU A 1 63 ? -10.532 3.847   -4.038  1.00 23.94 ? 63  GLU A CA  1 
ATOM   505 C  C   . GLU A 1 63 ? -9.203  3.180   -4.445  1.00 22.66 ? 63  GLU A C   1 
ATOM   506 O  O   . GLU A 1 63 ? -8.157  3.835   -4.423  1.00 21.97 ? 63  GLU A O   1 
ATOM   507 C  CB  . GLU A 1 63 ? -10.798 3.603   -2.541  1.00 24.07 ? 63  GLU A CB  1 
ATOM   508 C  CG  . GLU A 1 63 ? -12.068 4.186   -1.989  1.00 26.52 ? 63  GLU A CG  1 
ATOM   509 C  CD  . GLU A 1 63 ? -12.049 5.700   -1.934  1.00 34.70 ? 63  GLU A CD  1 
ATOM   510 O  OE1 . GLU A 1 63 ? -10.941 6.321   -1.934  1.00 35.45 ? 63  GLU A OE1 1 
ATOM   511 O  OE2 . GLU A 1 63 ? -13.162 6.271   -1.893  1.00 39.46 ? 63  GLU A OE2 1 
ATOM   512 N  N   . ALA A 1 64 ? -9.249  1.903   -4.855  1.00 20.99 ? 64  ALA A N   1 
ATOM   513 C  CA  . ALA A 1 64 ? -8.031  1.142   -5.235  1.00 20.16 ? 64  ALA A CA  1 
ATOM   514 C  C   . ALA A 1 64 ? -7.199  1.844   -6.305  1.00 21.27 ? 64  ALA A C   1 
ATOM   515 O  O   . ALA A 1 64 ? -5.959  1.859   -6.243  1.00 20.31 ? 64  ALA A O   1 
ATOM   516 C  CB  . ALA A 1 64 ? -8.405  -0.250  -5.700  1.00 20.32 ? 64  ALA A CB  1 
ATOM   517 N  N   . SER A 1 65 ? -7.877  2.471   -7.266  1.00 22.15 ? 65  SER A N   1 
ATOM   518 C  CA  . SER A 1 65 ? -7.189  3.151   -8.364  1.00 23.39 ? 65  SER A CA  1 
ATOM   519 C  C   . SER A 1 65 ? -6.374  4.351   -7.867  1.00 24.31 ? 65  SER A C   1 
ATOM   520 O  O   . SER A 1 65 ? -5.405  4.758   -8.494  1.00 24.14 ? 65  SER A O   1 
ATOM   521 C  CB  . SER A 1 65 ? -8.218  3.552   -9.441  1.00 25.10 ? 65  SER A CB  1 
ATOM   522 O  OG  . SER A 1 65 ? -9.139  4.524   -8.965  1.00 26.51 ? 65  SER A OG  1 
ATOM   523 N  N   . LYS A 1 66 ? -6.723  4.867   -6.691  1.00 22.95 ? 66  LYS A N   1 
ATOM   524 C  CA  . LYS A 1 66 ? -6.084  6.050   -6.158  1.00 23.50 ? 66  LYS A CA  1 
ATOM   525 C  C   . LYS A 1 66 ? -4.956  5.705   -5.195  1.00 23.30 ? 66  LYS A C   1 
ATOM   526 O  O   . LYS A 1 66 ? -4.334  6.610   -4.668  1.00 25.01 ? 66  LYS A O   1 
ATOM   527 C  CB  . LYS A 1 66 ? -7.130  6.933   -5.456  1.00 24.70 ? 66  LYS A CB  1 
ATOM   528 C  CG  . LYS A 1 66 ? -8.263  7.371   -6.419  1.00 25.12 ? 66  LYS A CG  1 
ATOM   529 C  CD  . LYS A 1 66 ? -9.208  8.401   -5.836  1.00 33.04 ? 66  LYS A CD  1 
ATOM   530 C  CE  . LYS A 1 66 ? -10.116 7.853   -4.746  1.00 36.16 ? 66  LYS A CE  1 
ATOM   531 N  NZ  . LYS A 1 66 ? -11.196 8.865   -4.296  1.00 39.44 ? 66  LYS A NZ  1 
ATOM   532 N  N   . ILE A 1 67 ? -4.704  4.412   -4.948  1.00 21.33 ? 67  ILE A N   1 
ATOM   533 C  CA  . ILE A 1 67 ? -3.625  4.015   -4.045  1.00 20.13 ? 67  ILE A CA  1 
ATOM   534 C  C   . ILE A 1 67 ? -2.374  3.855   -4.930  1.00 20.67 ? 67  ILE A C   1 
ATOM   535 O  O   . ILE A 1 67 ? -2.049  2.741   -5.353  1.00 19.93 ? 67  ILE A O   1 
ATOM   536 C  CB  . ILE A 1 67 ? -3.941  2.700   -3.272  1.00 20.86 ? 67  ILE A CB  1 
ATOM   537 C  CG1 . ILE A 1 67 ? -5.278  2.739   -2.523  1.00 21.41 ? 67  ILE A CG1 1 
ATOM   538 C  CG2 . ILE A 1 67 ? -2.775  2.312   -2.285  1.00 20.43 ? 67  ILE A CG2 1 
ATOM   539 C  CD1 . ILE A 1 67 ? -5.310  3.635   -1.352  1.00 25.10 ? 67  ILE A CD1 1 
ATOM   540 N  N   . ALA A 1 68 ? -1.706  4.967   -5.224  1.00 18.32 ? 68  ALA A N   1 
ATOM   541 C  CA  . ALA A 1 68 ? -0.573  4.991   -6.151  1.00 18.85 ? 68  ALA A CA  1 
ATOM   542 C  C   . ALA A 1 68 ? 0.754   4.779   -5.466  1.00 17.78 ? 68  ALA A C   1 
ATOM   543 O  O   . ALA A 1 68 ? 1.694   4.270   -6.072  1.00 17.57 ? 68  ALA A O   1 
ATOM   544 C  CB  . ALA A 1 68 ? -0.566  6.355   -6.921  1.00 18.73 ? 68  ALA A CB  1 
ATOM   545 N  N   . THR A 1 69 ? 0.845   5.265   -4.225  1.00 17.55 ? 69  THR A N   1 
ATOM   546 C  CA  . THR A 1 69 ? 2.095   5.306   -3.474  1.00 16.65 ? 69  THR A CA  1 
ATOM   547 C  C   . THR A 1 69 ? 1.962   4.625   -2.122  1.00 15.80 ? 69  THR A C   1 
ATOM   548 O  O   . THR A 1 69 ? 0.842   4.312   -1.665  1.00 14.63 ? 69  THR A O   1 
ATOM   549 C  CB  . THR A 1 69 ? 2.572   6.755   -3.225  1.00 16.99 ? 69  THR A CB  1 
ATOM   550 O  OG1 . THR A 1 69 ? 1.661   7.362   -2.295  1.00 13.98 ? 69  THR A OG1 1 
ATOM   551 C  CG2 . THR A 1 69 ? 2.624   7.573   -4.540  1.00 18.66 ? 69  THR A CG2 1 
ATOM   552 N  N   . VAL A 1 70 ? 3.125   4.382   -1.498  1.00 15.74 ? 70  VAL A N   1 
ATOM   553 C  CA  . VAL A 1 70 ? 3.237   3.896   -0.126  1.00 14.17 ? 70  VAL A CA  1 
ATOM   554 C  C   . VAL A 1 70 ? 2.448   4.857   0.815   1.00 15.28 ? 70  VAL A C   1 
ATOM   555 O  O   . VAL A 1 70 ? 1.658   4.401   1.659   1.00 15.42 ? 70  VAL A O   1 
ATOM   556 C  CB  . VAL A 1 70 ? 4.704   3.763   0.306   1.00 15.17 ? 70  VAL A CB  1 
ATOM   557 C  CG1 . VAL A 1 70 ? 4.829   3.604   1.825   1.00 12.92 ? 70  VAL A CG1 1 
ATOM   558 C  CG2 . VAL A 1 70 ? 5.400   2.545   -0.415  1.00 10.78 ? 70  VAL A CG2 1 
ATOM   559 N  N   A GLN A 1 71 ? 2.667   6.164   0.659   0.70 14.61 ? 71  GLN A N   1 
ATOM   560 N  N   B GLN A 1 71 ? 2.660   6.164   0.647   0.30 14.94 ? 71  GLN A N   1 
ATOM   561 C  CA  A GLN A 1 71 ? 1.939   7.140   1.490   0.70 15.83 ? 71  GLN A CA  1 
ATOM   562 C  CA  B GLN A 1 71 ? 1.976   7.184   1.461   0.30 15.56 ? 71  GLN A CA  1 
ATOM   563 C  C   A GLN A 1 71 ? 0.423   7.031   1.353   0.70 14.93 ? 71  GLN A C   1 
ATOM   564 C  C   B GLN A 1 71 ? 0.444   7.142   1.321   0.30 15.15 ? 71  GLN A C   1 
ATOM   565 O  O   A GLN A 1 71 ? -0.309  7.158   2.360   0.70 14.89 ? 71  GLN A O   1 
ATOM   566 O  O   B GLN A 1 71 ? -0.277  7.374   2.303   0.30 15.11 ? 71  GLN A O   1 
ATOM   567 C  CB  A GLN A 1 71 ? 2.346   8.585   1.148   0.70 16.02 ? 71  GLN A CB  1 
ATOM   568 C  CB  B GLN A 1 71 ? 2.526   8.588   1.127   0.30 15.58 ? 71  GLN A CB  1 
ATOM   569 C  CG  A GLN A 1 71 ? 1.648   9.597   2.082   0.70 19.26 ? 71  GLN A CG  1 
ATOM   570 C  CG  B GLN A 1 71 ? 2.090   9.712   2.088   0.30 17.29 ? 71  GLN A CG  1 
ATOM   571 C  CD  A GLN A 1 71 ? 2.130   9.491   3.504   0.70 21.43 ? 71  GLN A CD  1 
ATOM   572 C  CD  B GLN A 1 71 ? 0.893   10.493  1.564   0.30 18.41 ? 71  GLN A CD  1 
ATOM   573 O  OE1 A GLN A 1 71 ? 3.275   9.799   3.786   0.70 24.40 ? 71  GLN A OE1 1 
ATOM   574 O  OE1 B GLN A 1 71 ? 0.702   10.630  0.355   0.30 17.68 ? 71  GLN A OE1 1 
ATOM   575 N  NE2 A GLN A 1 71 ? 1.257   9.048   4.414   0.70 22.41 ? 71  GLN A NE2 1 
ATOM   576 N  NE2 B GLN A 1 71 ? 0.084   11.017  2.476   0.30 19.40 ? 71  GLN A NE2 1 
ATOM   577 N  N   . ASP A 1 72 ? -0.044  6.850   0.113   1.00 15.05 ? 72  ASP A N   1 
ATOM   578 C  CA  . ASP A 1 72 ? -1.510  6.744   -0.153  1.00 15.61 ? 72  ASP A CA  1 
ATOM   579 C  C   . ASP A 1 72 ? -2.084  5.602   0.646   1.00 15.70 ? 72  ASP A C   1 
ATOM   580 O  O   . ASP A 1 72 ? -3.115  5.746   1.314   1.00 14.21 ? 72  ASP A O   1 
ATOM   581 C  CB  . ASP A 1 72 ? -1.835  6.501   -1.655  1.00 15.25 ? 72  ASP A CB  1 
ATOM   582 C  CG  . ASP A 1 72 ? -1.470  7.656   -2.519  1.00 15.02 ? 72  ASP A CG  1 
ATOM   583 O  OD1 . ASP A 1 72 ? -1.356  8.768   -1.982  1.00 16.05 ? 72  ASP A OD1 1 
ATOM   584 O  OD2 . ASP A 1 72 ? -1.306  7.467   -3.736  1.00 17.66 ? 72  ASP A OD2 1 
ATOM   585 N  N   . ALA A 1 73 ? -1.410  4.462   0.576   1.00 16.23 ? 73  ALA A N   1 
ATOM   586 C  CA  . ALA A 1 73 ? -1.860  3.275   1.317   1.00 16.71 ? 73  ALA A CA  1 
ATOM   587 C  C   . ALA A 1 73 ? -1.898  3.531   2.836   1.00 16.41 ? 73  ALA A C   1 
ATOM   588 O  O   . ALA A 1 73 ? -2.926  3.263   3.488   1.00 17.85 ? 73  ALA A O   1 
ATOM   589 C  CB  . ALA A 1 73 ? -0.974  2.034   0.961   1.00 16.73 ? 73  ALA A CB  1 
ATOM   590 N  N   . LEU A 1 74 ? -0.806  4.073   3.381   1.00 15.98 ? 74  LEU A N   1 
ATOM   591 C  CA  . LEU A 1 74 ? -0.690  4.453   4.821   1.00 17.03 ? 74  LEU A CA  1 
ATOM   592 C  C   . LEU A 1 74 ? -1.813  5.400   5.248   1.00 17.08 ? 74  LEU A C   1 
ATOM   593 O  O   . LEU A 1 74 ? -2.504  5.155   6.250   1.00 17.07 ? 74  LEU A O   1 
ATOM   594 C  CB  . LEU A 1 74 ? 0.665   5.114   5.067   1.00 17.08 ? 74  LEU A CB  1 
ATOM   595 C  CG  . LEU A 1 74 ? 1.055   5.550   6.499   1.00 21.45 ? 74  LEU A CG  1 
ATOM   596 C  CD1 . LEU A 1 74 ? 0.891   4.382   7.442   1.00 23.81 ? 74  LEU A CD1 1 
ATOM   597 C  CD2 . LEU A 1 74 ? 2.490   5.968   6.461   1.00 22.33 ? 74  LEU A CD2 1 
ATOM   598 N  N   . SER A 1 75 ? -1.988  6.485   4.494   1.00 18.27 ? 75  SER A N   1 
ATOM   599 C  CA  . SER A 1 75 ? -3.042  7.479   4.804   1.00 18.86 ? 75  SER A CA  1 
ATOM   600 C  C   . SER A 1 75 ? -4.420  6.860   4.746   1.00 18.55 ? 75  SER A C   1 
ATOM   601 O  O   . SER A 1 75 ? -5.260  7.127   5.630   1.00 18.89 ? 75  SER A O   1 
ATOM   602 C  CB  . SER A 1 75 ? -2.944  8.688   3.846   1.00 19.61 ? 75  SER A CB  1 
ATOM   603 O  OG  . SER A 1 75 ? -1.753  9.389   4.169   1.00 21.21 ? 75  SER A OG  1 
ATOM   604 N  N   . TYR A 1 76 ? -4.669  6.033   3.724   1.00 18.89 ? 76  TYR A N   1 
ATOM   605 C  CA  . TYR A 1 76 ? -5.971  5.354   3.611   1.00 18.37 ? 76  TYR A CA  1 
ATOM   606 C  C   . TYR A 1 76 ? -6.294  4.456   4.822   1.00 18.70 ? 76  TYR A C   1 
ATOM   607 O  O   . TYR A 1 76 ? -7.448  4.470   5.370   1.00 17.84 ? 76  TYR A O   1 
ATOM   608 C  CB  . TYR A 1 76 ? -6.019  4.500   2.348   1.00 18.42 ? 76  TYR A CB  1 
ATOM   609 C  CG  . TYR A 1 76 ? -7.411  3.939   2.065   1.00 20.12 ? 76  TYR A CG  1 
ATOM   610 C  CD1 . TYR A 1 76 ? -8.258  4.583   1.182   1.00 22.88 ? 76  TYR A CD1 1 
ATOM   611 C  CD2 . TYR A 1 76 ? -7.854  2.752   2.673   1.00 20.64 ? 76  TYR A CD2 1 
ATOM   612 C  CE1 . TYR A 1 76 ? -9.530  4.076   0.904   1.00 23.50 ? 76  TYR A CE1 1 
ATOM   613 C  CE2 . TYR A 1 76 ? -9.110  2.257   2.423   1.00 22.38 ? 76  TYR A CE2 1 
ATOM   614 C  CZ  . TYR A 1 76 ? -9.948  2.926   1.520   1.00 23.83 ? 76  TYR A CZ  1 
ATOM   615 O  OH  . TYR A 1 76 ? -11.204 2.443   1.213   1.00 24.60 ? 76  TYR A OH  1 
ATOM   616 N  N   . ILE A 1 77 ? -5.296  3.670   5.228   1.00 16.90 ? 77  ILE A N   1 
ATOM   617 C  CA  . ILE A 1 77 ? -5.430  2.739   6.357   1.00 18.15 ? 77  ILE A CA  1 
ATOM   618 C  C   . ILE A 1 77 ? -5.642  3.517   7.661   1.00 19.81 ? 77  ILE A C   1 
ATOM   619 O  O   . ILE A 1 77 ? -6.586  3.236   8.458   1.00 19.46 ? 77  ILE A O   1 
ATOM   620 C  CB  . ILE A 1 77 ? -4.181  1.802   6.434   1.00 17.75 ? 77  ILE A CB  1 
ATOM   621 C  CG1 . ILE A 1 77 ? -4.178  0.826   5.265   1.00 17.08 ? 77  ILE A CG1 1 
ATOM   622 C  CG2 . ILE A 1 77 ? -4.065  1.096   7.811   1.00 19.57 ? 77  ILE A CG2 1 
ATOM   623 C  CD1 . ILE A 1 77 ? -2.737  0.273   4.903   1.00 17.52 ? 77  ILE A CD1 1 
ATOM   624 N  N   . GLU A 1 78 ? -4.802  4.534   7.869   1.00 19.43 ? 78  GLU A N   1 
ATOM   625 C  CA  . GLU A 1 78 ? -4.975  5.412   9.024   1.00 22.72 ? 78  GLU A CA  1 
ATOM   626 C  C   . GLU A 1 78 ? -6.382  6.011   9.136   1.00 23.18 ? 78  GLU A C   1 
ATOM   627 O  O   . GLU A 1 78 ? -6.990  5.959   10.216  1.00 24.36 ? 78  GLU A O   1 
ATOM   628 C  CB  . GLU A 1 78 ? -3.892  6.484   9.038   1.00 21.79 ? 78  GLU A CB  1 
ATOM   629 C  CG  . GLU A 1 78 ? -4.064  7.556   10.126  1.00 26.36 ? 78  GLU A CG  1 
ATOM   630 C  CD  . GLU A 1 78 ? -2.958  8.607   10.087  1.00 33.92 ? 78  GLU A CD  1 
ATOM   631 O  OE1 . GLU A 1 78 ? -2.295  8.778   9.009   1.00 33.16 ? 78  GLU A OE1 1 
ATOM   632 O  OE2 . GLU A 1 78 ? -2.760  9.269   11.139  1.00 36.62 ? 78  GLU A OE2 1 
ATOM   633 N  N   . LYS A 1 79 ? -6.893  6.552   8.033   1.00 24.65 ? 79  LYS A N   1 
ATOM   634 C  CA  . LYS A 1 79 ? -8.263  7.095   7.964   1.00 26.52 ? 79  LYS A CA  1 
ATOM   635 C  C   . LYS A 1 79 ? -9.346  6.020   8.198   1.00 27.32 ? 79  LYS A C   1 
ATOM   636 O  O   . LYS A 1 79 ? -10.318 6.250   8.936   1.00 26.79 ? 79  LYS A O   1 
ATOM   637 C  CB  . LYS A 1 79 ? -8.480  7.767   6.613   1.00 26.61 ? 79  LYS A CB  1 
ATOM   638 C  CG  . LYS A 1 79 ? -9.920  8.146   6.297   1.00 30.57 ? 79  LYS A CG  1 
ATOM   639 C  CD  . LYS A 1 79 ? -9.978  9.181   5.165   1.00 36.37 ? 79  LYS A CD  1 
ATOM   640 C  CE  . LYS A 1 79 ? -11.370 9.275   4.498   1.00 33.92 ? 79  LYS A CE  1 
ATOM   641 N  NZ  . LYS A 1 79 ? -11.169 9.792   3.101   1.00 33.53 ? 79  LYS A NZ  1 
ATOM   642 N  N   . ALA A 1 80 ? -9.170  4.851   7.589   1.00 26.53 ? 80  ALA A N   1 
ATOM   643 C  CA  . ALA A 1 80 ? -10.063 3.717   7.821   1.00 28.00 ? 80  ALA A CA  1 
ATOM   644 C  C   . ALA A 1 80 ? -10.170 3.325   9.296   1.00 29.16 ? 80  ALA A C   1 
ATOM   645 O  O   . ALA A 1 80 ? -11.257 2.950   9.755   1.00 30.41 ? 80  ALA A O   1 
ATOM   646 C  CB  . ALA A 1 80 ? -9.639  2.522   6.982   1.00 26.84 ? 80  ALA A CB  1 
ATOM   647 N  N   . LYS A 1 81 ? -9.074  3.435   10.040  1.00 29.20 ? 81  LYS A N   1 
ATOM   648 C  CA  . LYS A 1 81 ? -9.051  3.037   11.460  1.00 31.31 ? 81  LYS A CA  1 
ATOM   649 C  C   . LYS A 1 81 ? -9.422  4.165   12.437  1.00 32.89 ? 81  LYS A C   1 
ATOM   650 O  O   . LYS A 1 81 ? -9.399  3.967   13.665  1.00 33.66 ? 81  LYS A O   1 
ATOM   651 C  CB  . LYS A 1 81 ? -7.687  2.502   11.823  1.00 30.52 ? 81  LYS A CB  1 
ATOM   652 C  CG  . LYS A 1 81 ? -7.377  1.134   11.191  1.00 30.62 ? 81  LYS A CG  1 
ATOM   653 C  CD  . LYS A 1 81 ? -5.880  0.849   11.298  1.00 28.13 ? 81  LYS A CD  1 
ATOM   654 C  CE  . LYS A 1 81 ? -5.495  -0.580  10.889  1.00 26.37 ? 81  LYS A CE  1 
ATOM   655 N  NZ  . LYS A 1 81 ? -6.399  -1.632  11.416  1.00 23.17 ? 81  LYS A NZ  1 
ATOM   656 N  N   . SER A 1 82 ? -9.761  5.332   11.894  1.00 33.76 ? 82  SER A N   1 
ATOM   657 C  CA  . SER A 1 82 ? -10.020 6.531   12.704  1.00 35.39 ? 82  SER A CA  1 
ATOM   658 C  C   . SER A 1 82 ? -11.510 6.678   13.089  1.00 36.14 ? 82  SER A C   1 
ATOM   659 O  O   . SER A 1 82 ? -12.378 5.928   12.582  1.00 38.34 ? 82  SER A O   1 
ATOM   660 C  CB  . SER A 1 82 ? -9.561  7.781   11.953  1.00 34.83 ? 82  SER A CB  1 
ATOM   661 O  OG  . SER A 1 82 ? -10.514 8.117   10.947  1.00 35.22 ? 82  SER A OG  1 
HETATM 662 ZN ZN  . ZN  B 2 .  ? 8.098   -5.071  9.877   1.00 25.15 ? 83  ZN  A ZN  1 
HETATM 663 ZN ZN  . ZN  C 2 .  ? 5.939   -11.072 5.787   1.00 24.37 ? 84  ZN  A ZN  1 
HETATM 664 NA NA  . NA  D 3 .  ? -17.356 -0.246  -7.116  1.00 33.26 ? 85  NA  A NA  1 
HETATM 665 ZN ZN  . ZN  E 2 .  ? -0.852  10.604  -2.847  0.50 21.23 ? 86  ZN  A ZN  1 
HETATM 666 ZN ZN  . ZN  F 2 .  ? -6.658  -11.664 -5.888  0.80 38.26 ? 87  ZN  A ZN  1 
HETATM 667 ZN ZN  . ZN  G 2 .  ? -0.976  10.099  9.023   0.80 29.23 ? 88  ZN  A ZN  1 
HETATM 668 S  S   . SO4 H 4 .  ? -11.743 -6.830  -1.787  0.50 43.91 ? 89  SO4 A S   1 
HETATM 669 O  O1  . SO4 H 4 .  ? -11.486 -7.621  -0.562  0.50 40.63 ? 89  SO4 A O1  1 
HETATM 670 O  O2  . SO4 H 4 .  ? -10.504 -6.369  -2.377  0.50 37.12 ? 89  SO4 A O2  1 
HETATM 671 O  O3  . SO4 H 4 .  ? -12.449 -7.657  -2.743  0.50 36.94 ? 89  SO4 A O3  1 
HETATM 672 O  O4  . SO4 H 4 .  ? -12.562 -5.659  -1.398  0.50 40.49 ? 89  SO4 A O4  1 
HETATM 673 O  O   . HOH I 5 .  ? 10.659  -7.266  -7.465  1.00 19.04 ? 90  HOH A O   1 
HETATM 674 O  O   . HOH I 5 .  ? -9.884  5.355   4.365   1.00 23.72 ? 91  HOH A O   1 
HETATM 675 O  O   . HOH I 5 .  ? -4.851  7.799   0.587   1.00 16.96 ? 92  HOH A O   1 
HETATM 676 O  O   . HOH I 5 .  ? 1.076   4.536   13.120  1.00 27.62 ? 93  HOH A O   1 
HETATM 677 O  O   . HOH I 5 .  ? -6.063  5.988   12.577  1.00 30.07 ? 94  HOH A O   1 
HETATM 678 O  O   . HOH I 5 .  ? 1.150   -9.582  2.333   1.00 32.03 ? 95  HOH A O   1 
HETATM 679 O  O   . HOH I 5 .  ? 1.933   -5.719  7.579   1.00 18.70 ? 96  HOH A O   1 
HETATM 680 O  O   . HOH I 5 .  ? 1.203   -8.002  -5.440  1.00 22.31 ? 97  HOH A O   1 
HETATM 681 O  O   . HOH I 5 .  ? -2.988  -10.423 -1.976  1.00 24.14 ? 98  HOH A O   1 
HETATM 682 O  O   . HOH I 5 .  ? -17.651 1.900   -3.300  1.00 48.59 ? 99  HOH A O   1 
HETATM 683 O  O   . HOH I 5 .  ? -4.289  -0.004  -7.291  1.00 27.09 ? 100 HOH A O   1 
HETATM 684 O  O   . HOH I 5 .  ? 14.870  -4.210  -5.214  1.00 34.22 ? 101 HOH A O   1 
HETATM 685 O  O   . HOH I 5 .  ? 9.473   9.760   0.898   1.00 37.93 ? 102 HOH A O   1 
HETATM 686 O  O   . HOH I 5 .  ? 1.190   3.076   -8.547  1.00 18.19 ? 103 HOH A O   1 
HETATM 687 O  O   . HOH I 5 .  ? 2.753   -10.006 -6.520  1.00 27.11 ? 104 HOH A O   1 
HETATM 688 O  O   . HOH I 5 .  ? 3.098   -8.750  4.391   1.00 22.03 ? 105 HOH A O   1 
HETATM 689 O  O   . HOH I 5 .  ? 3.258   -8.073  7.270   1.00 25.15 ? 106 HOH A O   1 
HETATM 690 O  O   . HOH I 5 .  ? -8.072  5.738   -2.218  1.00 26.58 ? 107 HOH A O   1 
HETATM 691 O  O   . HOH I 5 .  ? -9.360  7.533   2.559   1.00 31.14 ? 108 HOH A O   1 
HETATM 692 O  O   . HOH I 5 .  ? 12.319  4.740   -9.826  1.00 42.06 ? 109 HOH A O   1 
HETATM 693 O  O   . HOH I 5 .  ? -0.651  -1.482  -12.269 1.00 41.55 ? 110 HOH A O   1 
HETATM 694 O  O   . HOH I 5 .  ? -1.019  -7.756  -14.993 1.00 28.59 ? 111 HOH A O   1 
HETATM 695 O  O   . HOH I 5 .  ? 2.134   10.941  -5.597  1.00 22.74 ? 112 HOH A O   1 
HETATM 696 O  O   . HOH I 5 .  ? -4.439  9.305   -4.211  1.00 19.70 ? 113 HOH A O   1 
HETATM 697 O  O   . HOH I 5 .  ? -6.906  8.516   2.456   1.00 24.49 ? 114 HOH A O   1 
HETATM 698 O  O   . HOH I 5 .  ? 5.159   -13.076 4.985   1.00 26.06 ? 115 HOH A O   1 
HETATM 699 O  O   . HOH I 5 .  ? -4.695  9.843   7.127   1.00 28.39 ? 116 HOH A O   1 
HETATM 700 O  O   . HOH I 5 .  ? 1.389   10.168  -2.394  1.00 21.85 ? 117 HOH A O   1 
HETATM 701 O  O   . HOH I 5 .  ? -14.883 -4.456  -2.913  1.00 36.55 ? 118 HOH A O   1 
HETATM 702 O  O   . HOH I 5 .  ? 10.865  5.475   4.863   1.00 30.68 ? 119 HOH A O   1 
HETATM 703 O  O   . HOH I 5 .  ? -12.368 -0.122  5.617   1.00 30.50 ? 120 HOH A O   1 
HETATM 704 O  O   . HOH I 5 .  ? 0.710   5.382   -10.473 1.00 24.35 ? 121 HOH A O   1 
HETATM 705 O  O   . HOH I 5 .  ? -2.980  0.952   -9.355  1.00 25.29 ? 122 HOH A O   1 
HETATM 706 O  O   . HOH I 5 .  ? 11.658  -0.689  -11.663 1.00 31.51 ? 123 HOH A O   1 
HETATM 707 O  O   . HOH I 5 .  ? -0.685  9.746   -4.791  1.00 15.44 ? 124 HOH A O   1 
HETATM 708 O  O   . HOH I 5 .  ? 4.042   -8.204  -16.010 1.00 26.39 ? 125 HOH A O   1 
HETATM 709 O  O   . HOH I 5 .  ? 5.859   -12.979 -0.042  1.00 30.55 ? 126 HOH A O   1 
HETATM 710 O  O   . HOH I 5 .  ? 2.335   -12.656 5.507   1.00 26.70 ? 127 HOH A O   1 
HETATM 711 O  O   . HOH I 5 .  ? 10.631  3.955   -4.600  1.00 31.33 ? 128 HOH A O   1 
HETATM 712 O  O   . HOH I 5 .  ? 15.267  -6.171  1.538   1.00 33.50 ? 129 HOH A O   1 
HETATM 713 O  O   . HOH I 5 .  ? 8.091   -7.877  4.493   1.00 24.91 ? 130 HOH A O   1 
HETATM 714 O  O   . HOH I 5 .  ? 12.659  2.351   -10.513 1.00 30.62 ? 131 HOH A O   1 
HETATM 715 O  O   . HOH I 5 .  ? -7.966  -9.337  8.157   1.00 39.25 ? 132 HOH A O   1 
HETATM 716 O  O   . HOH I 5 .  ? 12.968  1.666   3.522   1.00 32.75 ? 133 HOH A O   1 
HETATM 717 O  O   . HOH I 5 .  ? -5.766  -2.251  -8.264  1.00 29.50 ? 134 HOH A O   1 
HETATM 718 O  O   . HOH I 5 .  ? -5.068  9.580   -7.594  0.50 48.48 ? 135 HOH A O   1 
HETATM 719 O  O   . HOH I 5 .  ? 12.868  2.715   -6.548  1.00 30.82 ? 136 HOH A O   1 
HETATM 720 O  O   . HOH I 5 .  ? 10.729  -6.083  4.684   1.00 36.87 ? 137 HOH A O   1 
HETATM 721 O  O   . HOH I 5 .  ? -11.956 -6.182  2.715   1.00 42.31 ? 138 HOH A O   1 
HETATM 722 O  O   . HOH I 5 .  ? 7.877   -0.290  -15.287 1.00 52.04 ? 139 HOH A O   1 
HETATM 723 O  O   . HOH I 5 .  ? 14.852  -2.937  -9.842  1.00 32.51 ? 140 HOH A O   1 
HETATM 724 O  O   . HOH I 5 .  ? -0.799  5.893   11.851  1.00 36.76 ? 141 HOH A O   1 
HETATM 725 O  O   . HOH I 5 .  ? -13.263 5.166   1.606   1.00 49.17 ? 142 HOH A O   1 
HETATM 726 O  O   . HOH I 5 .  ? 0.637   -12.160 -6.474  1.00 39.50 ? 143 HOH A O   1 
HETATM 727 O  O   . HOH I 5 .  ? -6.749  9.972   -2.921  1.00 33.13 ? 144 HOH A O   1 
HETATM 728 O  O   . HOH I 5 .  ? -7.283  -11.834 -0.708  1.00 32.24 ? 145 HOH A O   1 
HETATM 729 O  O   . HOH I 5 .  ? 2.122   -12.065 2.956   1.00 53.83 ? 146 HOH A O   1 
HETATM 730 O  O   . HOH I 5 .  ? -6.783  10.060  9.038   0.50 32.94 ? 147 HOH A O   1 
HETATM 731 O  O   . HOH I 5 .  ? 8.611   3.281   10.310  1.00 32.60 ? 148 HOH A O   1 
HETATM 732 O  O   . HOH I 5 .  ? 6.990   -6.082  -15.537 1.00 22.97 ? 149 HOH A O   1 
HETATM 733 O  O   . HOH I 5 .  ? 11.945  -4.616  8.902   1.00 35.00 ? 150 HOH A O   1 
HETATM 734 O  O   . HOH I 5 .  ? -9.593  -0.009  -9.543  1.00 36.38 ? 151 HOH A O   1 
HETATM 735 O  O   . HOH I 5 .  ? -1.810  -0.703  -5.654  1.00 32.45 ? 152 HOH A O   1 
HETATM 736 O  O   . HOH I 5 .  ? -4.926  -11.964 -2.549  1.00 31.01 ? 153 HOH A O   1 
HETATM 737 O  O   . HOH I 5 .  ? 9.289   0.667   -12.456 1.00 28.71 ? 154 HOH A O   1 
HETATM 738 O  O   . HOH I 5 .  ? 2.744   9.086   -7.621  1.00 28.65 ? 155 HOH A O   1 
HETATM 739 O  O   . HOH I 5 .  ? 6.589   -6.394  -12.719 1.00 28.75 ? 156 HOH A O   1 
HETATM 740 O  O   . HOH I 5 .  ? -0.145  -0.295  -7.765  1.00 31.65 ? 157 HOH A O   1 
HETATM 741 O  O   . HOH I 5 .  ? -6.646  7.682   -1.360  1.00 37.23 ? 158 HOH A O   1 
HETATM 742 O  O   . HOH I 5 .  ? 10.011  1.718   8.529   1.00 31.82 ? 159 HOH A O   1 
HETATM 743 O  O   . HOH I 5 .  ? 0.071   -13.202 -0.505  1.00 42.98 ? 160 HOH A O   1 
HETATM 744 O  O   . HOH I 5 .  ? 10.073  -10.065 0.267   1.00 32.88 ? 161 HOH A O   1 
HETATM 745 O  O   . HOH I 5 .  ? 10.121  -9.430  2.891   1.00 33.28 ? 162 HOH A O   1 
HETATM 746 O  O   . HOH I 5 .  ? 5.406   9.998   -5.261  1.00 23.15 ? 163 HOH A O   1 
HETATM 747 O  O   . HOH I 5 .  ? 8.507   8.210   -6.398  1.00 40.72 ? 164 HOH A O   1 
HETATM 748 O  O   . HOH I 5 .  ? 1.152   5.285   -13.191 1.00 25.86 ? 165 HOH A O   1 
HETATM 749 O  O   . HOH I 5 .  ? 4.516   -3.205  -15.414 1.00 39.92 ? 166 HOH A O   1 
HETATM 750 O  O   . HOH I 5 .  ? 4.406   0.074   -16.069 1.00 52.46 ? 167 HOH A O   1 
HETATM 751 O  O   . HOH I 5 .  ? 0.088   -4.225  -16.189 1.00 36.95 ? 168 HOH A O   1 
HETATM 752 O  O   . HOH I 5 .  ? -8.425  -11.134 -7.638  1.00 32.75 ? 169 HOH A O   1 
HETATM 753 O  O   . HOH I 5 .  ? -0.239  -14.120 -7.848  1.00 41.39 ? 170 HOH A O   1 
HETATM 754 O  O   . HOH I 5 .  ? -14.762 -3.394  -0.574  1.00 49.44 ? 171 HOH A O   1 
HETATM 755 O  O   . HOH I 5 .  ? -12.148 -0.394  12.128  1.00 44.51 ? 172 HOH A O   1 
HETATM 756 O  O   . HOH I 5 .  ? -9.025  -2.195  10.994  1.00 33.95 ? 173 HOH A O   1 
HETATM 757 O  O   . HOH I 5 .  ? -10.767 -0.542  10.054  0.50 38.06 ? 174 HOH A O   1 
HETATM 758 O  O   . HOH I 5 .  ? -12.355 -0.602  7.966   1.00 47.71 ? 175 HOH A O   1 
HETATM 759 O  O   . HOH I 5 .  ? -10.436 -2.983  -5.227  1.00 52.73 ? 176 HOH A O   1 
HETATM 760 O  O   . HOH I 5 .  ? -9.714  7.822   -0.248  1.00 40.20 ? 177 HOH A O   1 
HETATM 761 O  O   . HOH I 5 .  ? -4.239  7.580   -9.034  1.00 46.87 ? 178 HOH A O   1 
HETATM 762 O  O   . HOH I 5 .  ? 3.887   11.094  -3.650  1.00 38.36 ? 179 HOH A O   1 
HETATM 763 O  O   . HOH I 5 .  ? -0.611  9.917   13.538  1.00 45.19 ? 180 HOH A O   1 
HETATM 764 O  O   . HOH I 5 .  ? -4.821  -2.863  -11.044 1.00 30.00 ? 181 HOH A O   1 
HETATM 765 O  O   . HOH I 5 .  ? 5.193   10.064  11.448  1.00 48.87 ? 182 HOH A O   1 
HETATM 766 O  O   . HOH I 5 .  ? 10.160  8.435   5.934   1.00 42.36 ? 183 HOH A O   1 
HETATM 767 O  O   . HOH I 5 .  ? -3.391  -0.792  -11.773 1.00 44.72 ? 184 HOH A O   1 
HETATM 768 O  O   . HOH I 5 .  ? -5.990  10.687  4.701   1.00 35.63 ? 185 HOH A O   1 
HETATM 769 O  O   . HOH I 5 .  ? -18.681 0.780   -8.457  1.00 59.10 ? 186 HOH A O   1 
HETATM 770 O  O   . HOH I 5 .  ? -6.081  -2.562  13.824  1.00 38.70 ? 187 HOH A O   1 
HETATM 771 O  O   . HOH I 5 .  ? -1.334  -10.535 2.648   1.00 35.91 ? 188 HOH A O   1 
HETATM 772 O  O   . HOH I 5 .  ? -3.033  -11.265 0.882   1.00 38.97 ? 189 HOH A O   1 
HETATM 773 O  O   . HOH I 5 .  ? -2.487  -11.864 4.721   1.00 36.86 ? 190 HOH A O   1 
HETATM 774 O  O   . HOH I 5 .  ? -0.891  -12.187 -3.851  1.00 44.93 ? 191 HOH A O   1 
HETATM 775 O  O   . HOH I 5 .  ? -4.626  -14.354 -5.279  0.50 31.95 ? 192 HOH A O   1 
HETATM 776 O  O   . HOH I 5 .  ? -5.118  -10.009 -9.491  1.00 38.97 ? 193 HOH A O   1 
HETATM 777 O  O   . HOH I 5 .  ? 0.236   -6.814  -17.876 1.00 55.57 ? 194 HOH A O   1 
HETATM 778 O  O   . HOH I 5 .  ? -12.151 -4.425  10.363  1.00 52.20 ? 195 HOH A O   1 
HETATM 779 O  O   . HOH I 5 .  ? 8.621   -12.234 1.400   1.00 35.86 ? 196 HOH A O   1 
HETATM 780 O  O   . HOH I 5 .  ? -8.070  -3.504  -7.091  1.00 34.85 ? 197 HOH A O   1 
HETATM 781 O  O   . HOH I 5 .  ? -13.740 2.295   -10.204 1.00 45.31 ? 198 HOH A O   1 
HETATM 782 O  O   . HOH I 5 .  ? 15.395  0.196   5.057   1.00 43.30 ? 199 HOH A O   1 
HETATM 783 O  O   . HOH I 5 .  ? 14.026  4.633   0.523   1.00 46.36 ? 200 HOH A O   1 
HETATM 784 O  O   . HOH I 5 .  ? 13.543  4.709   3.065   1.00 48.78 ? 201 HOH A O   1 
HETATM 785 O  O   . HOH I 5 .  ? 16.838  3.366   1.924   1.00 43.43 ? 202 HOH A O   1 
HETATM 786 O  O   . HOH I 5 .  ? 4.883   8.485   6.507   1.00 38.89 ? 203 HOH A O   1 
HETATM 787 O  O   . HOH I 5 .  ? 2.272   9.723   7.088   1.00 42.09 ? 204 HOH A O   1 
HETATM 788 O  O   . HOH I 5 .  ? 2.976   12.610  6.571   1.00 31.41 ? 205 HOH A O   1 
HETATM 789 O  O   . HOH I 5 .  ? 11.522  -2.768  -9.326  1.00 13.99 ? 206 HOH A O   1 
HETATM 790 O  O   . HOH I 5 .  ? -15.622 0.433   2.077   1.00 41.12 ? 207 HOH A O   1 
HETATM 791 O  O   . HOH I 5 .  ? -9.806  0.770   14.128  1.00 45.21 ? 208 HOH A O   1 
HETATM 792 O  O   . HOH I 5 .  ? 12.161  -6.941  3.113   1.00 36.98 ? 209 HOH A O   1 
HETATM 793 O  O   . HOH I 5 .  ? -16.710 -3.783  4.302   1.00 40.27 ? 210 HOH A O   1 
HETATM 794 O  O   . HOH I 5 .  ? -12.073 3.913   4.250   1.00 50.99 ? 211 HOH A O   1 
HETATM 795 O  O   . HOH I 5 .  ? -12.856 3.517   12.128  1.00 41.28 ? 212 HOH A O   1 
HETATM 796 O  O   . HOH I 5 .  ? -13.596 6.972   15.157  1.00 49.03 ? 213 HOH A O   1 
HETATM 797 O  O   . HOH I 5 .  ? -11.790 6.330   -8.516  1.00 45.57 ? 214 HOH A O   1 
HETATM 798 O  O   . HOH I 5 .  ? 6.224   8.110   9.454   1.00 43.71 ? 215 HOH A O   1 
HETATM 799 O  O   . HOH I 5 .  ? -2.616  6.941   14.483  1.00 38.05 ? 216 HOH A O   1 
HETATM 800 O  O   . HOH I 5 .  ? 6.581   8.651   -9.273  1.00 41.56 ? 217 HOH A O   1 
HETATM 801 O  O   . HOH I 5 .  ? 7.444   -12.693 5.524   1.00 40.83 ? 218 HOH A O   1 
HETATM 802 O  O   . HOH I 5 .  ? 10.692  -11.239 4.792   1.00 44.58 ? 219 HOH A O   1 
HETATM 803 O  O   . HOH I 5 .  ? 2.958   7.831   20.324  1.00 59.79 ? 220 HOH A O   1 
HETATM 804 O  O   . HOH I 5 .  ? -18.099 0.558   -1.043  1.00 43.74 ? 221 HOH A O   1 
HETATM 805 O  O   . HOH I 5 .  ? -5.744  -3.271  -15.932 1.00 44.98 ? 222 HOH A O   1 
HETATM 806 O  O   . HOH I 5 .  ? 3.708   -6.020  -17.361 1.00 46.44 ? 223 HOH A O   1 
HETATM 807 O  O   . HOH I 5 .  ? 6.260   1.667   -15.034 1.00 39.81 ? 224 HOH A O   1 
# 
loop_
_pdbx_poly_seq_scheme.asym_id 
_pdbx_poly_seq_scheme.entity_id 
_pdbx_poly_seq_scheme.seq_id 
_pdbx_poly_seq_scheme.mon_id 
_pdbx_poly_seq_scheme.ndb_seq_num 
_pdbx_poly_seq_scheme.pdb_seq_num 
_pdbx_poly_seq_scheme.auth_seq_num 
_pdbx_poly_seq_scheme.pdb_mon_id 
_pdbx_poly_seq_scheme.auth_mon_id 
_pdbx_poly_seq_scheme.pdb_strand_id 
_pdbx_poly_seq_scheme.pdb_ins_code 
_pdbx_poly_seq_scheme.hetero 
A 1 1  GLY 1  1  ?  ?   ?   A . n 
A 1 2  SER 2  2  ?  ?   ?   A . n 
A 1 3  SER 3  3  3  SER SER A . n 
A 1 4  ASP 4  4  4  ASP ASP A . n 
A 1 5  ASP 5  5  5  ASP ASP A . n 
A 1 6  ARG 6  6  6  ARG ARG A . n 
A 1 7  PRO 7  7  7  PRO PRO A . n 
A 1 8  LEU 8  8  8  LEU LEU A . n 
A 1 9  LEU 9  9  9  LEU LEU A . n 
A 1 10 GLU 10 10 10 GLU GLU A . n 
A 1 11 ARG 11 11 11 ARG ARG A . n 
A 1 12 VAL 12 12 12 VAL VAL A . n 
A 1 13 LYS 13 13 13 LYS LYS A . n 
A 1 14 ASP 14 14 14 ASP ASP A . n 
A 1 15 VAL 15 15 15 VAL VAL A . n 
A 1 16 VAL 16 16 16 VAL VAL A . n 
A 1 17 ALA 17 17 17 ALA ALA A . n 
A 1 18 ASP 18 18 18 ASP ASP A . n 
A 1 19 GLN 19 19 19 GLN GLN A . n 
A 1 20 LEU 20 20 20 LEU LEU A . n 
A 1 21 GLY 21 21 21 GLY GLY A . n 
A 1 22 VAL 22 22 22 VAL VAL A . n 
A 1 23 ASP 23 23 23 ASP ASP A . n 
A 1 24 ARG 24 24 24 ARG ARG A . n 
A 1 25 ALA 25 25 25 ALA ALA A . n 
A 1 26 ARG 26 26 26 ARG ARG A . n 
A 1 27 ILE 27 27 27 ILE ILE A . n 
A 1 28 ASN 28 28 28 ASN ASN A . n 
A 1 29 PRO 29 29 29 PRO PRO A . n 
A 1 30 GLU 30 30 30 GLU GLU A . n 
A 1 31 SER 31 31 31 SER SER A . n 
A 1 32 ASN 32 32 32 ASN ASN A . n 
A 1 33 PHE 33 33 33 PHE PHE A . n 
A 1 34 ILE 34 34 34 ILE ILE A . n 
A 1 35 LYS 35 35 35 LYS LYS A . n 
A 1 36 ASP 36 36 36 ASP ASP A . n 
A 1 37 LEU 37 37 37 LEU LEU A . n 
A 1 38 ASP 38 38 38 ASP ASP A . n 
A 1 39 ALA 39 39 39 ALA ALA A . n 
A 1 40 ASP 40 40 40 ASP ASP A . n 
A 1 41 SER 41 41 41 SER SER A . n 
A 1 42 LEU 42 42 42 LEU LEU A . n 
A 1 43 ASP 43 43 43 ASP ASP A . n 
A 1 44 SER 44 44 44 SER SER A . n 
A 1 45 VAL 45 45 45 VAL VAL A . n 
A 1 46 GLU 46 46 46 GLU GLU A . n 
A 1 47 LEU 47 47 47 LEU LEU A . n 
A 1 48 VAL 48 48 48 VAL VAL A . n 
A 1 49 MET 49 49 49 MET MET A . n 
A 1 50 ALA 50 50 50 ALA ALA A . n 
A 1 51 PHE 51 51 51 PHE PHE A . n 
A 1 52 GLU 52 52 52 GLU GLU A . n 
A 1 53 GLU 53 53 53 GLU GLU A . n 
A 1 54 LYS 54 54 54 LYS LYS A . n 
A 1 55 PHE 55 55 55 PHE PHE A . n 
A 1 56 GLY 56 56 56 GLY GLY A . n 
A 1 57 VAL 57 57 57 VAL VAL A . n 
A 1 58 SER 58 58 58 SER SER A . n 
A 1 59 ILE 59 59 59 ILE ILE A . n 
A 1 60 PRO 60 60 60 PRO PRO A . n 
A 1 61 ASP 61 61 61 ASP ASP A . n 
A 1 62 GLU 62 62 62 GLU GLU A . n 
A 1 63 GLU 63 63 63 GLU GLU A . n 
A 1 64 ALA 64 64 64 ALA ALA A . n 
A 1 65 SER 65 65 65 SER SER A . n 
A 1 66 LYS 66 66 66 LYS LYS A . n 
A 1 67 ILE 67 67 67 ILE ILE A . n 
A 1 68 ALA 68 68 68 ALA ALA A . n 
A 1 69 THR 69 69 69 THR THR A . n 
A 1 70 VAL 70 70 70 VAL VAL A . n 
A 1 71 GLN 71 71 71 GLN GLN A . n 
A 1 72 ASP 72 72 72 ASP ASP A . n 
A 1 73 ALA 73 73 73 ALA ALA A . n 
A 1 74 LEU 74 74 74 LEU LEU A . n 
A 1 75 SER 75 75 75 SER SER A . n 
A 1 76 TYR 76 76 76 TYR TYR A . n 
A 1 77 ILE 77 77 77 ILE ILE A . n 
A 1 78 GLU 78 78 78 GLU GLU A . n 
A 1 79 LYS 79 79 79 LYS LYS A . n 
A 1 80 ALA 80 80 80 ALA ALA A . n 
A 1 81 LYS 81 81 81 LYS LYS A . n 
A 1 82 SER 82 82 82 SER SER A . n 
# 
_pdbx_SG_project.id                    1 
_pdbx_SG_project.project_name          ? 
_pdbx_SG_project.full_name_of_center   'Structural Genomics Consortium' 
_pdbx_SG_project.initial_of_center     SGC 
# 
loop_
_pdbx_nonpoly_scheme.asym_id 
_pdbx_nonpoly_scheme.entity_id 
_pdbx_nonpoly_scheme.mon_id 
_pdbx_nonpoly_scheme.ndb_seq_num 
_pdbx_nonpoly_scheme.pdb_seq_num 
_pdbx_nonpoly_scheme.auth_seq_num 
_pdbx_nonpoly_scheme.pdb_mon_id 
_pdbx_nonpoly_scheme.auth_mon_id 
_pdbx_nonpoly_scheme.pdb_strand_id 
_pdbx_nonpoly_scheme.pdb_ins_code 
B 2 ZN  1   83  1   ZN  ZN  A . 
C 2 ZN  1   84  2   ZN  ZN  A . 
D 3 NA  1   85  3   NA  NA  A . 
E 2 ZN  1   86  4   ZN  ZN  A . 
F 2 ZN  1   87  5   ZN  ZN  A . 
G 2 ZN  1   88  6   ZN  ZN  A . 
H 4 SO4 1   89  1   SO4 SO4 A . 
I 5 HOH 1   90  4   HOH HOH A . 
I 5 HOH 2   91  6   HOH HOH A . 
I 5 HOH 3   92  7   HOH HOH A . 
I 5 HOH 4   93  8   HOH HOH A . 
I 5 HOH 5   94  9   HOH HOH A . 
I 5 HOH 6   95  10  HOH HOH A . 
I 5 HOH 7   96  11  HOH HOH A . 
I 5 HOH 8   97  12  HOH HOH A . 
I 5 HOH 9   98  13  HOH HOH A . 
I 5 HOH 10  99  14  HOH HOH A . 
I 5 HOH 11  100 15  HOH HOH A . 
I 5 HOH 12  101 16  HOH HOH A . 
I 5 HOH 13  102 17  HOH HOH A . 
I 5 HOH 14  103 18  HOH HOH A . 
I 5 HOH 15  104 19  HOH HOH A . 
I 5 HOH 16  105 20  HOH HOH A . 
I 5 HOH 17  106 21  HOH HOH A . 
I 5 HOH 18  107 23  HOH HOH A . 
I 5 HOH 19  108 24  HOH HOH A . 
I 5 HOH 20  109 25  HOH HOH A . 
I 5 HOH 21  110 26  HOH HOH A . 
I 5 HOH 22  111 27  HOH HOH A . 
I 5 HOH 23  112 28  HOH HOH A . 
I 5 HOH 24  113 29  HOH HOH A . 
I 5 HOH 25  114 30  HOH HOH A . 
I 5 HOH 26  115 31  HOH HOH A . 
I 5 HOH 27  116 32  HOH HOH A . 
I 5 HOH 28  117 33  HOH HOH A . 
I 5 HOH 29  118 34  HOH HOH A . 
I 5 HOH 30  119 35  HOH HOH A . 
I 5 HOH 31  120 36  HOH HOH A . 
I 5 HOH 32  121 37  HOH HOH A . 
I 5 HOH 33  122 38  HOH HOH A . 
I 5 HOH 34  123 39  HOH HOH A . 
I 5 HOH 35  124 40  HOH HOH A . 
I 5 HOH 36  125 41  HOH HOH A . 
I 5 HOH 37  126 42  HOH HOH A . 
I 5 HOH 38  127 43  HOH HOH A . 
I 5 HOH 39  128 44  HOH HOH A . 
I 5 HOH 40  129 45  HOH HOH A . 
I 5 HOH 41  130 46  HOH HOH A . 
I 5 HOH 42  131 47  HOH HOH A . 
I 5 HOH 43  132 48  HOH HOH A . 
I 5 HOH 44  133 49  HOH HOH A . 
I 5 HOH 45  134 50  HOH HOH A . 
I 5 HOH 46  135 52  HOH HOH A . 
I 5 HOH 47  136 54  HOH HOH A . 
I 5 HOH 48  137 55  HOH HOH A . 
I 5 HOH 49  138 56  HOH HOH A . 
I 5 HOH 50  139 57  HOH HOH A . 
I 5 HOH 51  140 58  HOH HOH A . 
I 5 HOH 52  141 59  HOH HOH A . 
I 5 HOH 53  142 60  HOH HOH A . 
I 5 HOH 54  143 61  HOH HOH A . 
I 5 HOH 55  144 62  HOH HOH A . 
I 5 HOH 56  145 63  HOH HOH A . 
I 5 HOH 57  146 64  HOH HOH A . 
I 5 HOH 58  147 67  HOH HOH A . 
I 5 HOH 59  148 68  HOH HOH A . 
I 5 HOH 60  149 69  HOH HOH A . 
I 5 HOH 61  150 71  HOH HOH A . 
I 5 HOH 62  151 73  HOH HOH A . 
I 5 HOH 63  152 74  HOH HOH A . 
I 5 HOH 64  153 75  HOH HOH A . 
I 5 HOH 65  154 76  HOH HOH A . 
I 5 HOH 66  155 78  HOH HOH A . 
I 5 HOH 67  156 79  HOH HOH A . 
I 5 HOH 68  157 80  HOH HOH A . 
I 5 HOH 69  158 81  HOH HOH A . 
I 5 HOH 70  159 82  HOH HOH A . 
I 5 HOH 71  160 83  HOH HOH A . 
I 5 HOH 72  161 84  HOH HOH A . 
I 5 HOH 73  162 85  HOH HOH A . 
I 5 HOH 74  163 86  HOH HOH A . 
I 5 HOH 75  164 87  HOH HOH A . 
I 5 HOH 76  165 88  HOH HOH A . 
I 5 HOH 77  166 89  HOH HOH A . 
I 5 HOH 78  167 90  HOH HOH A . 
I 5 HOH 79  168 91  HOH HOH A . 
I 5 HOH 80  169 92  HOH HOH A . 
I 5 HOH 81  170 93  HOH HOH A . 
I 5 HOH 82  171 94  HOH HOH A . 
I 5 HOH 83  172 95  HOH HOH A . 
I 5 HOH 84  173 96  HOH HOH A . 
I 5 HOH 85  174 97  HOH HOH A . 
I 5 HOH 86  175 98  HOH HOH A . 
I 5 HOH 87  176 99  HOH HOH A . 
I 5 HOH 88  177 100 HOH HOH A . 
I 5 HOH 89  178 101 HOH HOH A . 
I 5 HOH 90  179 102 HOH HOH A . 
I 5 HOH 91  180 104 HOH HOH A . 
I 5 HOH 92  181 105 HOH HOH A . 
I 5 HOH 93  182 106 HOH HOH A . 
I 5 HOH 94  183 107 HOH HOH A . 
I 5 HOH 95  184 108 HOH HOH A . 
I 5 HOH 96  185 109 HOH HOH A . 
I 5 HOH 97  186 110 HOH HOH A . 
I 5 HOH 98  187 111 HOH HOH A . 
I 5 HOH 99  188 112 HOH HOH A . 
I 5 HOH 100 189 113 HOH HOH A . 
I 5 HOH 101 190 114 HOH HOH A . 
I 5 HOH 102 191 115 HOH HOH A . 
I 5 HOH 103 192 116 HOH HOH A . 
I 5 HOH 104 193 117 HOH HOH A . 
I 5 HOH 105 194 118 HOH HOH A . 
I 5 HOH 106 195 119 HOH HOH A . 
I 5 HOH 107 196 120 HOH HOH A . 
I 5 HOH 108 197 121 HOH HOH A . 
I 5 HOH 109 198 122 HOH HOH A . 
I 5 HOH 110 199 123 HOH HOH A . 
I 5 HOH 111 200 124 HOH HOH A . 
I 5 HOH 112 201 125 HOH HOH A . 
I 5 HOH 113 202 126 HOH HOH A . 
I 5 HOH 114 203 127 HOH HOH A . 
I 5 HOH 115 204 128 HOH HOH A . 
I 5 HOH 116 205 129 HOH HOH A . 
I 5 HOH 117 206 130 HOH HOH A . 
I 5 HOH 118 207 131 HOH HOH A . 
I 5 HOH 119 208 132 HOH HOH A . 
I 5 HOH 120 209 133 HOH HOH A . 
I 5 HOH 121 210 134 HOH HOH A . 
I 5 HOH 122 211 135 HOH HOH A . 
I 5 HOH 123 212 136 HOH HOH A . 
I 5 HOH 124 213 137 HOH HOH A . 
I 5 HOH 125 214 138 HOH HOH A . 
I 5 HOH 126 215 139 HOH HOH A . 
I 5 HOH 127 216 140 HOH HOH A . 
I 5 HOH 128 217 141 HOH HOH A . 
I 5 HOH 129 218 142 HOH HOH A . 
I 5 HOH 130 219 143 HOH HOH A . 
I 5 HOH 131 220 144 HOH HOH A . 
I 5 HOH 132 221 145 HOH HOH A . 
I 5 HOH 133 222 146 HOH HOH A . 
I 5 HOH 134 223 147 HOH HOH A . 
I 5 HOH 135 224 148 HOH HOH A . 
# 
_pdbx_struct_assembly.id                   1 
_pdbx_struct_assembly.details              author_and_software_defined_assembly 
_pdbx_struct_assembly.method_details       PISA 
_pdbx_struct_assembly.oligomeric_details   monomeric 
_pdbx_struct_assembly.oligomeric_count     1 
# 
_pdbx_struct_assembly_gen.assembly_id       1 
_pdbx_struct_assembly_gen.oper_expression   1 
_pdbx_struct_assembly_gen.asym_id_list      A,B,C,D,E,F,G,H,I 
# 
_pdbx_struct_oper_list.id                   1 
_pdbx_struct_oper_list.type                 'identity operation' 
_pdbx_struct_oper_list.name                 1_555 
_pdbx_struct_oper_list.symmetry_operation   x,y,z 
_pdbx_struct_oper_list.matrix[1][1]         1.0000000000 
_pdbx_struct_oper_list.matrix[1][2]         0.0000000000 
_pdbx_struct_oper_list.matrix[1][3]         0.0000000000 
_pdbx_struct_oper_list.vector[1]            0.0000000000 
_pdbx_struct_oper_list.matrix[2][1]         0.0000000000 
_pdbx_struct_oper_list.matrix[2][2]         1.0000000000 
_pdbx_struct_oper_list.matrix[2][3]         0.0000000000 
_pdbx_struct_oper_list.vector[2]            0.0000000000 
_pdbx_struct_oper_list.matrix[3][1]         0.0000000000 
_pdbx_struct_oper_list.matrix[3][2]         0.0000000000 
_pdbx_struct_oper_list.matrix[3][3]         1.0000000000 
_pdbx_struct_oper_list.vector[3]            0.0000000000 
# 
loop_
_pdbx_struct_special_symmetry.id 
_pdbx_struct_special_symmetry.PDB_model_num 
_pdbx_struct_special_symmetry.auth_asym_id 
_pdbx_struct_special_symmetry.auth_comp_id 
_pdbx_struct_special_symmetry.auth_seq_id 
_pdbx_struct_special_symmetry.PDB_ins_code 
_pdbx_struct_special_symmetry.label_asym_id 
_pdbx_struct_special_symmetry.label_comp_id 
_pdbx_struct_special_symmetry.label_seq_id 
1 1 A ZN  86  ? E ZN  . 
2 1 A SO4 89  ? H SO4 . 
3 1 A HOH 135 ? I HOH . 
# 
loop_
_pdbx_struct_conn_angle.id 
_pdbx_struct_conn_angle.ptnr1_label_atom_id 
_pdbx_struct_conn_angle.ptnr1_label_alt_id 
_pdbx_struct_conn_angle.ptnr1_label_asym_id 
_pdbx_struct_conn_angle.ptnr1_label_comp_id 
_pdbx_struct_conn_angle.ptnr1_label_seq_id 
_pdbx_struct_conn_angle.ptnr1_auth_atom_id 
_pdbx_struct_conn_angle.ptnr1_auth_asym_id 
_pdbx_struct_conn_angle.ptnr1_auth_comp_id 
_pdbx_struct_conn_angle.ptnr1_auth_seq_id 
_pdbx_struct_conn_angle.ptnr1_PDB_ins_code 
_pdbx_struct_conn_angle.ptnr1_symmetry 
_pdbx_struct_conn_angle.ptnr2_label_atom_id 
_pdbx_struct_conn_angle.ptnr2_label_alt_id 
_pdbx_struct_conn_angle.ptnr2_label_asym_id 
_pdbx_struct_conn_angle.ptnr2_label_comp_id 
_pdbx_struct_conn_angle.ptnr2_label_seq_id 
_pdbx_struct_conn_angle.ptnr2_auth_atom_id 
_pdbx_struct_conn_angle.ptnr2_auth_asym_id 
_pdbx_struct_conn_angle.ptnr2_auth_comp_id 
_pdbx_struct_conn_angle.ptnr2_auth_seq_id 
_pdbx_struct_conn_angle.ptnr2_PDB_ins_code 
_pdbx_struct_conn_angle.ptnr2_symmetry 
_pdbx_struct_conn_angle.ptnr3_label_atom_id 
_pdbx_struct_conn_angle.ptnr3_label_alt_id 
_pdbx_struct_conn_angle.ptnr3_label_asym_id 
_pdbx_struct_conn_angle.ptnr3_label_comp_id 
_pdbx_struct_conn_angle.ptnr3_label_seq_id 
_pdbx_struct_conn_angle.ptnr3_auth_atom_id 
_pdbx_struct_conn_angle.ptnr3_auth_asym_id 
_pdbx_struct_conn_angle.ptnr3_auth_comp_id 
_pdbx_struct_conn_angle.ptnr3_auth_seq_id 
_pdbx_struct_conn_angle.ptnr3_PDB_ins_code 
_pdbx_struct_conn_angle.ptnr3_symmetry 
_pdbx_struct_conn_angle.value 
_pdbx_struct_conn_angle.value_esd 
1  OD2 ? A ASP 5  ? A ASP 5   ? 1_555 ZN ? G ZN . ? A ZN 88 ? 1_555 OE1 ? A GLU 30 ? A GLU 30  ? 6_555 101.5 ? 
2  OD2 ? A ASP 5  ? A ASP 5   ? 1_555 ZN ? G ZN . ? A ZN 88 ? 1_555 OE2 ? A GLU 30 ? A GLU 30  ? 6_555 103.6 ? 
3  OE1 ? A GLU 30 ? A GLU 30  ? 6_555 ZN ? G ZN . ? A ZN 88 ? 1_555 OE2 ? A GLU 30 ? A GLU 30  ? 6_555 55.3  ? 
4  OD2 ? A ASP 5  ? A ASP 5   ? 1_555 ZN ? G ZN . ? A ZN 88 ? 1_555 OE1 ? A GLU 78 ? A GLU 78  ? 1_555 108.5 ? 
5  OE1 ? A GLU 30 ? A GLU 30  ? 6_555 ZN ? G ZN . ? A ZN 88 ? 1_555 OE1 ? A GLU 78 ? A GLU 78  ? 1_555 135.8 ? 
6  OE2 ? A GLU 30 ? A GLU 30  ? 6_555 ZN ? G ZN . ? A ZN 88 ? 1_555 OE1 ? A GLU 78 ? A GLU 78  ? 1_555 86.1  ? 
7  OE1 ? A GLU 10 ? A GLU 10  ? 1_555 ZN ? B ZN . ? A ZN 83 ? 1_555 OD2 ? A ASP 14 ? A ASP 14  ? 1_555 116.9 ? 
8  OE1 ? A GLU 10 ? A GLU 10  ? 1_555 ZN ? B ZN . ? A ZN 83 ? 1_555 OD1 ? A ASP 14 ? A ASP 14  ? 1_555 81.7  ? 
9  OD2 ? A ASP 14 ? A ASP 14  ? 1_555 ZN ? B ZN . ? A ZN 83 ? 1_555 OD1 ? A ASP 14 ? A ASP 14  ? 1_555 53.6  ? 
10 OE1 ? A GLU 10 ? A GLU 10  ? 1_555 ZN ? B ZN . ? A ZN 83 ? 1_555 OD2 ? A ASP 40 ? A ASP 40  ? 4_565 115.1 ? 
11 OD2 ? A ASP 14 ? A ASP 14  ? 1_555 ZN ? B ZN . ? A ZN 83 ? 1_555 OD2 ? A ASP 40 ? A ASP 40  ? 4_565 101.9 ? 
12 OD1 ? A ASP 14 ? A ASP 14  ? 1_555 ZN ? B ZN . ? A ZN 83 ? 1_555 OD2 ? A ASP 40 ? A ASP 40  ? 4_565 82.7  ? 
13 OE1 ? A GLU 10 ? A GLU 10  ? 1_555 ZN ? B ZN . ? A ZN 83 ? 1_555 OD1 ? A ASP 43 ? A ASP 43  ? 4_565 102.2 ? 
14 OD2 ? A ASP 14 ? A ASP 14  ? 1_555 ZN ? B ZN . ? A ZN 83 ? 1_555 OD1 ? A ASP 43 ? A ASP 43  ? 4_565 109.3 ? 
15 OD1 ? A ASP 14 ? A ASP 14  ? 1_555 ZN ? B ZN . ? A ZN 83 ? 1_555 OD1 ? A ASP 43 ? A ASP 43  ? 4_565 160.9 ? 
16 OD2 ? A ASP 40 ? A ASP 40  ? 4_565 ZN ? B ZN . ? A ZN 83 ? 1_555 OD1 ? A ASP 43 ? A ASP 43  ? 4_565 111.6 ? 
17 OD2 ? A ASP 18 ? A ASP 18  ? 1_555 ZN ? C ZN . ? A ZN 84 ? 1_555 OD1 ? A ASP 38 ? A ASP 38  ? 4_565 148.5 ? 
18 OD2 ? A ASP 18 ? A ASP 18  ? 1_555 ZN ? C ZN . ? A ZN 84 ? 1_555 OD2 ? A ASP 38 ? A ASP 38  ? 4_565 98.0  ? 
19 OD1 ? A ASP 38 ? A ASP 38  ? 4_565 ZN ? C ZN . ? A ZN 84 ? 1_555 OD2 ? A ASP 38 ? A ASP 38  ? 4_565 52.1  ? 
20 OD2 ? A ASP 18 ? A ASP 18  ? 1_555 ZN ? C ZN . ? A ZN 84 ? 1_555 O   ? I HOH .  ? A HOH 115 ? 1_555 91.3  ? 
21 OD1 ? A ASP 38 ? A ASP 38  ? 4_565 ZN ? C ZN . ? A ZN 84 ? 1_555 O   ? I HOH .  ? A HOH 115 ? 1_555 84.1  ? 
22 OD2 ? A ASP 38 ? A ASP 38  ? 4_565 ZN ? C ZN . ? A ZN 84 ? 1_555 O   ? I HOH .  ? A HOH 115 ? 1_555 97.5  ? 
23 OD2 ? A ASP 18 ? A ASP 18  ? 1_555 ZN ? C ZN . ? A ZN 84 ? 1_555 O   ? I HOH .  ? A HOH 149 ? 4_565 98.3  ? 
24 OD1 ? A ASP 38 ? A ASP 38  ? 4_565 ZN ? C ZN . ? A ZN 84 ? 1_555 O   ? I HOH .  ? A HOH 149 ? 4_565 94.0  ? 
25 OD2 ? A ASP 38 ? A ASP 38  ? 4_565 ZN ? C ZN . ? A ZN 84 ? 1_555 O   ? I HOH .  ? A HOH 149 ? 4_565 93.7  ? 
26 O   ? I HOH .  ? A HOH 115 ? 1_555 ZN ? C ZN . ? A ZN 84 ? 1_555 O   ? I HOH .  ? A HOH 149 ? 4_565 164.0 ? 
27 OD2 ? A ASP 18 ? A ASP 18  ? 1_555 ZN ? C ZN . ? A ZN 84 ? 1_555 O   ? I HOH .  ? A HOH 218 ? 1_555 122.7 ? 
28 OD1 ? A ASP 38 ? A ASP 38  ? 4_565 ZN ? C ZN . ? A ZN 84 ? 1_555 O   ? I HOH .  ? A HOH 218 ? 1_555 82.8  ? 
29 OD2 ? A ASP 38 ? A ASP 38  ? 4_565 ZN ? C ZN . ? A ZN 84 ? 1_555 O   ? I HOH .  ? A HOH 218 ? 1_555 133.6 ? 
30 O   ? I HOH .  ? A HOH 115 ? 1_555 ZN ? C ZN . ? A ZN 84 ? 1_555 O   ? I HOH .  ? A HOH 218 ? 1_555 63.5  ? 
31 O   ? I HOH .  ? A HOH 149 ? 4_565 ZN ? C ZN . ? A ZN 84 ? 1_555 O   ? I HOH .  ? A HOH 218 ? 1_555 100.6 ? 
32 OE2 ? A GLU 46 ? A GLU 46  ? 1_555 ZN ? F ZN . ? A ZN 87 ? 1_555 SD  ? A MET 49 ? A MET 49  ? 1_555 116.1 ? 
33 OE2 ? A GLU 46 ? A GLU 46  ? 1_555 ZN ? F ZN . ? A ZN 87 ? 1_555 O   ? I HOH .  ? A HOH 169 ? 1_555 104.4 ? 
34 SD  ? A MET 49 ? A MET 49  ? 1_555 ZN ? F ZN . ? A ZN 87 ? 1_555 O   ? I HOH .  ? A HOH 169 ? 1_555 90.7  ? 
35 OE2 ? A GLU 53 ? A GLU 53  ? 4_555 NA ? D NA . ? A NA 85 ? 1_555 OD1 A A ASP 61 ? A ASP 61  ? 1_555 88.5  ? 
36 OE2 ? A GLU 53 ? A GLU 53  ? 4_555 NA ? D NA . ? A NA 85 ? 1_555 OE2 A A GLU 62 ? A GLU 62  ? 1_555 80.7  ? 
37 OD1 A A ASP 61 ? A ASP 61  ? 1_555 NA ? D NA . ? A NA 85 ? 1_555 OE2 A A GLU 62 ? A GLU 62  ? 1_555 81.5  ? 
38 OE2 ? A GLU 53 ? A GLU 53  ? 4_555 NA ? D NA . ? A NA 85 ? 1_555 OE2 B A GLU 62 ? A GLU 62  ? 1_555 139.7 ? 
39 OD1 A A ASP 61 ? A ASP 61  ? 1_555 NA ? D NA . ? A NA 85 ? 1_555 OE2 B A GLU 62 ? A GLU 62  ? 1_555 72.0  ? 
40 OE2 A A GLU 62 ? A GLU 62  ? 1_555 NA ? D NA . ? A NA 85 ? 1_555 OE2 B A GLU 62 ? A GLU 62  ? 1_555 62.2  ? 
41 OE2 ? A GLU 53 ? A GLU 53  ? 4_555 NA ? D NA . ? A NA 85 ? 1_555 OE1 B A GLU 62 ? A GLU 62  ? 1_555 90.5  ? 
42 OD1 A A ASP 61 ? A ASP 61  ? 1_555 NA ? D NA . ? A NA 85 ? 1_555 OE1 B A GLU 62 ? A GLU 62  ? 1_555 50.9  ? 
43 OE2 A A GLU 62 ? A GLU 62  ? 1_555 NA ? D NA . ? A NA 85 ? 1_555 OE1 B A GLU 62 ? A GLU 62  ? 1_555 32.2  ? 
44 OE2 B A GLU 62 ? A GLU 62  ? 1_555 NA ? D NA . ? A NA 85 ? 1_555 OE1 B A GLU 62 ? A GLU 62  ? 1_555 49.8  ? 
45 OE2 ? A GLU 53 ? A GLU 53  ? 4_555 NA ? D NA . ? A NA 85 ? 1_555 O   ? I HOH .  ? A HOH 186 ? 1_555 145.9 ? 
46 OD1 A A ASP 61 ? A ASP 61  ? 1_555 NA ? D NA . ? A NA 85 ? 1_555 O   ? I HOH .  ? A HOH 186 ? 1_555 124.9 ? 
47 OE2 A A GLU 62 ? A GLU 62  ? 1_555 NA ? D NA . ? A NA 85 ? 1_555 O   ? I HOH .  ? A HOH 186 ? 1_555 108.5 ? 
48 OE2 B A GLU 62 ? A GLU 62  ? 1_555 NA ? D NA . ? A NA 85 ? 1_555 O   ? I HOH .  ? A HOH 186 ? 1_555 67.0  ? 
49 OE1 B A GLU 62 ? A GLU 62  ? 1_555 NA ? D NA . ? A NA 85 ? 1_555 O   ? I HOH .  ? A HOH 186 ? 1_555 115.0 ? 
50 OD1 ? A ASP 72 ? A ASP 72  ? 1_555 ZN ? E ZN . ? A ZN 86 ? 1_555 OD1 ? A ASP 72 ? A ASP 72  ? 6_555 179.2 ? 
51 OD1 ? A ASP 72 ? A ASP 72  ? 1_555 ZN ? E ZN . ? A ZN 86 ? 1_555 O   ? I HOH .  ? A HOH 117 ? 1_555 89.2  ? 
52 OD1 ? A ASP 72 ? A ASP 72  ? 6_555 ZN ? E ZN . ? A ZN 86 ? 1_555 O   ? I HOH .  ? A HOH 117 ? 1_555 90.0  ? 
53 OD1 ? A ASP 72 ? A ASP 72  ? 1_555 ZN ? E ZN . ? A ZN 86 ? 1_555 O   ? I HOH .  ? A HOH 117 ? 6_555 90.1  ? 
54 OD1 ? A ASP 72 ? A ASP 72  ? 6_555 ZN ? E ZN . ? A ZN 86 ? 1_555 O   ? I HOH .  ? A HOH 117 ? 6_555 89.5  ? 
55 O   ? I HOH .  ? A HOH 117 ? 1_555 ZN ? E ZN . ? A ZN 86 ? 1_555 O   ? I HOH .  ? A HOH 117 ? 6_555 83.5  ? 
56 OD1 ? A ASP 72 ? A ASP 72  ? 1_555 ZN ? E ZN . ? A ZN 86 ? 1_555 O   ? I HOH .  ? A HOH 124 ? 1_555 92.4  ? 
57 OD1 ? A ASP 72 ? A ASP 72  ? 6_555 ZN ? E ZN . ? A ZN 86 ? 1_555 O   ? I HOH .  ? A HOH 124 ? 1_555 88.0  ? 
58 O   ? I HOH .  ? A HOH 117 ? 1_555 ZN ? E ZN . ? A ZN 86 ? 1_555 O   ? I HOH .  ? A HOH 124 ? 1_555 91.6  ? 
59 O   ? I HOH .  ? A HOH 117 ? 6_555 ZN ? E ZN . ? A ZN 86 ? 1_555 O   ? I HOH .  ? A HOH 124 ? 1_555 174.5 ? 
60 OD1 ? A ASP 72 ? A ASP 72  ? 1_555 ZN ? E ZN . ? A ZN 86 ? 1_555 O   ? I HOH .  ? A HOH 124 ? 6_555 88.0  ? 
61 OD1 ? A ASP 72 ? A ASP 72  ? 6_555 ZN ? E ZN . ? A ZN 86 ? 1_555 O   ? I HOH .  ? A HOH 124 ? 6_555 92.7  ? 
62 O   ? I HOH .  ? A HOH 117 ? 1_555 ZN ? E ZN . ? A ZN 86 ? 1_555 O   ? I HOH .  ? A HOH 124 ? 6_555 174.6 ? 
63 O   ? I HOH .  ? A HOH 117 ? 6_555 ZN ? E ZN . ? A ZN 86 ? 1_555 O   ? I HOH .  ? A HOH 124 ? 6_555 91.8  ? 
64 O   ? I HOH .  ? A HOH 124 ? 1_555 ZN ? E ZN . ? A ZN 86 ? 1_555 O   ? I HOH .  ? A HOH 124 ? 6_555 93.2  ? 
# 
loop_
_pdbx_audit_revision_history.ordinal 
_pdbx_audit_revision_history.data_content_type 
_pdbx_audit_revision_history.major_revision 
_pdbx_audit_revision_history.minor_revision 
_pdbx_audit_revision_history.revision_date 
1 'Structure model' 1 0 2007-07-31 
2 'Structure model' 1 1 2011-07-13 
3 'Structure model' 1 2 2023-08-30 
# 
_pdbx_audit_revision_details.ordinal             1 
_pdbx_audit_revision_details.revision_ordinal    1 
_pdbx_audit_revision_details.data_content_type   'Structure model' 
_pdbx_audit_revision_details.provider            repository 
_pdbx_audit_revision_details.type                'Initial release' 
_pdbx_audit_revision_details.description         ? 
_pdbx_audit_revision_details.details             ? 
# 
loop_
_pdbx_audit_revision_group.ordinal 
_pdbx_audit_revision_group.revision_ordinal 
_pdbx_audit_revision_group.data_content_type 
_pdbx_audit_revision_group.group 
1 2 'Structure model' 'Source and taxonomy'       
2 2 'Structure model' 'Version format compliance' 
3 3 'Structure model' 'Data collection'           
4 3 'Structure model' 'Database references'       
5 3 'Structure model' 'Derived calculations'      
6 3 'Structure model' 'Refinement description'    
# 
loop_
_pdbx_audit_revision_category.ordinal 
_pdbx_audit_revision_category.revision_ordinal 
_pdbx_audit_revision_category.data_content_type 
_pdbx_audit_revision_category.category 
1 3 'Structure model' chem_comp_atom                
2 3 'Structure model' chem_comp_bond                
3 3 'Structure model' database_2                    
4 3 'Structure model' pdbx_initial_refinement_model 
5 3 'Structure model' pdbx_struct_conn_angle        
6 3 'Structure model' struct_conn                   
7 3 'Structure model' struct_ref_seq_dif            
8 3 'Structure model' struct_site                   
# 
loop_
_pdbx_audit_revision_item.ordinal 
_pdbx_audit_revision_item.revision_ordinal 
_pdbx_audit_revision_item.data_content_type 
_pdbx_audit_revision_item.item 
1  3 'Structure model' '_database_2.pdbx_DOI'                        
2  3 'Structure model' '_database_2.pdbx_database_accession'         
3  3 'Structure model' '_pdbx_struct_conn_angle.ptnr1_auth_comp_id'  
4  3 'Structure model' '_pdbx_struct_conn_angle.ptnr1_auth_seq_id'   
5  3 'Structure model' '_pdbx_struct_conn_angle.ptnr1_label_alt_id'  
6  3 'Structure model' '_pdbx_struct_conn_angle.ptnr1_label_asym_id' 
7  3 'Structure model' '_pdbx_struct_conn_angle.ptnr1_label_atom_id' 
8  3 'Structure model' '_pdbx_struct_conn_angle.ptnr1_label_comp_id' 
9  3 'Structure model' '_pdbx_struct_conn_angle.ptnr1_label_seq_id'  
10 3 'Structure model' '_pdbx_struct_conn_angle.ptnr1_symmetry'      
11 3 'Structure model' '_pdbx_struct_conn_angle.ptnr3_auth_comp_id'  
12 3 'Structure model' '_pdbx_struct_conn_angle.ptnr3_auth_seq_id'   
13 3 'Structure model' '_pdbx_struct_conn_angle.ptnr3_label_alt_id'  
14 3 'Structure model' '_pdbx_struct_conn_angle.ptnr3_label_asym_id' 
15 3 'Structure model' '_pdbx_struct_conn_angle.ptnr3_label_atom_id' 
16 3 'Structure model' '_pdbx_struct_conn_angle.ptnr3_label_comp_id' 
17 3 'Structure model' '_pdbx_struct_conn_angle.ptnr3_label_seq_id'  
18 3 'Structure model' '_pdbx_struct_conn_angle.ptnr3_symmetry'      
19 3 'Structure model' '_pdbx_struct_conn_angle.value'               
20 3 'Structure model' '_struct_conn.pdbx_dist_value'                
21 3 'Structure model' '_struct_conn.pdbx_ptnr1_label_alt_id'        
22 3 'Structure model' '_struct_conn.pdbx_ptnr2_label_alt_id'        
23 3 'Structure model' '_struct_conn.ptnr1_auth_comp_id'             
24 3 'Structure model' '_struct_conn.ptnr1_auth_seq_id'              
25 3 'Structure model' '_struct_conn.ptnr1_label_asym_id'            
26 3 'Structure model' '_struct_conn.ptnr1_label_atom_id'            
27 3 'Structure model' '_struct_conn.ptnr1_label_comp_id'            
28 3 'Structure model' '_struct_conn.ptnr1_label_seq_id'             
29 3 'Structure model' '_struct_conn.ptnr1_symmetry'                 
30 3 'Structure model' '_struct_conn.ptnr2_auth_comp_id'             
31 3 'Structure model' '_struct_conn.ptnr2_auth_seq_id'              
32 3 'Structure model' '_struct_conn.ptnr2_label_asym_id'            
33 3 'Structure model' '_struct_conn.ptnr2_label_atom_id'            
34 3 'Structure model' '_struct_conn.ptnr2_label_comp_id'            
35 3 'Structure model' '_struct_conn.ptnr2_label_seq_id'             
36 3 'Structure model' '_struct_conn.ptnr2_symmetry'                 
37 3 'Structure model' '_struct_ref_seq_dif.details'                 
38 3 'Structure model' '_struct_site.pdbx_auth_asym_id'              
39 3 'Structure model' '_struct_site.pdbx_auth_comp_id'              
40 3 'Structure model' '_struct_site.pdbx_auth_seq_id'               
# 
loop_
_software.name 
_software.classification 
_software.version 
_software.citation_id 
_software.pdbx_ordinal 
REFMAC       refinement        5.2.0019 ? 1 
CrystalClear 'data collection' .        ? 2 
d*TREK       'data reduction'  .        ? 3 
d*TREK       'data scaling'    .        ? 4 
MOLREP       phasing           .        ? 5 
# 
_pdbx_validate_close_contact.id               1 
_pdbx_validate_close_contact.PDB_model_num    1 
_pdbx_validate_close_contact.auth_atom_id_1   OE1 
_pdbx_validate_close_contact.auth_asym_id_1   A 
_pdbx_validate_close_contact.auth_comp_id_1   GLU 
_pdbx_validate_close_contact.auth_seq_id_1    52 
_pdbx_validate_close_contact.PDB_ins_code_1   ? 
_pdbx_validate_close_contact.label_alt_id_1   ? 
_pdbx_validate_close_contact.auth_atom_id_2   O2 
_pdbx_validate_close_contact.auth_asym_id_2   A 
_pdbx_validate_close_contact.auth_comp_id_2   SO4 
_pdbx_validate_close_contact.auth_seq_id_2    89 
_pdbx_validate_close_contact.PDB_ins_code_2   ? 
_pdbx_validate_close_contact.label_alt_id_2   ? 
_pdbx_validate_close_contact.dist             2.18 
# 
loop_
_pdbx_validate_symm_contact.id 
_pdbx_validate_symm_contact.PDB_model_num 
_pdbx_validate_symm_contact.auth_atom_id_1 
_pdbx_validate_symm_contact.auth_asym_id_1 
_pdbx_validate_symm_contact.auth_comp_id_1 
_pdbx_validate_symm_contact.auth_seq_id_1 
_pdbx_validate_symm_contact.PDB_ins_code_1 
_pdbx_validate_symm_contact.label_alt_id_1 
_pdbx_validate_symm_contact.site_symmetry_1 
_pdbx_validate_symm_contact.auth_atom_id_2 
_pdbx_validate_symm_contact.auth_asym_id_2 
_pdbx_validate_symm_contact.auth_comp_id_2 
_pdbx_validate_symm_contact.auth_seq_id_2 
_pdbx_validate_symm_contact.PDB_ins_code_2 
_pdbx_validate_symm_contact.label_alt_id_2 
_pdbx_validate_symm_contact.site_symmetry_2 
_pdbx_validate_symm_contact.dist 
1 1 OE1 A GLN 71 ? B 1_555 O  A HOH 117 ? ? 6_555 2.10 
2 1 OE1 A GLU 52 ? ? 1_555 O3 A SO4 89  ? ? 4_555 2.17 
# 
loop_
_pdbx_unobs_or_zero_occ_residues.id 
_pdbx_unobs_or_zero_occ_residues.PDB_model_num 
_pdbx_unobs_or_zero_occ_residues.polymer_flag 
_pdbx_unobs_or_zero_occ_residues.occupancy_flag 
_pdbx_unobs_or_zero_occ_residues.auth_asym_id 
_pdbx_unobs_or_zero_occ_residues.auth_comp_id 
_pdbx_unobs_or_zero_occ_residues.auth_seq_id 
_pdbx_unobs_or_zero_occ_residues.PDB_ins_code 
_pdbx_unobs_or_zero_occ_residues.label_asym_id 
_pdbx_unobs_or_zero_occ_residues.label_comp_id 
_pdbx_unobs_or_zero_occ_residues.label_seq_id 
1 1 Y 1 A GLY 1 ? A GLY 1 
2 1 Y 1 A SER 2 ? A SER 2 
# 
loop_
_chem_comp_atom.comp_id 
_chem_comp_atom.atom_id 
_chem_comp_atom.type_symbol 
_chem_comp_atom.pdbx_aromatic_flag 
_chem_comp_atom.pdbx_stereo_config 
_chem_comp_atom.pdbx_ordinal 
ALA N    N  N N 1   
ALA CA   C  N S 2   
ALA C    C  N N 3   
ALA O    O  N N 4   
ALA CB   C  N N 5   
ALA OXT  O  N N 6   
ALA H    H  N N 7   
ALA H2   H  N N 8   
ALA HA   H  N N 9   
ALA HB1  H  N N 10  
ALA HB2  H  N N 11  
ALA HB3  H  N N 12  
ALA HXT  H  N N 13  
ARG N    N  N N 14  
ARG CA   C  N S 15  
ARG C    C  N N 16  
ARG O    O  N N 17  
ARG CB   C  N N 18  
ARG CG   C  N N 19  
ARG CD   C  N N 20  
ARG NE   N  N N 21  
ARG CZ   C  N N 22  
ARG NH1  N  N N 23  
ARG NH2  N  N N 24  
ARG OXT  O  N N 25  
ARG H    H  N N 26  
ARG H2   H  N N 27  
ARG HA   H  N N 28  
ARG HB2  H  N N 29  
ARG HB3  H  N N 30  
ARG HG2  H  N N 31  
ARG HG3  H  N N 32  
ARG HD2  H  N N 33  
ARG HD3  H  N N 34  
ARG HE   H  N N 35  
ARG HH11 H  N N 36  
ARG HH12 H  N N 37  
ARG HH21 H  N N 38  
ARG HH22 H  N N 39  
ARG HXT  H  N N 40  
ASN N    N  N N 41  
ASN CA   C  N S 42  
ASN C    C  N N 43  
ASN O    O  N N 44  
ASN CB   C  N N 45  
ASN CG   C  N N 46  
ASN OD1  O  N N 47  
ASN ND2  N  N N 48  
ASN OXT  O  N N 49  
ASN H    H  N N 50  
ASN H2   H  N N 51  
ASN HA   H  N N 52  
ASN HB2  H  N N 53  
ASN HB3  H  N N 54  
ASN HD21 H  N N 55  
ASN HD22 H  N N 56  
ASN HXT  H  N N 57  
ASP N    N  N N 58  
ASP CA   C  N S 59  
ASP C    C  N N 60  
ASP O    O  N N 61  
ASP CB   C  N N 62  
ASP CG   C  N N 63  
ASP OD1  O  N N 64  
ASP OD2  O  N N 65  
ASP OXT  O  N N 66  
ASP H    H  N N 67  
ASP H2   H  N N 68  
ASP HA   H  N N 69  
ASP HB2  H  N N 70  
ASP HB3  H  N N 71  
ASP HD2  H  N N 72  
ASP HXT  H  N N 73  
GLN N    N  N N 74  
GLN CA   C  N S 75  
GLN C    C  N N 76  
GLN O    O  N N 77  
GLN CB   C  N N 78  
GLN CG   C  N N 79  
GLN CD   C  N N 80  
GLN OE1  O  N N 81  
GLN NE2  N  N N 82  
GLN OXT  O  N N 83  
GLN H    H  N N 84  
GLN H2   H  N N 85  
GLN HA   H  N N 86  
GLN HB2  H  N N 87  
GLN HB3  H  N N 88  
GLN HG2  H  N N 89  
GLN HG3  H  N N 90  
GLN HE21 H  N N 91  
GLN HE22 H  N N 92  
GLN HXT  H  N N 93  
GLU N    N  N N 94  
GLU CA   C  N S 95  
GLU C    C  N N 96  
GLU O    O  N N 97  
GLU CB   C  N N 98  
GLU CG   C  N N 99  
GLU CD   C  N N 100 
GLU OE1  O  N N 101 
GLU OE2  O  N N 102 
GLU OXT  O  N N 103 
GLU H    H  N N 104 
GLU H2   H  N N 105 
GLU HA   H  N N 106 
GLU HB2  H  N N 107 
GLU HB3  H  N N 108 
GLU HG2  H  N N 109 
GLU HG3  H  N N 110 
GLU HE2  H  N N 111 
GLU HXT  H  N N 112 
GLY N    N  N N 113 
GLY CA   C  N N 114 
GLY C    C  N N 115 
GLY O    O  N N 116 
GLY OXT  O  N N 117 
GLY H    H  N N 118 
GLY H2   H  N N 119 
GLY HA2  H  N N 120 
GLY HA3  H  N N 121 
GLY HXT  H  N N 122 
HOH O    O  N N 123 
HOH H1   H  N N 124 
HOH H2   H  N N 125 
ILE N    N  N N 126 
ILE CA   C  N S 127 
ILE C    C  N N 128 
ILE O    O  N N 129 
ILE CB   C  N S 130 
ILE CG1  C  N N 131 
ILE CG2  C  N N 132 
ILE CD1  C  N N 133 
ILE OXT  O  N N 134 
ILE H    H  N N 135 
ILE H2   H  N N 136 
ILE HA   H  N N 137 
ILE HB   H  N N 138 
ILE HG12 H  N N 139 
ILE HG13 H  N N 140 
ILE HG21 H  N N 141 
ILE HG22 H  N N 142 
ILE HG23 H  N N 143 
ILE HD11 H  N N 144 
ILE HD12 H  N N 145 
ILE HD13 H  N N 146 
ILE HXT  H  N N 147 
LEU N    N  N N 148 
LEU CA   C  N S 149 
LEU C    C  N N 150 
LEU O    O  N N 151 
LEU CB   C  N N 152 
LEU CG   C  N N 153 
LEU CD1  C  N N 154 
LEU CD2  C  N N 155 
LEU OXT  O  N N 156 
LEU H    H  N N 157 
LEU H2   H  N N 158 
LEU HA   H  N N 159 
LEU HB2  H  N N 160 
LEU HB3  H  N N 161 
LEU HG   H  N N 162 
LEU HD11 H  N N 163 
LEU HD12 H  N N 164 
LEU HD13 H  N N 165 
LEU HD21 H  N N 166 
LEU HD22 H  N N 167 
LEU HD23 H  N N 168 
LEU HXT  H  N N 169 
LYS N    N  N N 170 
LYS CA   C  N S 171 
LYS C    C  N N 172 
LYS O    O  N N 173 
LYS CB   C  N N 174 
LYS CG   C  N N 175 
LYS CD   C  N N 176 
LYS CE   C  N N 177 
LYS NZ   N  N N 178 
LYS OXT  O  N N 179 
LYS H    H  N N 180 
LYS H2   H  N N 181 
LYS HA   H  N N 182 
LYS HB2  H  N N 183 
LYS HB3  H  N N 184 
LYS HG2  H  N N 185 
LYS HG3  H  N N 186 
LYS HD2  H  N N 187 
LYS HD3  H  N N 188 
LYS HE2  H  N N 189 
LYS HE3  H  N N 190 
LYS HZ1  H  N N 191 
LYS HZ2  H  N N 192 
LYS HZ3  H  N N 193 
LYS HXT  H  N N 194 
MET N    N  N N 195 
MET CA   C  N S 196 
MET C    C  N N 197 
MET O    O  N N 198 
MET CB   C  N N 199 
MET CG   C  N N 200 
MET SD   S  N N 201 
MET CE   C  N N 202 
MET OXT  O  N N 203 
MET H    H  N N 204 
MET H2   H  N N 205 
MET HA   H  N N 206 
MET HB2  H  N N 207 
MET HB3  H  N N 208 
MET HG2  H  N N 209 
MET HG3  H  N N 210 
MET HE1  H  N N 211 
MET HE2  H  N N 212 
MET HE3  H  N N 213 
MET HXT  H  N N 214 
NA  NA   NA N N 215 
PHE N    N  N N 216 
PHE CA   C  N S 217 
PHE C    C  N N 218 
PHE O    O  N N 219 
PHE CB   C  N N 220 
PHE CG   C  Y N 221 
PHE CD1  C  Y N 222 
PHE CD2  C  Y N 223 
PHE CE1  C  Y N 224 
PHE CE2  C  Y N 225 
PHE CZ   C  Y N 226 
PHE OXT  O  N N 227 
PHE H    H  N N 228 
PHE H2   H  N N 229 
PHE HA   H  N N 230 
PHE HB2  H  N N 231 
PHE HB3  H  N N 232 
PHE HD1  H  N N 233 
PHE HD2  H  N N 234 
PHE HE1  H  N N 235 
PHE HE2  H  N N 236 
PHE HZ   H  N N 237 
PHE HXT  H  N N 238 
PRO N    N  N N 239 
PRO CA   C  N S 240 
PRO C    C  N N 241 
PRO O    O  N N 242 
PRO CB   C  N N 243 
PRO CG   C  N N 244 
PRO CD   C  N N 245 
PRO OXT  O  N N 246 
PRO H    H  N N 247 
PRO HA   H  N N 248 
PRO HB2  H  N N 249 
PRO HB3  H  N N 250 
PRO HG2  H  N N 251 
PRO HG3  H  N N 252 
PRO HD2  H  N N 253 
PRO HD3  H  N N 254 
PRO HXT  H  N N 255 
SER N    N  N N 256 
SER CA   C  N S 257 
SER C    C  N N 258 
SER O    O  N N 259 
SER CB   C  N N 260 
SER OG   O  N N 261 
SER OXT  O  N N 262 
SER H    H  N N 263 
SER H2   H  N N 264 
SER HA   H  N N 265 
SER HB2  H  N N 266 
SER HB3  H  N N 267 
SER HG   H  N N 268 
SER HXT  H  N N 269 
SO4 S    S  N N 270 
SO4 O1   O  N N 271 
SO4 O2   O  N N 272 
SO4 O3   O  N N 273 
SO4 O4   O  N N 274 
THR N    N  N N 275 
THR CA   C  N S 276 
THR C    C  N N 277 
THR O    O  N N 278 
THR CB   C  N R 279 
THR OG1  O  N N 280 
THR CG2  C  N N 281 
THR OXT  O  N N 282 
THR H    H  N N 283 
THR H2   H  N N 284 
THR HA   H  N N 285 
THR HB   H  N N 286 
THR HG1  H  N N 287 
THR HG21 H  N N 288 
THR HG22 H  N N 289 
THR HG23 H  N N 290 
THR HXT  H  N N 291 
TYR N    N  N N 292 
TYR CA   C  N S 293 
TYR C    C  N N 294 
TYR O    O  N N 295 
TYR CB   C  N N 296 
TYR CG   C  Y N 297 
TYR CD1  C  Y N 298 
TYR CD2  C  Y N 299 
TYR CE1  C  Y N 300 
TYR CE2  C  Y N 301 
TYR CZ   C  Y N 302 
TYR OH   O  N N 303 
TYR OXT  O  N N 304 
TYR H    H  N N 305 
TYR H2   H  N N 306 
TYR HA   H  N N 307 
TYR HB2  H  N N 308 
TYR HB3  H  N N 309 
TYR HD1  H  N N 310 
TYR HD2  H  N N 311 
TYR HE1  H  N N 312 
TYR HE2  H  N N 313 
TYR HH   H  N N 314 
TYR HXT  H  N N 315 
VAL N    N  N N 316 
VAL CA   C  N S 317 
VAL C    C  N N 318 
VAL O    O  N N 319 
VAL CB   C  N N 320 
VAL CG1  C  N N 321 
VAL CG2  C  N N 322 
VAL OXT  O  N N 323 
VAL H    H  N N 324 
VAL H2   H  N N 325 
VAL HA   H  N N 326 
VAL HB   H  N N 327 
VAL HG11 H  N N 328 
VAL HG12 H  N N 329 
VAL HG13 H  N N 330 
VAL HG21 H  N N 331 
VAL HG22 H  N N 332 
VAL HG23 H  N N 333 
VAL HXT  H  N N 334 
ZN  ZN   ZN N N 335 
# 
loop_
_chem_comp_bond.comp_id 
_chem_comp_bond.atom_id_1 
_chem_comp_bond.atom_id_2 
_chem_comp_bond.value_order 
_chem_comp_bond.pdbx_aromatic_flag 
_chem_comp_bond.pdbx_stereo_config 
_chem_comp_bond.pdbx_ordinal 
ALA N   CA   sing N N 1   
ALA N   H    sing N N 2   
ALA N   H2   sing N N 3   
ALA CA  C    sing N N 4   
ALA CA  CB   sing N N 5   
ALA CA  HA   sing N N 6   
ALA C   O    doub N N 7   
ALA C   OXT  sing N N 8   
ALA CB  HB1  sing N N 9   
ALA CB  HB2  sing N N 10  
ALA CB  HB3  sing N N 11  
ALA OXT HXT  sing N N 12  
ARG N   CA   sing N N 13  
ARG N   H    sing N N 14  
ARG N   H2   sing N N 15  
ARG CA  C    sing N N 16  
ARG CA  CB   sing N N 17  
ARG CA  HA   sing N N 18  
ARG C   O    doub N N 19  
ARG C   OXT  sing N N 20  
ARG CB  CG   sing N N 21  
ARG CB  HB2  sing N N 22  
ARG CB  HB3  sing N N 23  
ARG CG  CD   sing N N 24  
ARG CG  HG2  sing N N 25  
ARG CG  HG3  sing N N 26  
ARG CD  NE   sing N N 27  
ARG CD  HD2  sing N N 28  
ARG CD  HD3  sing N N 29  
ARG NE  CZ   sing N N 30  
ARG NE  HE   sing N N 31  
ARG CZ  NH1  sing N N 32  
ARG CZ  NH2  doub N N 33  
ARG NH1 HH11 sing N N 34  
ARG NH1 HH12 sing N N 35  
ARG NH2 HH21 sing N N 36  
ARG NH2 HH22 sing N N 37  
ARG OXT HXT  sing N N 38  
ASN N   CA   sing N N 39  
ASN N   H    sing N N 40  
ASN N   H2   sing N N 41  
ASN CA  C    sing N N 42  
ASN CA  CB   sing N N 43  
ASN CA  HA   sing N N 44  
ASN C   O    doub N N 45  
ASN C   OXT  sing N N 46  
ASN CB  CG   sing N N 47  
ASN CB  HB2  sing N N 48  
ASN CB  HB3  sing N N 49  
ASN CG  OD1  doub N N 50  
ASN CG  ND2  sing N N 51  
ASN ND2 HD21 sing N N 52  
ASN ND2 HD22 sing N N 53  
ASN OXT HXT  sing N N 54  
ASP N   CA   sing N N 55  
ASP N   H    sing N N 56  
ASP N   H2   sing N N 57  
ASP CA  C    sing N N 58  
ASP CA  CB   sing N N 59  
ASP CA  HA   sing N N 60  
ASP C   O    doub N N 61  
ASP C   OXT  sing N N 62  
ASP CB  CG   sing N N 63  
ASP CB  HB2  sing N N 64  
ASP CB  HB3  sing N N 65  
ASP CG  OD1  doub N N 66  
ASP CG  OD2  sing N N 67  
ASP OD2 HD2  sing N N 68  
ASP OXT HXT  sing N N 69  
GLN N   CA   sing N N 70  
GLN N   H    sing N N 71  
GLN N   H2   sing N N 72  
GLN CA  C    sing N N 73  
GLN CA  CB   sing N N 74  
GLN CA  HA   sing N N 75  
GLN C   O    doub N N 76  
GLN C   OXT  sing N N 77  
GLN CB  CG   sing N N 78  
GLN CB  HB2  sing N N 79  
GLN CB  HB3  sing N N 80  
GLN CG  CD   sing N N 81  
GLN CG  HG2  sing N N 82  
GLN CG  HG3  sing N N 83  
GLN CD  OE1  doub N N 84  
GLN CD  NE2  sing N N 85  
GLN NE2 HE21 sing N N 86  
GLN NE2 HE22 sing N N 87  
GLN OXT HXT  sing N N 88  
GLU N   CA   sing N N 89  
GLU N   H    sing N N 90  
GLU N   H2   sing N N 91  
GLU CA  C    sing N N 92  
GLU CA  CB   sing N N 93  
GLU CA  HA   sing N N 94  
GLU C   O    doub N N 95  
GLU C   OXT  sing N N 96  
GLU CB  CG   sing N N 97  
GLU CB  HB2  sing N N 98  
GLU CB  HB3  sing N N 99  
GLU CG  CD   sing N N 100 
GLU CG  HG2  sing N N 101 
GLU CG  HG3  sing N N 102 
GLU CD  OE1  doub N N 103 
GLU CD  OE2  sing N N 104 
GLU OE2 HE2  sing N N 105 
GLU OXT HXT  sing N N 106 
GLY N   CA   sing N N 107 
GLY N   H    sing N N 108 
GLY N   H2   sing N N 109 
GLY CA  C    sing N N 110 
GLY CA  HA2  sing N N 111 
GLY CA  HA3  sing N N 112 
GLY C   O    doub N N 113 
GLY C   OXT  sing N N 114 
GLY OXT HXT  sing N N 115 
HOH O   H1   sing N N 116 
HOH O   H2   sing N N 117 
ILE N   CA   sing N N 118 
ILE N   H    sing N N 119 
ILE N   H2   sing N N 120 
ILE CA  C    sing N N 121 
ILE CA  CB   sing N N 122 
ILE CA  HA   sing N N 123 
ILE C   O    doub N N 124 
ILE C   OXT  sing N N 125 
ILE CB  CG1  sing N N 126 
ILE CB  CG2  sing N N 127 
ILE CB  HB   sing N N 128 
ILE CG1 CD1  sing N N 129 
ILE CG1 HG12 sing N N 130 
ILE CG1 HG13 sing N N 131 
ILE CG2 HG21 sing N N 132 
ILE CG2 HG22 sing N N 133 
ILE CG2 HG23 sing N N 134 
ILE CD1 HD11 sing N N 135 
ILE CD1 HD12 sing N N 136 
ILE CD1 HD13 sing N N 137 
ILE OXT HXT  sing N N 138 
LEU N   CA   sing N N 139 
LEU N   H    sing N N 140 
LEU N   H2   sing N N 141 
LEU CA  C    sing N N 142 
LEU CA  CB   sing N N 143 
LEU CA  HA   sing N N 144 
LEU C   O    doub N N 145 
LEU C   OXT  sing N N 146 
LEU CB  CG   sing N N 147 
LEU CB  HB2  sing N N 148 
LEU CB  HB3  sing N N 149 
LEU CG  CD1  sing N N 150 
LEU CG  CD2  sing N N 151 
LEU CG  HG   sing N N 152 
LEU CD1 HD11 sing N N 153 
LEU CD1 HD12 sing N N 154 
LEU CD1 HD13 sing N N 155 
LEU CD2 HD21 sing N N 156 
LEU CD2 HD22 sing N N 157 
LEU CD2 HD23 sing N N 158 
LEU OXT HXT  sing N N 159 
LYS N   CA   sing N N 160 
LYS N   H    sing N N 161 
LYS N   H2   sing N N 162 
LYS CA  C    sing N N 163 
LYS CA  CB   sing N N 164 
LYS CA  HA   sing N N 165 
LYS C   O    doub N N 166 
LYS C   OXT  sing N N 167 
LYS CB  CG   sing N N 168 
LYS CB  HB2  sing N N 169 
LYS CB  HB3  sing N N 170 
LYS CG  CD   sing N N 171 
LYS CG  HG2  sing N N 172 
LYS CG  HG3  sing N N 173 
LYS CD  CE   sing N N 174 
LYS CD  HD2  sing N N 175 
LYS CD  HD3  sing N N 176 
LYS CE  NZ   sing N N 177 
LYS CE  HE2  sing N N 178 
LYS CE  HE3  sing N N 179 
LYS NZ  HZ1  sing N N 180 
LYS NZ  HZ2  sing N N 181 
LYS NZ  HZ3  sing N N 182 
LYS OXT HXT  sing N N 183 
MET N   CA   sing N N 184 
MET N   H    sing N N 185 
MET N   H2   sing N N 186 
MET CA  C    sing N N 187 
MET CA  CB   sing N N 188 
MET CA  HA   sing N N 189 
MET C   O    doub N N 190 
MET C   OXT  sing N N 191 
MET CB  CG   sing N N 192 
MET CB  HB2  sing N N 193 
MET CB  HB3  sing N N 194 
MET CG  SD   sing N N 195 
MET CG  HG2  sing N N 196 
MET CG  HG3  sing N N 197 
MET SD  CE   sing N N 198 
MET CE  HE1  sing N N 199 
MET CE  HE2  sing N N 200 
MET CE  HE3  sing N N 201 
MET OXT HXT  sing N N 202 
PHE N   CA   sing N N 203 
PHE N   H    sing N N 204 
PHE N   H2   sing N N 205 
PHE CA  C    sing N N 206 
PHE CA  CB   sing N N 207 
PHE CA  HA   sing N N 208 
PHE C   O    doub N N 209 
PHE C   OXT  sing N N 210 
PHE CB  CG   sing N N 211 
PHE CB  HB2  sing N N 212 
PHE CB  HB3  sing N N 213 
PHE CG  CD1  doub Y N 214 
PHE CG  CD2  sing Y N 215 
PHE CD1 CE1  sing Y N 216 
PHE CD1 HD1  sing N N 217 
PHE CD2 CE2  doub Y N 218 
PHE CD2 HD2  sing N N 219 
PHE CE1 CZ   doub Y N 220 
PHE CE1 HE1  sing N N 221 
PHE CE2 CZ   sing Y N 222 
PHE CE2 HE2  sing N N 223 
PHE CZ  HZ   sing N N 224 
PHE OXT HXT  sing N N 225 
PRO N   CA   sing N N 226 
PRO N   CD   sing N N 227 
PRO N   H    sing N N 228 
PRO CA  C    sing N N 229 
PRO CA  CB   sing N N 230 
PRO CA  HA   sing N N 231 
PRO C   O    doub N N 232 
PRO C   OXT  sing N N 233 
PRO CB  CG   sing N N 234 
PRO CB  HB2  sing N N 235 
PRO CB  HB3  sing N N 236 
PRO CG  CD   sing N N 237 
PRO CG  HG2  sing N N 238 
PRO CG  HG3  sing N N 239 
PRO CD  HD2  sing N N 240 
PRO CD  HD3  sing N N 241 
PRO OXT HXT  sing N N 242 
SER N   CA   sing N N 243 
SER N   H    sing N N 244 
SER N   H2   sing N N 245 
SER CA  C    sing N N 246 
SER CA  CB   sing N N 247 
SER CA  HA   sing N N 248 
SER C   O    doub N N 249 
SER C   OXT  sing N N 250 
SER CB  OG   sing N N 251 
SER CB  HB2  sing N N 252 
SER CB  HB3  sing N N 253 
SER OG  HG   sing N N 254 
SER OXT HXT  sing N N 255 
SO4 S   O1   doub N N 256 
SO4 S   O2   doub N N 257 
SO4 S   O3   sing N N 258 
SO4 S   O4   sing N N 259 
THR N   CA   sing N N 260 
THR N   H    sing N N 261 
THR N   H2   sing N N 262 
THR CA  C    sing N N 263 
THR CA  CB   sing N N 264 
THR CA  HA   sing N N 265 
THR C   O    doub N N 266 
THR C   OXT  sing N N 267 
THR CB  OG1  sing N N 268 
THR CB  CG2  sing N N 269 
THR CB  HB   sing N N 270 
THR OG1 HG1  sing N N 271 
THR CG2 HG21 sing N N 272 
THR CG2 HG22 sing N N 273 
THR CG2 HG23 sing N N 274 
THR OXT HXT  sing N N 275 
TYR N   CA   sing N N 276 
TYR N   H    sing N N 277 
TYR N   H2   sing N N 278 
TYR CA  C    sing N N 279 
TYR CA  CB   sing N N 280 
TYR CA  HA   sing N N 281 
TYR C   O    doub N N 282 
TYR C   OXT  sing N N 283 
TYR CB  CG   sing N N 284 
TYR CB  HB2  sing N N 285 
TYR CB  HB3  sing N N 286 
TYR CG  CD1  doub Y N 287 
TYR CG  CD2  sing Y N 288 
TYR CD1 CE1  sing Y N 289 
TYR CD1 HD1  sing N N 290 
TYR CD2 CE2  doub Y N 291 
TYR CD2 HD2  sing N N 292 
TYR CE1 CZ   doub Y N 293 
TYR CE1 HE1  sing N N 294 
TYR CE2 CZ   sing Y N 295 
TYR CE2 HE2  sing N N 296 
TYR CZ  OH   sing N N 297 
TYR OH  HH   sing N N 298 
TYR OXT HXT  sing N N 299 
VAL N   CA   sing N N 300 
VAL N   H    sing N N 301 
VAL N   H2   sing N N 302 
VAL CA  C    sing N N 303 
VAL CA  CB   sing N N 304 
VAL CA  HA   sing N N 305 
VAL C   O    doub N N 306 
VAL C   OXT  sing N N 307 
VAL CB  CG1  sing N N 308 
VAL CB  CG2  sing N N 309 
VAL CB  HB   sing N N 310 
VAL CG1 HG11 sing N N 311 
VAL CG1 HG12 sing N N 312 
VAL CG1 HG13 sing N N 313 
VAL CG2 HG21 sing N N 314 
VAL CG2 HG22 sing N N 315 
VAL CG2 HG23 sing N N 316 
VAL OXT HXT  sing N N 317 
# 
loop_
_pdbx_entity_nonpoly.entity_id 
_pdbx_entity_nonpoly.name 
_pdbx_entity_nonpoly.comp_id 
2 'ZINC ION'    ZN  
3 'SODIUM ION'  NA  
4 'SULFATE ION' SO4 
5 water         HOH 
# 
_pdbx_initial_refinement_model.id               1 
_pdbx_initial_refinement_model.entity_id_list   ? 
_pdbx_initial_refinement_model.type             'experimental model' 
_pdbx_initial_refinement_model.source_name      PDB 
_pdbx_initial_refinement_model.accession_code   2FAE 
_pdbx_initial_refinement_model.details          'PDB entry 2FAE' 
# 
